data_8BHM
#
_entry.id   8BHM
#
_cell.length_a   1.00
_cell.length_b   1.00
_cell.length_c   1.00
_cell.angle_alpha   90.00
_cell.angle_beta   90.00
_cell.angle_gamma   90.00
#
_symmetry.space_group_name_H-M   'P 1'
#
loop_
_entity.id
_entity.type
_entity.pdbx_description
1 polymer 'Gamma-aminobutyric acid receptor subunit alpha-5'
2 non-polymer 2-acetamido-2-deoxy-beta-D-glucopyranose
3 non-polymer 'methyl 4-ethyl-6,7-dimethoxy-9H-pyrido[3,4-b]indole-3-carboxylate'
#
_entity_poly.entity_id   1
_entity_poly.type   'polypeptide(L)'
_entity_poly.pdbx_seq_one_letter_code
;QMPTSSVKDETNDNITIFTRILDGLLDGYDNRLRPGLGERITQVRTDMYVNSFGPVSDTEMEYTIDIFFAQTWKDERLRF
KGPMQRLPLNNLLASKIWTPDTFFHNGKKSFAHWMTTPNRMLRIWNDGRVLYTLRLTISAECPMDLEDFPMDEQNCPLKF
GSYAYPNSEVVYVWTNGSTKSVVVAEDGSRLNQYHLMGQTVGTENISTSTGEYTIMTAHFHLKRKIGYFVIQTYLPCIMT
VILSQVSFWLNRESVAARTVFGVTTVLTMTTLSISARNSLPKVAYATAMDWFIAVCYAFVFSALLEFAFVNYITKSQPAR
AAKIDKMSRIVFPILFGTFNLVYWATYLNGTTETSQVAPA
;
_entity_poly.pdbx_strand_id   A,B,C,D,E
#
# COMPACT_ATOMS: atom_id res chain seq x y z
N ASN A 14 17.68 14.19 50.67
CA ASN A 14 18.74 13.66 49.82
C ASN A 14 18.38 13.78 48.35
N ILE A 15 17.08 13.79 48.05
CA ILE A 15 16.59 13.90 46.68
C ILE A 15 16.24 15.35 46.38
N THR A 16 15.87 16.10 47.42
CA THR A 16 15.50 17.51 47.22
C THR A 16 16.67 18.34 46.70
N ILE A 17 17.90 17.89 46.94
CA ILE A 17 19.06 18.64 46.44
C ILE A 17 19.05 18.69 44.92
N PHE A 18 18.71 17.57 44.28
CA PHE A 18 18.68 17.54 42.82
C PHE A 18 17.64 18.50 42.27
N THR A 19 16.48 18.58 42.93
CA THR A 19 15.42 19.47 42.44
C THR A 19 15.89 20.92 42.44
N ARG A 20 16.57 21.34 43.50
CA ARG A 20 17.06 22.72 43.56
C ARG A 20 18.06 23.00 42.45
N ILE A 21 18.95 22.04 42.17
CA ILE A 21 19.94 22.24 41.11
C ILE A 21 19.26 22.45 39.76
N LEU A 22 18.27 21.61 39.46
CA LEU A 22 17.56 21.74 38.18
C LEU A 22 16.87 23.09 38.08
N ASP A 23 16.23 23.53 39.16
CA ASP A 23 15.55 24.83 39.14
C ASP A 23 16.54 25.96 38.91
N GLY A 24 17.70 25.89 39.55
CA GLY A 24 18.69 26.95 39.38
C GLY A 24 19.19 27.07 37.95
N LEU A 25 19.44 25.94 37.31
CA LEU A 25 19.92 25.98 35.93
C LEU A 25 18.88 26.60 35.00
N LEU A 26 17.62 26.25 35.18
CA LEU A 26 16.55 26.79 34.34
C LEU A 26 16.24 28.25 34.67
N ASP A 27 16.72 28.77 35.80
CA ASP A 27 16.47 30.14 36.18
C ASP A 27 17.36 31.07 35.36
N GLY A 28 16.75 31.91 34.53
CA GLY A 28 17.49 32.81 33.68
C GLY A 28 18.12 32.17 32.47
N TYR A 29 17.71 30.96 32.11
CA TYR A 29 18.25 30.26 30.95
C TYR A 29 17.27 30.36 29.79
N ASP A 30 17.77 30.82 28.64
CA ASP A 30 16.97 30.95 27.43
C ASP A 30 17.35 29.84 26.46
N ASN A 31 16.35 29.08 26.03
CA ASN A 31 16.59 27.98 25.10
C ASN A 31 16.64 28.43 23.64
N ARG A 32 16.35 29.70 23.37
CA ARG A 32 16.37 30.22 22.01
C ARG A 32 17.74 30.71 21.57
N LEU A 33 18.72 30.70 22.47
CA LEU A 33 20.08 31.17 22.17
C LEU A 33 21.05 30.03 22.34
N ARG A 34 21.91 29.83 21.33
CA ARG A 34 22.90 28.77 21.41
C ARG A 34 23.98 29.11 22.44
N PRO A 35 24.62 28.11 23.02
CA PRO A 35 25.69 28.39 23.99
C PRO A 35 26.86 29.09 23.33
N GLY A 36 27.50 29.97 24.10
CA GLY A 36 28.65 30.70 23.59
C GLY A 36 28.32 31.58 22.40
N LEU A 37 27.16 32.23 22.43
CA LEU A 37 26.77 33.11 21.34
C LEU A 37 27.57 34.40 21.38
N GLY A 38 28.13 34.79 20.23
CA GLY A 38 28.90 36.01 20.14
C GLY A 38 30.21 35.97 20.89
N GLU A 39 30.67 34.80 21.31
CA GLU A 39 31.93 34.68 22.04
C GLU A 39 32.84 33.63 21.40
N ARG A 40 32.24 32.63 20.76
CA ARG A 40 33.00 31.56 20.13
C ARG A 40 32.05 30.81 19.18
N ILE A 41 32.53 29.71 18.63
CA ILE A 41 31.77 28.87 17.71
C ILE A 41 31.43 27.57 18.43
N THR A 42 30.15 27.24 18.47
CA THR A 42 29.71 26.01 19.13
C THR A 42 30.24 24.80 18.39
N GLN A 43 30.77 23.83 19.14
CA GLN A 43 31.32 22.60 18.59
C GLN A 43 30.47 21.43 19.06
N VAL A 44 30.06 20.58 18.13
CA VAL A 44 29.20 19.44 18.39
C VAL A 44 29.90 18.17 17.93
N ARG A 45 29.94 17.17 18.81
CA ARG A 45 30.48 15.85 18.48
C ARG A 45 29.34 14.87 18.29
N THR A 46 29.34 14.18 17.16
CA THR A 46 28.26 13.28 16.79
C THR A 46 28.76 11.85 16.73
N ASP A 47 28.04 10.95 17.41
CA ASP A 47 28.31 9.52 17.37
C ASP A 47 27.01 8.79 17.10
N MET A 48 27.07 7.78 16.25
CA MET A 48 25.88 7.07 15.77
C MET A 48 25.99 5.58 16.09
N TYR A 49 24.87 5.00 16.52
CA TYR A 49 24.76 3.57 16.76
C TYR A 49 23.57 3.05 15.95
N VAL A 50 23.80 2.05 15.11
CA VAL A 50 22.79 1.52 14.21
C VAL A 50 22.13 0.33 14.89
N ASN A 51 20.90 0.53 15.37
CA ASN A 51 20.16 -0.56 15.99
C ASN A 51 19.86 -1.67 14.99
N SER A 52 19.43 -1.30 13.79
CA SER A 52 19.08 -2.27 12.76
C SER A 52 19.02 -1.58 11.42
N PHE A 53 19.75 -2.11 10.44
CA PHE A 53 19.75 -1.59 9.08
C PHE A 53 18.58 -2.23 8.34
N GLY A 54 17.47 -1.49 8.24
CA GLY A 54 16.25 -2.00 7.67
C GLY A 54 16.41 -2.44 6.22
N PRO A 55 15.33 -2.93 5.62
CA PRO A 55 15.41 -3.41 4.24
C PRO A 55 15.75 -2.28 3.28
N VAL A 56 16.44 -2.64 2.20
CA VAL A 56 16.85 -1.68 1.18
C VAL A 56 15.94 -1.92 -0.03
N SER A 57 14.86 -1.14 -0.09
CA SER A 57 13.95 -1.24 -1.23
C SER A 57 14.66 -0.79 -2.50
N ASP A 58 14.54 -1.59 -3.56
CA ASP A 58 15.20 -1.28 -4.82
C ASP A 58 14.34 -0.43 -5.74
N THR A 59 13.05 -0.74 -5.85
CA THR A 59 12.19 -0.04 -6.79
C THR A 59 12.12 1.45 -6.48
N GLU A 60 11.99 1.81 -5.20
CA GLU A 60 11.83 3.19 -4.80
C GLU A 60 13.14 3.87 -4.42
N MET A 61 14.27 3.17 -4.56
CA MET A 61 15.59 3.75 -4.27
C MET A 61 15.63 4.30 -2.84
N GLU A 62 15.07 3.55 -1.90
CA GLU A 62 14.99 3.95 -0.51
C GLU A 62 15.44 2.81 0.40
N TYR A 63 15.99 3.17 1.55
CA TYR A 63 16.38 2.21 2.57
C TYR A 63 15.99 2.76 3.93
N THR A 64 15.60 1.84 4.82
CA THR A 64 15.18 2.19 6.17
C THR A 64 16.28 1.83 7.15
N ILE A 65 16.61 2.76 8.05
CA ILE A 65 17.65 2.55 9.05
C ILE A 65 17.17 3.12 10.37
N ASP A 66 17.41 2.37 11.45
CA ASP A 66 17.09 2.81 12.80
C ASP A 66 18.41 3.01 13.55
N ILE A 67 18.62 4.21 14.07
CA ILE A 67 19.87 4.57 14.72
C ILE A 67 19.58 5.31 16.02
N PHE A 68 20.56 5.27 16.93
CA PHE A 68 20.53 6.06 18.15
C PHE A 68 21.47 7.25 17.95
N PHE A 69 20.95 8.28 17.28
CA PHE A 69 21.74 9.46 17.00
C PHE A 69 22.08 10.19 18.29
N ALA A 70 23.35 10.53 18.47
CA ALA A 70 23.84 11.16 19.69
C ALA A 70 24.63 12.40 19.34
N GLN A 71 24.45 13.45 20.14
CA GLN A 71 25.16 14.72 19.97
C GLN A 71 25.69 15.18 21.32
N THR A 72 26.90 15.74 21.30
CA THR A 72 27.55 16.24 22.50
C THR A 72 28.06 17.65 22.25
N TRP A 73 27.86 18.53 23.22
CA TRP A 73 28.31 19.91 23.10
C TRP A 73 28.54 20.47 24.50
N LYS A 74 29.24 21.61 24.55
CA LYS A 74 29.61 22.25 25.80
C LYS A 74 28.73 23.47 26.03
N ASP A 75 28.17 23.59 27.23
CA ASP A 75 27.31 24.70 27.60
C ASP A 75 27.70 25.16 29.00
N GLU A 76 28.30 26.34 29.09
CA GLU A 76 28.72 26.87 30.38
C GLU A 76 27.55 27.30 31.25
N ARG A 77 26.40 27.60 30.65
CA ARG A 77 25.25 28.03 31.44
C ARG A 77 24.69 26.93 32.32
N LEU A 78 25.04 25.67 32.04
CA LEU A 78 24.52 24.53 32.80
C LEU A 78 25.50 24.03 33.85
N ARG A 79 26.58 24.76 34.10
CA ARG A 79 27.55 24.35 35.12
C ARG A 79 26.87 24.29 36.48
N PHE A 80 27.23 23.27 37.27
CA PHE A 80 26.65 23.08 38.58
C PHE A 80 27.66 22.37 39.47
N LYS A 81 27.44 22.48 40.78
CA LYS A 81 28.26 21.82 41.78
C LYS A 81 27.36 21.02 42.71
N GLY A 82 27.72 19.76 42.94
CA GLY A 82 26.94 18.89 43.80
C GLY A 82 27.63 17.56 44.05
N PRO A 83 27.07 16.77 44.96
CA PRO A 83 27.68 15.48 45.27
C PRO A 83 27.77 14.53 44.08
N MET A 84 26.79 14.59 43.17
CA MET A 84 26.74 13.71 42.01
C MET A 84 27.37 14.40 40.82
N GLN A 85 28.25 13.69 40.12
CA GLN A 85 28.97 14.26 38.99
C GLN A 85 28.20 14.20 37.68
N ARG A 86 27.03 13.56 37.67
CA ARG A 86 26.23 13.45 36.46
C ARG A 86 24.76 13.56 36.84
N LEU A 87 23.94 13.97 35.85
CA LEU A 87 22.51 14.18 36.05
C LEU A 87 21.75 13.45 34.95
N PRO A 88 21.59 12.14 35.06
CA PRO A 88 20.74 11.42 34.11
C PRO A 88 19.31 11.96 34.15
N LEU A 89 18.70 12.06 32.97
CA LEU A 89 17.37 12.64 32.84
C LEU A 89 16.65 11.95 31.68
N ASN A 90 15.54 12.53 31.25
CA ASN A 90 14.72 11.98 30.18
C ASN A 90 14.23 13.15 29.31
N ASN A 91 13.25 12.87 28.45
CA ASN A 91 12.76 13.85 27.49
C ASN A 91 12.10 15.05 28.16
N LEU A 92 11.76 14.97 29.45
CA LEU A 92 11.04 16.06 30.09
C LEU A 92 11.83 17.36 30.03
N LEU A 93 13.13 17.30 30.29
CA LEU A 93 13.99 18.48 30.26
C LEU A 93 14.61 18.74 28.90
N ALA A 94 14.38 17.87 27.92
CA ALA A 94 14.99 18.05 26.61
C ALA A 94 14.53 19.35 25.95
N SER A 95 13.23 19.65 26.04
CA SER A 95 12.68 20.83 25.40
C SER A 95 12.92 22.11 26.20
N LYS A 96 13.35 21.99 27.45
CA LYS A 96 13.55 23.17 28.30
C LYS A 96 14.88 23.87 28.05
N ILE A 97 15.78 23.27 27.25
CA ILE A 97 17.08 23.83 26.98
C ILE A 97 17.29 23.90 25.47
N TRP A 98 18.43 24.47 25.07
CA TRP A 98 18.76 24.62 23.66
C TRP A 98 19.36 23.32 23.12
N THR A 99 18.93 22.94 21.93
CA THR A 99 19.46 21.77 21.24
C THR A 99 19.69 22.12 19.79
N PRO A 100 20.65 21.47 19.13
CA PRO A 100 20.90 21.77 17.71
C PRO A 100 19.72 21.36 16.84
N ASP A 101 19.55 22.10 15.75
CA ASP A 101 18.47 21.83 14.79
C ASP A 101 18.95 20.91 13.68
N THR A 102 19.50 19.76 14.07
CA THR A 102 20.02 18.80 13.09
C THR A 102 18.89 18.22 12.27
N PHE A 103 19.18 17.97 10.99
CA PHE A 103 18.21 17.37 10.08
C PHE A 103 18.97 16.56 9.03
N PHE A 104 18.26 15.64 8.39
CA PHE A 104 18.82 14.75 7.39
C PHE A 104 18.43 15.25 6.00
N HIS A 105 19.43 15.52 5.16
CA HIS A 105 19.15 16.03 3.82
C HIS A 105 18.44 14.99 2.97
N ASN A 106 18.95 13.76 2.97
CA ASN A 106 18.41 12.71 2.12
C ASN A 106 17.23 11.98 2.76
N GLY A 107 16.87 12.31 4.00
CA GLY A 107 15.73 11.68 4.64
C GLY A 107 14.43 12.14 4.03
N LYS A 108 13.76 11.25 3.30
CA LYS A 108 12.49 11.62 2.67
C LYS A 108 11.37 11.71 3.70
N LYS A 109 11.39 10.83 4.71
CA LYS A 109 10.35 10.84 5.73
C LYS A 109 10.93 10.20 6.99
N SER A 110 11.17 11.02 8.01
CA SER A 110 11.75 10.55 9.27
C SER A 110 10.74 10.74 10.39
N PHE A 111 10.56 9.70 11.19
CA PHE A 111 9.65 9.74 12.33
C PHE A 111 10.36 9.16 13.55
N ALA A 112 9.95 9.65 14.73
CA ALA A 112 10.54 9.22 15.98
C ALA A 112 9.71 8.10 16.60
N HIS A 113 10.18 7.59 17.73
CA HIS A 113 9.48 6.57 18.50
C HIS A 113 9.04 7.18 19.83
N TRP A 114 7.75 7.11 20.11
CA TRP A 114 7.17 7.74 21.28
C TRP A 114 6.71 6.75 22.34
N MET A 115 6.76 5.45 22.05
CA MET A 115 6.31 4.43 22.97
C MET A 115 7.49 3.61 23.46
N THR A 116 7.51 3.28 24.76
CA THR A 116 6.51 3.62 25.77
C THR A 116 6.62 5.10 26.14
N THR A 117 7.84 5.63 26.07
CA THR A 117 8.13 7.02 26.34
C THR A 117 9.01 7.57 25.23
N PRO A 118 8.88 8.86 24.88
CA PRO A 118 9.78 9.44 23.90
C PRO A 118 11.23 9.10 24.17
N ASN A 119 11.86 8.39 23.24
CA ASN A 119 13.21 7.84 23.44
C ASN A 119 14.23 8.97 23.30
N ARG A 120 14.45 9.67 24.42
CA ARG A 120 15.42 10.74 24.49
C ARG A 120 16.08 10.72 25.87
N MET A 121 17.38 10.97 25.90
CA MET A 121 18.15 11.03 27.13
C MET A 121 18.95 12.31 27.18
N LEU A 122 19.11 12.84 28.38
CA LEU A 122 19.86 14.07 28.59
C LEU A 122 20.75 13.89 29.82
N ARG A 123 22.05 13.99 29.63
CA ARG A 123 23.02 13.87 30.71
C ARG A 123 23.89 15.11 30.76
N ILE A 124 24.09 15.63 31.96
CA ILE A 124 24.82 16.87 32.18
C ILE A 124 25.88 16.63 33.25
N TRP A 125 27.09 17.12 33.01
CA TRP A 125 28.20 17.01 33.95
C TRP A 125 28.47 18.37 34.60
N ASN A 126 29.37 18.35 35.58
CA ASN A 126 29.67 19.57 36.32
C ASN A 126 30.26 20.64 35.42
N ASP A 127 31.16 20.24 34.52
CA ASP A 127 31.80 21.21 33.63
C ASP A 127 30.82 21.86 32.67
N GLY A 128 29.63 21.29 32.52
CA GLY A 128 28.63 21.81 31.61
C GLY A 128 28.48 21.05 30.32
N ARG A 129 29.25 19.98 30.13
CA ARG A 129 29.09 19.15 28.93
C ARG A 129 27.72 18.50 28.92
N VAL A 130 27.11 18.43 27.74
CA VAL A 130 25.75 17.93 27.58
C VAL A 130 25.78 16.79 26.57
N LEU A 131 25.12 15.69 26.91
CA LEU A 131 24.94 14.56 26.01
C LEU A 131 23.46 14.41 25.70
N TYR A 132 23.12 14.41 24.42
CA TYR A 132 21.73 14.33 23.96
C TYR A 132 21.65 13.30 22.84
N THR A 133 20.93 12.22 23.09
CA THR A 133 20.77 11.13 22.13
C THR A 133 19.30 10.94 21.79
N LEU A 134 19.02 10.63 20.53
CA LEU A 134 17.66 10.48 20.04
C LEU A 134 17.59 9.24 19.15
N ARG A 135 16.47 8.53 19.24
CA ARG A 135 16.21 7.38 18.38
C ARG A 135 15.38 7.83 17.18
N LEU A 136 15.84 7.45 15.99
CA LEU A 136 15.19 7.88 14.75
C LEU A 136 15.07 6.70 13.79
N THR A 137 14.06 6.79 12.93
CA THR A 137 13.88 5.86 11.82
C THR A 137 13.84 6.69 10.54
N ILE A 138 14.83 6.51 9.68
CA ILE A 138 15.03 7.36 8.51
C ILE A 138 14.76 6.53 7.27
N SER A 139 13.83 6.99 6.44
CA SER A 139 13.56 6.40 5.13
C SER A 139 14.31 7.16 4.05
N ALA A 140 15.64 7.14 4.15
CA ALA A 140 16.49 7.91 3.27
C ALA A 140 16.47 7.34 1.86
N GLU A 141 16.93 8.15 0.91
CA GLU A 141 17.01 7.77 -0.50
C GLU A 141 18.45 7.43 -0.85
N CYS A 142 18.63 6.31 -1.53
CA CYS A 142 19.96 5.81 -1.91
C CYS A 142 19.97 5.57 -3.41
N PRO A 143 20.28 6.59 -4.22
CA PRO A 143 20.38 6.36 -5.66
C PRO A 143 21.44 5.32 -5.98
N MET A 144 21.14 4.47 -6.97
CA MET A 144 22.01 3.36 -7.33
C MET A 144 22.24 3.37 -8.84
N ASP A 145 23.48 3.09 -9.24
CA ASP A 145 23.84 2.95 -10.65
C ASP A 145 23.90 1.45 -10.94
N LEU A 146 22.82 0.94 -11.52
CA LEU A 146 22.70 -0.50 -11.78
C LEU A 146 23.28 -0.89 -13.13
N GLU A 147 24.53 -0.48 -13.38
CA GLU A 147 25.22 -0.86 -14.60
C GLU A 147 25.71 -2.30 -14.53
N ASP A 148 26.18 -2.74 -13.37
CA ASP A 148 26.68 -4.09 -13.18
C ASP A 148 25.70 -4.98 -12.43
N PHE A 149 24.44 -4.57 -12.32
CA PHE A 149 23.46 -5.36 -11.59
C PHE A 149 23.33 -6.74 -12.22
N PRO A 150 23.25 -7.81 -11.42
CA PRO A 150 23.27 -7.86 -9.95
C PRO A 150 24.66 -7.87 -9.35
N MET A 151 25.72 -7.83 -10.17
CA MET A 151 27.09 -7.78 -9.66
C MET A 151 27.52 -6.33 -9.45
N ASP A 152 26.77 -5.64 -8.59
CA ASP A 152 26.98 -4.21 -8.33
C ASP A 152 27.16 -3.97 -6.84
N GLU A 153 27.99 -2.98 -6.53
CA GLU A 153 28.24 -2.54 -5.16
C GLU A 153 27.67 -1.15 -4.97
N GLN A 154 26.88 -0.97 -3.92
CA GLN A 154 26.17 0.28 -3.66
C GLN A 154 26.73 0.94 -2.42
N ASN A 155 26.85 2.27 -2.47
CA ASN A 155 27.38 3.08 -1.36
C ASN A 155 26.30 4.07 -0.96
N CYS A 156 25.42 3.67 -0.06
CA CYS A 156 24.33 4.52 0.38
C CYS A 156 24.84 5.55 1.39
N PRO A 157 24.72 6.85 1.12
CA PRO A 157 25.19 7.85 2.08
C PRO A 157 24.13 8.22 3.11
N LEU A 158 24.51 9.08 4.06
CA LEU A 158 23.56 9.59 5.06
C LEU A 158 24.05 10.98 5.46
N LYS A 159 23.41 12.01 4.90
CA LYS A 159 23.82 13.39 5.08
C LYS A 159 22.92 14.08 6.09
N PHE A 160 23.53 14.82 7.01
CA PHE A 160 22.78 15.57 8.00
C PHE A 160 23.59 16.79 8.41
N GLY A 161 22.89 17.78 8.96
CA GLY A 161 23.54 19.01 9.39
C GLY A 161 22.53 19.96 9.98
N SER A 162 23.04 21.10 10.43
CA SER A 162 22.20 22.12 11.04
C SER A 162 21.32 22.79 9.99
N TYR A 163 20.13 23.18 10.41
CA TYR A 163 19.17 23.84 9.51
C TYR A 163 19.22 25.36 9.60
N ALA A 164 19.60 25.92 10.74
CA ALA A 164 19.58 27.37 10.95
C ALA A 164 20.93 27.96 11.31
N TYR A 165 21.88 27.16 11.80
CA TYR A 165 23.16 27.69 12.24
C TYR A 165 24.22 27.41 11.18
N PRO A 166 24.78 28.43 10.52
CA PRO A 166 25.81 28.16 9.51
C PRO A 166 27.09 27.59 10.08
N ASN A 167 28.07 27.33 9.21
CA ASN A 167 29.33 26.77 9.66
C ASN A 167 30.06 27.71 10.62
N SER A 168 29.79 29.01 10.52
CA SER A 168 30.45 29.99 11.38
C SER A 168 29.94 29.97 12.80
N GLU A 169 28.83 29.28 13.08
CA GLU A 169 28.25 29.24 14.41
C GLU A 169 28.25 27.84 15.01
N VAL A 170 27.80 26.83 14.25
CA VAL A 170 27.73 25.45 14.72
C VAL A 170 28.51 24.58 13.75
N VAL A 171 29.39 23.74 14.30
CA VAL A 171 30.23 22.84 13.51
C VAL A 171 30.05 21.42 14.04
N TYR A 172 29.85 20.47 13.14
CA TYR A 172 29.72 19.06 13.49
C TYR A 172 31.00 18.34 13.14
N VAL A 173 31.50 17.54 14.09
CA VAL A 173 32.72 16.76 13.89
C VAL A 173 32.50 15.38 14.50
N TRP A 174 32.99 14.35 13.79
CA TRP A 174 32.92 13.00 14.32
C TRP A 174 33.88 12.85 15.50
N THR A 175 33.56 11.92 16.40
CA THR A 175 34.33 11.71 17.62
C THR A 175 35.31 10.56 17.41
N ASN A 176 36.56 10.78 17.77
CA ASN A 176 37.60 9.75 17.67
C ASN A 176 37.67 9.28 16.21
N GLY A 177 37.98 8.01 15.99
CA GLY A 177 38.09 7.47 14.65
C GLY A 177 36.75 7.08 14.07
N SER A 178 36.81 6.57 12.83
CA SER A 178 35.59 6.16 12.14
C SER A 178 34.91 5.00 12.85
N THR A 179 35.70 4.07 13.39
CA THR A 179 35.11 2.89 14.04
C THR A 179 34.23 3.28 15.21
N LYS A 180 34.71 4.20 16.05
CA LYS A 180 33.92 4.64 17.20
C LYS A 180 32.79 5.56 16.79
N SER A 181 32.96 6.32 15.71
CA SER A 181 31.92 7.25 15.29
C SER A 181 30.63 6.53 14.93
N VAL A 182 30.74 5.41 14.20
CA VAL A 182 29.59 4.64 13.76
C VAL A 182 29.73 3.22 14.29
N VAL A 183 28.68 2.73 14.93
CA VAL A 183 28.64 1.38 15.49
C VAL A 183 27.38 0.69 14.99
N VAL A 184 27.53 -0.55 14.54
CA VAL A 184 26.42 -1.34 14.00
C VAL A 184 26.27 -2.59 14.85
N ALA A 185 25.04 -2.86 15.28
CA ALA A 185 24.77 -4.05 16.08
C ALA A 185 25.02 -5.31 15.27
N GLU A 186 25.39 -6.38 15.97
CA GLU A 186 25.71 -7.64 15.29
C GLU A 186 24.49 -8.16 14.54
N ASP A 187 23.32 -8.14 15.18
CA ASP A 187 22.08 -8.59 14.55
C ASP A 187 21.41 -7.50 13.73
N GLY A 188 21.85 -6.24 13.86
CA GLY A 188 21.23 -5.17 13.10
C GLY A 188 21.46 -5.29 11.60
N SER A 189 22.68 -5.66 11.20
CA SER A 189 23.04 -5.76 9.79
C SER A 189 22.59 -7.12 9.27
N ARG A 190 21.31 -7.20 8.91
CA ARG A 190 20.72 -8.42 8.37
C ARG A 190 19.81 -8.02 7.20
N LEU A 191 20.31 -8.19 5.98
CA LEU A 191 19.57 -7.87 4.77
C LEU A 191 19.42 -9.14 3.93
N ASN A 192 18.27 -9.25 3.26
CA ASN A 192 17.98 -10.46 2.50
C ASN A 192 18.82 -10.53 1.23
N GLN A 193 19.21 -9.39 0.66
CA GLN A 193 19.92 -9.37 -0.61
C GLN A 193 21.07 -8.37 -0.60
N TYR A 194 21.71 -8.17 0.55
CA TYR A 194 22.84 -7.26 0.65
C TYR A 194 23.75 -7.69 1.79
N HIS A 195 25.02 -7.27 1.69
CA HIS A 195 26.01 -7.47 2.73
C HIS A 195 26.58 -6.12 3.14
N LEU A 196 26.63 -5.88 4.45
CA LEU A 196 27.16 -4.62 4.98
C LEU A 196 28.67 -4.78 5.16
N MET A 197 29.40 -4.47 4.09
CA MET A 197 30.86 -4.66 4.11
C MET A 197 31.51 -3.76 5.15
N GLY A 198 31.10 -2.51 5.23
CA GLY A 198 31.72 -1.59 6.17
C GLY A 198 31.05 -0.23 6.09
N GLN A 199 31.59 0.70 6.88
CA GLN A 199 31.06 2.05 6.97
C GLN A 199 32.21 3.05 6.91
N THR A 200 31.89 4.25 6.44
CA THR A 200 32.87 5.33 6.38
C THR A 200 32.15 6.65 6.65
N VAL A 201 32.93 7.66 7.05
CA VAL A 201 32.40 8.96 7.40
C VAL A 201 33.23 10.04 6.70
N GLY A 202 32.65 11.22 6.58
CA GLY A 202 33.33 12.34 5.96
C GLY A 202 32.62 13.64 6.26
N THR A 203 33.35 14.74 6.08
CA THR A 203 32.82 16.07 6.32
C THR A 203 33.17 16.99 5.15
N GLU A 204 32.30 17.96 4.90
CA GLU A 204 32.50 18.90 3.80
C GLU A 204 31.68 20.15 4.07
N ASN A 205 32.03 21.22 3.35
CA ASN A 205 31.32 22.49 3.42
C ASN A 205 30.63 22.77 2.11
N ILE A 206 29.44 23.36 2.19
CA ILE A 206 28.68 23.75 1.00
C ILE A 206 28.25 25.20 1.17
N SER A 207 28.41 25.98 0.11
CA SER A 207 28.03 27.39 0.11
C SER A 207 26.64 27.55 -0.49
N THR A 208 25.77 28.26 0.21
CA THR A 208 24.40 28.49 -0.23
C THR A 208 24.06 29.97 -0.04
N SER A 209 22.87 30.34 -0.52
CA SER A 209 22.42 31.72 -0.41
C SER A 209 22.27 32.13 1.05
N THR A 210 21.96 31.19 1.93
CA THR A 210 21.79 31.48 3.35
C THR A 210 23.09 31.35 4.14
N GLY A 211 24.19 31.02 3.50
CA GLY A 211 25.48 30.89 4.15
C GLY A 211 26.06 29.51 3.95
N GLU A 212 27.23 29.31 4.55
CA GLU A 212 27.95 28.04 4.47
C GLU A 212 27.52 27.14 5.63
N TYR A 213 27.20 25.89 5.31
CA TYR A 213 26.77 24.92 6.30
C TYR A 213 27.63 23.66 6.18
N THR A 214 28.14 23.19 7.31
CA THR A 214 28.91 21.96 7.32
C THR A 214 27.99 20.76 7.11
N ILE A 215 28.48 19.77 6.38
CA ILE A 215 27.72 18.57 6.05
C ILE A 215 28.45 17.36 6.61
N MET A 216 27.72 16.53 7.35
CA MET A 216 28.24 15.28 7.88
C MET A 216 27.62 14.13 7.10
N THR A 217 28.46 13.32 6.46
CA THR A 217 28.01 12.24 5.59
C THR A 217 28.58 10.92 6.09
N ALA A 218 27.71 9.92 6.18
CA ALA A 218 28.10 8.56 6.54
C ALA A 218 27.73 7.63 5.39
N HIS A 219 28.70 6.86 4.92
CA HIS A 219 28.53 5.98 3.77
C HIS A 219 28.56 4.53 4.23
N PHE A 220 27.61 3.73 3.75
CA PHE A 220 27.54 2.32 4.05
C PHE A 220 27.86 1.52 2.77
N HIS A 221 28.82 0.62 2.88
CA HIS A 221 29.24 -0.19 1.74
C HIS A 221 28.35 -1.43 1.66
N LEU A 222 27.64 -1.57 0.55
CA LEU A 222 26.72 -2.67 0.33
C LEU A 222 27.22 -3.54 -0.81
N LYS A 223 27.33 -4.84 -0.55
CA LYS A 223 27.72 -5.82 -1.55
C LYS A 223 26.53 -6.77 -1.75
N ARG A 224 25.83 -6.60 -2.88
CA ARG A 224 24.67 -7.43 -3.15
C ARG A 224 25.07 -8.90 -3.21
N LYS A 225 24.30 -9.75 -2.55
CA LYS A 225 24.54 -11.18 -2.54
C LYS A 225 23.73 -11.84 -3.64
N ILE A 226 24.40 -12.65 -4.46
CA ILE A 226 23.75 -13.31 -5.57
C ILE A 226 23.25 -14.67 -5.12
N GLY A 227 22.27 -15.20 -5.85
CA GLY A 227 21.67 -16.47 -5.51
C GLY A 227 20.16 -16.45 -5.69
N TYR A 228 19.54 -15.32 -5.36
CA TYR A 228 18.10 -15.18 -5.59
C TYR A 228 17.80 -15.02 -7.07
N PHE A 229 18.59 -14.22 -7.78
CA PHE A 229 18.37 -14.03 -9.21
C PHE A 229 18.77 -15.28 -10.00
N VAL A 230 19.76 -16.02 -9.51
CA VAL A 230 20.15 -17.26 -10.18
C VAL A 230 18.98 -18.24 -10.21
N ILE A 231 18.30 -18.39 -9.07
CA ILE A 231 17.15 -19.28 -9.00
C ILE A 231 15.91 -18.67 -9.65
N GLN A 232 15.92 -17.35 -9.87
CA GLN A 232 14.75 -16.64 -10.38
C GLN A 232 14.85 -16.33 -11.87
N THR A 233 16.02 -15.88 -12.34
CA THR A 233 16.18 -15.43 -13.71
C THR A 233 17.16 -16.27 -14.51
N TYR A 234 18.38 -16.47 -14.01
CA TYR A 234 19.41 -17.12 -14.80
C TYR A 234 19.07 -18.57 -15.09
N LEU A 235 18.73 -19.33 -14.05
CA LEU A 235 18.48 -20.77 -14.24
C LEU A 235 17.33 -21.02 -15.21
N PRO A 236 16.16 -20.38 -15.09
CA PRO A 236 15.12 -20.58 -16.11
C PRO A 236 15.60 -20.27 -17.51
N CYS A 237 16.41 -19.22 -17.67
CA CYS A 237 16.94 -18.89 -18.98
C CYS A 237 17.91 -19.95 -19.47
N ILE A 238 18.80 -20.42 -18.58
CA ILE A 238 19.80 -21.41 -18.99
C ILE A 238 19.11 -22.70 -19.43
N MET A 239 18.14 -23.17 -18.64
CA MET A 239 17.44 -24.39 -19.01
C MET A 239 16.64 -24.21 -20.28
N THR A 240 16.06 -23.02 -20.47
CA THR A 240 15.30 -22.76 -21.69
C THR A 240 16.18 -22.87 -22.93
N VAL A 241 17.40 -22.34 -22.86
CA VAL A 241 18.32 -22.45 -23.99
C VAL A 241 18.65 -23.92 -24.27
N ILE A 242 18.89 -24.70 -23.21
CA ILE A 242 19.18 -26.12 -23.38
C ILE A 242 17.97 -26.81 -24.02
N LEU A 243 16.77 -26.40 -23.65
CA LEU A 243 15.56 -27.00 -24.22
C LEU A 243 15.51 -26.79 -25.73
N SER A 244 15.87 -25.59 -26.19
CA SER A 244 15.84 -25.31 -27.62
C SER A 244 16.81 -26.21 -28.38
N GLN A 245 18.01 -26.42 -27.82
CA GLN A 245 19.00 -27.24 -28.51
C GLN A 245 18.55 -28.68 -28.70
N VAL A 246 17.54 -29.12 -27.95
CA VAL A 246 17.04 -30.48 -28.11
C VAL A 246 16.47 -30.68 -29.51
N SER A 247 15.93 -29.62 -30.11
CA SER A 247 15.36 -29.74 -31.45
C SER A 247 16.39 -30.18 -32.47
N PHE A 248 17.67 -29.88 -32.22
CA PHE A 248 18.73 -30.28 -33.15
C PHE A 248 18.86 -31.79 -33.25
N TRP A 249 18.37 -32.52 -32.26
CA TRP A 249 18.46 -33.98 -32.25
C TRP A 249 17.23 -34.65 -32.87
N LEU A 250 16.28 -33.88 -33.37
CA LEU A 250 15.08 -34.41 -33.99
C LEU A 250 15.23 -34.42 -35.51
N ASN A 251 14.49 -35.33 -36.15
CA ASN A 251 14.55 -35.45 -37.60
C ASN A 251 13.99 -34.22 -38.28
N ARG A 252 14.54 -33.91 -39.46
CA ARG A 252 14.11 -32.72 -40.19
C ARG A 252 12.63 -32.82 -40.59
N GLU A 253 12.20 -33.99 -41.05
CA GLU A 253 10.83 -34.15 -41.50
C GLU A 253 9.82 -33.86 -40.38
N SER A 254 10.24 -33.97 -39.12
CA SER A 254 9.36 -33.65 -38.00
C SER A 254 9.25 -32.14 -37.86
N VAL A 255 8.62 -31.53 -38.86
CA VAL A 255 8.51 -30.07 -38.90
C VAL A 255 7.70 -29.56 -37.71
N ALA A 256 6.57 -30.21 -37.44
CA ALA A 256 5.71 -29.75 -36.35
C ALA A 256 6.40 -29.90 -35.01
N ALA A 257 7.10 -31.02 -34.79
CA ALA A 257 7.73 -31.26 -33.50
C ALA A 257 8.78 -30.20 -33.18
N ARG A 258 9.64 -29.89 -34.15
CA ARG A 258 10.69 -28.90 -33.93
C ARG A 258 10.13 -27.48 -33.89
N THR A 259 8.97 -27.24 -34.50
CA THR A 259 8.37 -25.91 -34.46
C THR A 259 7.99 -25.54 -33.03
N VAL A 260 7.46 -26.50 -32.27
CA VAL A 260 7.02 -26.21 -30.92
C VAL A 260 8.20 -25.74 -30.06
N PHE A 261 9.34 -26.41 -30.17
CA PHE A 261 10.51 -26.03 -29.38
C PHE A 261 10.92 -24.60 -29.67
N GLY A 262 11.04 -24.24 -30.94
CA GLY A 262 11.48 -22.91 -31.29
C GLY A 262 10.50 -21.84 -30.85
N VAL A 263 9.22 -22.05 -31.13
CA VAL A 263 8.21 -21.05 -30.77
C VAL A 263 8.07 -20.93 -29.26
N THR A 264 7.94 -22.07 -28.58
CA THR A 264 7.73 -22.04 -27.13
C THR A 264 8.92 -21.43 -26.41
N THR A 265 10.14 -21.81 -26.81
CA THR A 265 11.33 -21.31 -26.14
C THR A 265 11.47 -19.80 -26.31
N VAL A 266 11.22 -19.29 -27.52
CA VAL A 266 11.35 -17.87 -27.78
C VAL A 266 10.36 -17.08 -26.92
N LEU A 267 9.11 -17.54 -26.87
CA LEU A 267 8.12 -16.86 -26.04
C LEU A 267 8.47 -16.96 -24.57
N THR A 268 9.01 -18.10 -24.15
CA THR A 268 9.39 -18.28 -22.74
C THR A 268 10.45 -17.25 -22.34
N MET A 269 11.44 -17.02 -23.20
CA MET A 269 12.45 -16.02 -22.90
C MET A 269 11.85 -14.62 -22.85
N THR A 270 10.89 -14.34 -23.74
CA THR A 270 10.29 -13.01 -23.78
C THR A 270 9.59 -12.68 -22.47
N THR A 271 8.82 -13.64 -21.94
CA THR A 271 8.11 -13.39 -20.69
C THR A 271 9.07 -13.30 -19.51
N LEU A 272 10.18 -14.05 -19.55
CA LEU A 272 11.15 -13.97 -18.47
C LEU A 272 11.76 -12.57 -18.37
N SER A 273 12.07 -11.97 -19.51
CA SER A 273 12.62 -10.61 -19.49
C SER A 273 11.64 -9.63 -18.87
N ILE A 274 10.36 -9.74 -19.23
CA ILE A 274 9.35 -8.85 -18.64
C ILE A 274 9.23 -9.13 -17.15
N SER A 275 9.13 -10.41 -16.77
CA SER A 275 8.98 -10.76 -15.36
C SER A 275 10.22 -10.36 -14.56
N ALA A 276 11.40 -10.53 -15.15
CA ALA A 276 12.63 -10.23 -14.42
C ALA A 276 12.70 -8.76 -14.02
N ARG A 277 12.28 -7.87 -14.91
CA ARG A 277 12.38 -6.44 -14.65
C ARG A 277 11.20 -5.90 -13.83
N ASN A 278 10.22 -6.73 -13.51
CA ASN A 278 9.10 -6.27 -12.69
C ASN A 278 9.60 -5.81 -11.31
N SER A 279 10.48 -6.60 -10.70
CA SER A 279 11.08 -6.18 -9.43
C SER A 279 12.17 -5.13 -9.63
N LEU A 280 12.89 -5.20 -10.75
CA LEU A 280 13.96 -4.24 -10.99
C LEU A 280 13.38 -2.84 -11.19
N PRO A 281 14.10 -1.80 -10.75
CA PRO A 281 13.62 -0.45 -10.98
C PRO A 281 13.56 -0.12 -12.47
N LYS A 282 12.62 0.77 -12.83
CA LYS A 282 12.41 1.16 -14.22
C LYS A 282 13.50 2.13 -14.65
N VAL A 283 14.71 1.58 -14.80
CA VAL A 283 15.87 2.35 -15.23
C VAL A 283 15.94 2.34 -16.74
N ALA A 284 16.32 3.49 -17.32
CA ALA A 284 16.38 3.64 -18.77
C ALA A 284 17.76 3.31 -19.33
N TYR A 285 18.28 2.13 -18.96
CA TYR A 285 19.53 1.65 -19.52
C TYR A 285 19.62 0.15 -19.29
N ALA A 286 20.50 -0.49 -20.05
CA ALA A 286 20.65 -1.94 -20.00
C ALA A 286 21.59 -2.34 -18.88
N THR A 287 21.20 -3.38 -18.14
CA THR A 287 22.01 -3.93 -17.06
C THR A 287 22.75 -5.17 -17.54
N ALA A 288 23.65 -5.67 -16.68
CA ALA A 288 24.40 -6.87 -17.03
C ALA A 288 23.47 -8.06 -17.22
N MET A 289 22.46 -8.19 -16.36
CA MET A 289 21.49 -9.27 -16.52
C MET A 289 20.73 -9.15 -17.83
N ASP A 290 20.44 -7.93 -18.25
CA ASP A 290 19.71 -7.72 -19.51
C ASP A 290 20.50 -8.28 -20.69
N TRP A 291 21.81 -8.04 -20.72
CA TRP A 291 22.63 -8.57 -21.79
C TRP A 291 22.62 -10.10 -21.78
N PHE A 292 22.68 -10.70 -20.59
CA PHE A 292 22.64 -12.16 -20.50
C PHE A 292 21.34 -12.71 -21.07
N ILE A 293 20.21 -12.07 -20.73
CA ILE A 293 18.93 -12.50 -21.28
C ILE A 293 18.91 -12.32 -22.79
N ALA A 294 19.42 -11.19 -23.28
CA ALA A 294 19.44 -10.95 -24.71
C ALA A 294 20.26 -12.00 -25.44
N VAL A 295 21.43 -12.35 -24.89
CA VAL A 295 22.26 -13.38 -25.51
C VAL A 295 21.53 -14.71 -25.52
N CYS A 296 20.90 -15.07 -24.40
CA CYS A 296 20.13 -16.31 -24.36
C CYS A 296 18.99 -16.27 -25.37
N TYR A 297 18.37 -15.11 -25.54
CA TYR A 297 17.30 -14.97 -26.53
C TYR A 297 17.84 -15.24 -27.94
N ALA A 298 19.06 -14.78 -28.23
CA ALA A 298 19.63 -15.01 -29.54
C ALA A 298 19.83 -16.50 -29.81
N PHE A 299 20.31 -17.24 -28.82
CA PHE A 299 20.55 -18.67 -29.03
C PHE A 299 19.27 -19.41 -29.38
N VAL A 300 18.20 -19.20 -28.59
CA VAL A 300 16.93 -19.85 -28.88
C VAL A 300 16.38 -19.36 -30.22
N PHE A 301 16.45 -18.05 -30.46
CA PHE A 301 15.98 -17.52 -31.73
C PHE A 301 16.84 -18.03 -32.89
N SER A 302 18.15 -18.10 -32.69
CA SER A 302 19.04 -18.60 -33.73
C SER A 302 18.73 -20.05 -34.07
N ALA A 303 18.41 -20.86 -33.04
CA ALA A 303 18.08 -22.26 -33.29
C ALA A 303 16.87 -22.38 -34.20
N LEU A 304 15.84 -21.57 -33.98
CA LEU A 304 14.68 -21.60 -34.84
C LEU A 304 15.04 -21.22 -36.27
N LEU A 305 15.90 -20.20 -36.43
CA LEU A 305 16.34 -19.81 -37.77
C LEU A 305 17.07 -20.96 -38.45
N GLU A 306 17.92 -21.67 -37.71
CA GLU A 306 18.64 -22.80 -38.29
C GLU A 306 17.67 -23.87 -38.78
N PHE A 307 16.64 -24.17 -38.00
CA PHE A 307 15.65 -25.14 -38.43
C PHE A 307 14.91 -24.67 -39.68
N ALA A 308 14.53 -23.40 -39.72
CA ALA A 308 13.84 -22.88 -40.90
C ALA A 308 14.75 -22.93 -42.12
N PHE A 309 16.01 -22.54 -41.96
CA PHE A 309 16.95 -22.60 -43.09
C PHE A 309 17.16 -24.04 -43.54
N VAL A 310 17.31 -24.96 -42.59
CA VAL A 310 17.51 -26.37 -42.95
C VAL A 310 16.29 -26.90 -43.68
N ASN A 311 15.10 -26.60 -43.16
CA ASN A 311 13.87 -27.07 -43.80
C ASN A 311 13.64 -26.44 -45.17
N TYR A 312 14.24 -25.27 -45.42
CA TYR A 312 14.06 -24.61 -46.71
C TYR A 312 14.87 -25.27 -47.82
N ILE A 313 16.03 -25.84 -47.49
CA ILE A 313 16.92 -26.45 -48.48
C ILE A 313 16.96 -27.96 -48.35
N THR A 314 16.10 -28.54 -47.51
CA THR A 314 16.09 -29.99 -47.34
C THR A 314 15.63 -30.73 -48.59
N LYS A 315 15.02 -30.04 -49.55
CA LYS A 315 14.57 -30.66 -50.78
C LYS A 315 15.58 -30.53 -51.91
N SER A 316 16.23 -29.37 -52.04
CA SER A 316 17.15 -29.15 -53.14
C SER A 316 18.49 -29.86 -52.91
N GLN A 317 19.11 -29.60 -51.76
CA GLN A 317 20.42 -30.17 -51.42
C GLN A 317 20.34 -30.78 -50.04
N PRO A 318 19.74 -31.97 -49.91
CA PRO A 318 19.66 -32.61 -48.58
C PRO A 318 21.02 -32.87 -47.95
N ALA A 319 22.06 -33.08 -48.77
CA ALA A 319 23.37 -33.42 -48.22
C ALA A 319 23.88 -32.33 -47.29
N ARG A 320 23.80 -31.07 -47.71
CA ARG A 320 24.25 -29.98 -46.87
C ARG A 320 23.34 -29.79 -45.66
N ALA A 321 22.04 -30.06 -45.82
CA ALA A 321 21.12 -29.89 -44.70
C ALA A 321 21.48 -30.80 -43.54
N ALA A 322 21.82 -32.06 -43.82
CA ALA A 322 22.20 -32.99 -42.77
C ALA A 322 23.47 -32.52 -42.07
N LYS A 323 24.45 -32.04 -42.83
CA LYS A 323 25.70 -31.59 -42.24
C LYS A 323 25.47 -30.42 -41.29
N ILE A 324 24.64 -29.46 -41.69
CA ILE A 324 24.37 -28.30 -40.84
C ILE A 324 23.71 -28.74 -39.55
N ASP A 325 22.71 -29.63 -39.64
CA ASP A 325 22.02 -30.09 -38.43
C ASP A 325 22.97 -30.82 -37.50
N LYS A 326 23.83 -31.68 -38.05
CA LYS A 326 24.79 -32.39 -37.22
C LYS A 326 25.77 -31.43 -36.57
N MET A 327 26.26 -30.46 -37.34
CA MET A 327 27.22 -29.50 -36.79
C MET A 327 26.57 -28.65 -35.69
N SER A 328 25.31 -28.26 -35.88
CA SER A 328 24.64 -27.41 -34.91
C SER A 328 24.55 -28.09 -33.54
N ARG A 329 24.49 -29.42 -33.51
CA ARG A 329 24.42 -30.13 -32.24
C ARG A 329 25.67 -29.90 -31.38
N ILE A 330 26.79 -29.55 -31.99
CA ILE A 330 28.04 -29.38 -31.27
C ILE A 330 28.38 -27.90 -31.09
N VAL A 331 28.18 -27.09 -32.13
CA VAL A 331 28.57 -25.69 -32.06
C VAL A 331 27.75 -24.95 -30.99
N PHE A 332 26.43 -25.15 -31.00
CA PHE A 332 25.58 -24.38 -30.10
C PHE A 332 25.91 -24.62 -28.63
N PRO A 333 26.00 -25.86 -28.15
CA PRO A 333 26.35 -26.05 -26.73
C PRO A 333 27.69 -25.43 -26.35
N ILE A 334 28.67 -25.48 -27.24
CA ILE A 334 30.00 -24.95 -26.92
C ILE A 334 29.93 -23.43 -26.77
N LEU A 335 29.26 -22.75 -27.70
CA LEU A 335 29.19 -21.29 -27.65
C LEU A 335 28.47 -20.83 -26.39
N PHE A 336 27.36 -21.48 -26.05
CA PHE A 336 26.63 -21.10 -24.85
C PHE A 336 27.47 -21.32 -23.59
N GLY A 337 28.17 -22.44 -23.52
CA GLY A 337 29.05 -22.68 -22.39
C GLY A 337 30.20 -21.71 -22.32
N THR A 338 30.81 -21.43 -23.48
CA THR A 338 31.91 -20.46 -23.52
C THR A 338 31.46 -19.08 -23.09
N PHE A 339 30.27 -18.67 -23.52
CA PHE A 339 29.77 -17.35 -23.15
C PHE A 339 29.60 -17.22 -21.64
N ASN A 340 29.11 -18.27 -20.98
CA ASN A 340 28.89 -18.21 -19.55
C ASN A 340 30.21 -17.98 -18.81
N LEU A 341 31.28 -18.67 -19.22
CA LEU A 341 32.55 -18.50 -18.54
C LEU A 341 33.05 -17.07 -18.65
N VAL A 342 32.94 -16.47 -19.84
CA VAL A 342 33.34 -15.08 -20.00
C VAL A 342 32.44 -14.16 -19.19
N TYR A 343 31.13 -14.40 -19.25
CA TYR A 343 30.19 -13.54 -18.54
C TYR A 343 30.42 -13.60 -17.03
N TRP A 344 30.44 -14.80 -16.45
CA TRP A 344 30.63 -14.93 -15.02
C TRP A 344 32.01 -14.44 -14.59
N ALA A 345 33.04 -14.80 -15.35
CA ALA A 345 34.40 -14.39 -15.00
C ALA A 345 34.55 -12.88 -15.08
N THR A 346 33.94 -12.25 -16.09
CA THR A 346 34.09 -10.82 -16.28
C THR A 346 33.58 -10.04 -15.07
N TYR A 347 32.42 -10.42 -14.54
CA TYR A 347 31.84 -9.72 -13.41
C TYR A 347 32.31 -10.25 -12.07
N LEU A 348 32.52 -11.56 -11.96
CA LEU A 348 32.98 -12.17 -10.72
C LEU A 348 34.51 -12.10 -10.62
N ASN A 349 35.02 -10.87 -10.65
CA ASN A 349 36.45 -10.62 -10.57
C ASN A 349 36.74 -9.13 -10.49
N ASN B 14 -17.24 12.81 51.19
CA ASN B 14 -16.74 11.45 51.08
C ASN B 14 -15.81 11.29 49.88
N ILE B 15 -16.02 12.13 48.87
CA ILE B 15 -15.21 12.09 47.65
C ILE B 15 -14.11 13.14 47.74
N THR B 16 -14.36 14.21 48.49
CA THR B 16 -13.37 15.27 48.63
C THR B 16 -12.10 14.78 49.30
N ILE B 17 -12.17 13.71 50.08
CA ILE B 17 -10.97 13.18 50.73
C ILE B 17 -9.96 12.71 49.69
N PHE B 18 -10.45 12.05 48.64
CA PHE B 18 -9.54 11.58 47.59
C PHE B 18 -8.83 12.74 46.91
N THR B 19 -9.55 13.83 46.65
CA THR B 19 -8.94 14.97 45.99
C THR B 19 -7.78 15.54 46.80
N ARG B 20 -7.96 15.65 48.11
CA ARG B 20 -6.89 16.18 48.95
C ARG B 20 -5.66 15.27 48.91
N ILE B 21 -5.88 13.95 48.92
CA ILE B 21 -4.75 13.02 48.90
C ILE B 21 -3.95 13.20 47.61
N LEU B 22 -4.65 13.29 46.48
CA LEU B 22 -3.95 13.45 45.20
C LEU B 22 -3.15 14.74 45.17
N ASP B 23 -3.74 15.84 45.68
CA ASP B 23 -3.02 17.11 45.69
C ASP B 23 -1.78 17.04 46.57
N GLY B 24 -1.88 16.37 47.72
CA GLY B 24 -0.73 16.26 48.61
C GLY B 24 0.43 15.51 47.97
N LEU B 25 0.14 14.42 47.27
CA LEU B 25 1.20 13.65 46.64
C LEU B 25 1.91 14.47 45.58
N LEU B 26 1.16 15.21 44.76
CA LEU B 26 1.75 16.03 43.73
C LEU B 26 2.46 17.26 44.27
N ASP B 27 2.24 17.60 45.54
CA ASP B 27 2.88 18.77 46.14
C ASP B 27 4.33 18.43 46.47
N GLY B 28 5.26 19.12 45.81
CA GLY B 28 6.67 18.86 46.02
C GLY B 28 7.21 17.63 45.34
N TYR B 29 6.46 17.06 44.40
CA TYR B 29 6.88 15.85 43.69
C TYR B 29 7.40 16.23 42.31
N ASP B 30 8.61 15.77 41.99
CA ASP B 30 9.24 16.04 40.70
C ASP B 30 9.20 14.76 39.88
N ASN B 31 8.64 14.85 38.68
CA ASN B 31 8.54 13.70 37.79
C ASN B 31 9.81 13.47 36.97
N ARG B 32 10.79 14.37 37.06
CA ARG B 32 12.03 14.23 36.32
C ARG B 32 13.08 13.41 37.05
N LEU B 33 12.80 12.99 38.29
CA LEU B 33 13.74 12.23 39.09
C LEU B 33 13.14 10.87 39.41
N ARG B 34 13.91 9.81 39.19
CA ARG B 34 13.43 8.47 39.47
C ARG B 34 13.34 8.25 40.99
N PRO B 35 12.45 7.37 41.44
CA PRO B 35 12.36 7.09 42.87
C PRO B 35 13.64 6.48 43.41
N GLY B 36 13.95 6.81 44.66
CA GLY B 36 15.15 6.28 45.29
C GLY B 36 16.42 6.66 44.58
N LEU B 37 16.50 7.91 44.11
CA LEU B 37 17.71 8.37 43.41
C LEU B 37 18.83 8.60 44.41
N GLY B 38 20.01 8.07 44.10
CA GLY B 38 21.16 8.24 44.97
C GLY B 38 21.07 7.53 46.30
N GLU B 39 20.11 6.61 46.45
CA GLU B 39 19.95 5.89 47.71
C GLU B 39 19.91 4.38 47.46
N ARG B 40 19.43 3.98 46.28
CA ARG B 40 19.32 2.56 45.94
C ARG B 40 19.11 2.47 44.43
N ILE B 41 18.85 1.26 43.95
CA ILE B 41 18.62 0.99 42.54
C ILE B 41 17.15 0.66 42.35
N THR B 42 16.48 1.39 41.45
CA THR B 42 15.07 1.16 41.20
C THR B 42 14.86 -0.22 40.58
N GLN B 43 13.86 -0.94 41.09
CA GLN B 43 13.53 -2.27 40.61
C GLN B 43 12.14 -2.24 39.98
N VAL B 44 12.03 -2.79 38.78
CA VAL B 44 10.78 -2.79 38.02
C VAL B 44 10.41 -4.22 37.69
N ARG B 45 9.16 -4.58 37.95
CA ARG B 45 8.62 -5.88 37.60
C ARG B 45 7.70 -5.74 36.40
N THR B 46 7.94 -6.54 35.36
CA THR B 46 7.23 -6.45 34.11
C THR B 46 6.41 -7.71 33.87
N ASP B 47 5.13 -7.53 33.57
CA ASP B 47 4.23 -8.61 33.20
C ASP B 47 3.49 -8.22 31.92
N MET B 48 3.34 -9.18 31.01
CA MET B 48 2.79 -8.92 29.69
C MET B 48 1.59 -9.81 29.44
N TYR B 49 0.56 -9.23 28.83
CA TYR B 49 -0.63 -9.96 28.40
C TYR B 49 -0.84 -9.69 26.91
N VAL B 50 -0.93 -10.76 26.13
CA VAL B 50 -1.04 -10.65 24.67
C VAL B 50 -2.52 -10.69 24.31
N ASN B 51 -3.06 -9.53 23.93
CA ASN B 51 -4.46 -9.48 23.51
C ASN B 51 -4.67 -10.28 22.23
N SER B 52 -3.77 -10.14 21.26
CA SER B 52 -3.91 -10.83 19.99
C SER B 52 -2.57 -10.80 19.26
N PHE B 53 -2.09 -11.98 18.85
CA PHE B 53 -0.85 -12.10 18.10
C PHE B 53 -1.18 -11.89 16.63
N GLY B 54 -0.94 -10.68 16.13
CA GLY B 54 -1.31 -10.32 14.78
C GLY B 54 -0.63 -11.17 13.73
N PRO B 55 -0.93 -10.91 12.46
CA PRO B 55 -0.34 -11.71 11.38
C PRO B 55 1.17 -11.57 11.33
N VAL B 56 1.83 -12.64 10.91
CA VAL B 56 3.28 -12.68 10.79
C VAL B 56 3.60 -12.57 9.31
N SER B 57 3.86 -11.34 8.85
CA SER B 57 4.25 -11.12 7.47
C SER B 57 5.61 -11.76 7.20
N ASP B 58 5.68 -12.52 6.10
CA ASP B 58 6.91 -13.23 5.76
C ASP B 58 7.83 -12.38 4.89
N THR B 59 7.29 -11.69 3.90
CA THR B 59 8.13 -10.95 2.95
C THR B 59 8.95 -9.87 3.66
N GLU B 60 8.33 -9.15 4.58
CA GLU B 60 8.99 -8.04 5.27
C GLU B 60 9.63 -8.45 6.59
N MET B 61 9.58 -9.72 6.95
CA MET B 61 10.19 -10.20 8.19
C MET B 61 9.68 -9.42 9.40
N GLU B 62 8.36 -9.19 9.42
CA GLU B 62 7.73 -8.42 10.49
C GLU B 62 6.49 -9.15 10.98
N TYR B 63 6.18 -8.94 12.25
CA TYR B 63 4.97 -9.48 12.85
C TYR B 63 4.34 -8.41 13.75
N THR B 64 3.01 -8.40 13.79
CA THR B 64 2.26 -7.45 14.59
C THR B 64 1.71 -8.14 15.82
N ILE B 65 1.88 -7.51 16.97
CA ILE B 65 1.42 -8.05 18.24
C ILE B 65 0.81 -6.91 19.07
N ASP B 66 -0.33 -7.20 19.69
CA ASP B 66 -1.00 -6.25 20.59
C ASP B 66 -0.93 -6.84 22.00
N ILE B 67 -0.36 -6.06 22.93
CA ILE B 67 -0.13 -6.52 24.29
C ILE B 67 -0.55 -5.43 25.27
N PHE B 68 -0.85 -5.86 26.49
CA PHE B 68 -1.09 -4.95 27.60
C PHE B 68 0.15 -4.94 28.48
N PHE B 69 1.13 -4.15 28.07
CA PHE B 69 2.40 -4.09 28.79
C PHE B 69 2.18 -3.45 30.16
N ALA B 70 2.69 -4.09 31.19
CA ALA B 70 2.50 -3.65 32.57
C ALA B 70 3.85 -3.56 33.28
N GLN B 71 4.00 -2.51 34.09
CA GLN B 71 5.21 -2.30 34.86
C GLN B 71 4.83 -1.96 36.30
N THR B 72 5.61 -2.47 37.25
CA THR B 72 5.40 -2.23 38.67
C THR B 72 6.70 -1.81 39.31
N TRP B 73 6.64 -0.80 40.18
CA TRP B 73 7.81 -0.31 40.88
C TRP B 73 7.38 0.34 42.19
N LYS B 74 8.35 0.55 43.06
CA LYS B 74 8.11 1.10 44.40
C LYS B 74 8.55 2.55 44.43
N ASP B 75 7.68 3.41 44.96
CA ASP B 75 7.97 4.85 45.07
C ASP B 75 7.50 5.30 46.44
N GLU B 76 8.45 5.64 47.31
CA GLU B 76 8.12 6.09 48.65
C GLU B 76 7.49 7.47 48.67
N ARG B 77 7.73 8.29 47.65
CA ARG B 77 7.17 9.64 47.62
C ARG B 77 5.66 9.63 47.48
N LEU B 78 5.06 8.52 47.06
CA LEU B 78 3.63 8.43 46.85
C LEU B 78 2.89 7.77 48.01
N ARG B 79 3.58 7.53 49.12
CA ARG B 79 2.93 6.92 50.28
C ARG B 79 1.81 7.81 50.79
N PHE B 80 0.71 7.19 51.18
CA PHE B 80 -0.46 7.93 51.66
C PHE B 80 -1.22 7.06 52.65
N LYS B 81 -2.05 7.71 53.46
CA LYS B 81 -2.90 7.04 54.43
C LYS B 81 -4.33 7.49 54.22
N GLY B 82 -5.26 6.53 54.15
CA GLY B 82 -6.65 6.83 53.95
C GLY B 82 -7.54 5.60 54.08
N PRO B 83 -8.85 5.81 54.07
CA PRO B 83 -9.77 4.67 54.20
C PRO B 83 -9.63 3.65 53.10
N MET B 84 -9.31 4.08 51.88
CA MET B 84 -9.20 3.19 50.73
C MET B 84 -7.74 2.77 50.55
N GLN B 85 -7.52 1.48 50.36
CA GLN B 85 -6.17 0.93 50.25
C GLN B 85 -5.62 1.03 48.83
N ARG B 86 -6.41 1.46 47.86
CA ARG B 86 -5.96 1.57 46.47
C ARG B 86 -6.57 2.81 45.85
N LEU B 87 -5.92 3.31 44.81
CA LEU B 87 -6.34 4.54 44.12
C LEU B 87 -6.37 4.27 42.62
N PRO B 88 -7.41 3.61 42.13
CA PRO B 88 -7.57 3.46 40.67
C PRO B 88 -7.64 4.83 40.00
N LEU B 89 -7.01 4.94 38.83
CA LEU B 89 -6.94 6.21 38.12
C LEU B 89 -6.89 5.91 36.62
N ASN B 90 -6.54 6.93 35.84
CA ASN B 90 -6.49 6.82 34.39
C ASN B 90 -5.27 7.60 33.89
N ASN B 91 -5.22 7.85 32.58
CA ASN B 91 -4.07 8.49 31.97
C ASN B 91 -3.86 9.93 32.45
N LEU B 92 -4.85 10.53 33.09
CA LEU B 92 -4.73 11.94 33.48
C LEU B 92 -3.53 12.16 34.40
N LEU B 93 -3.34 11.27 35.36
CA LEU B 93 -2.23 11.39 36.32
C LEU B 93 -0.98 10.65 35.86
N ALA B 94 -1.03 9.96 34.72
CA ALA B 94 0.13 9.21 34.27
C ALA B 94 1.31 10.12 33.98
N SER B 95 1.07 11.26 33.33
CA SER B 95 2.14 12.18 32.97
C SER B 95 2.59 13.06 34.14
N LYS B 96 1.84 13.09 35.23
CA LYS B 96 2.18 13.94 36.36
C LYS B 96 3.24 13.34 37.27
N ILE B 97 3.62 12.08 37.07
CA ILE B 97 4.59 11.40 37.92
C ILE B 97 5.68 10.81 37.02
N TRP B 98 6.67 10.21 37.67
CA TRP B 98 7.78 9.60 36.95
C TRP B 98 7.42 8.20 36.50
N THR B 99 7.78 7.87 35.26
CA THR B 99 7.57 6.55 34.70
C THR B 99 8.82 6.12 33.96
N PRO B 100 9.09 4.83 33.88
CA PRO B 100 10.29 4.37 33.16
C PRO B 100 10.21 4.67 31.68
N ASP B 101 11.37 4.89 31.08
CA ASP B 101 11.47 5.17 29.65
C ASP B 101 11.68 3.88 28.85
N THR B 102 10.80 2.92 29.05
CA THR B 102 10.92 1.64 28.36
C THR B 102 10.69 1.80 26.87
N PHE B 103 11.43 1.04 26.07
CA PHE B 103 11.29 1.05 24.63
C PHE B 103 11.63 -0.33 24.10
N PHE B 104 11.18 -0.60 22.87
CA PHE B 104 11.39 -1.89 22.22
C PHE B 104 12.51 -1.75 21.19
N HIS B 105 13.55 -2.57 21.33
CA HIS B 105 14.68 -2.49 20.41
C HIS B 105 14.29 -2.92 19.01
N ASN B 106 13.58 -4.04 18.89
CA ASN B 106 13.22 -4.59 17.58
C ASN B 106 11.93 -3.98 17.02
N GLY B 107 11.26 -3.13 17.78
CA GLY B 107 10.05 -2.48 17.28
C GLY B 107 10.36 -1.46 16.20
N LYS B 108 10.01 -1.78 14.96
CA LYS B 108 10.28 -0.85 13.87
C LYS B 108 9.33 0.35 13.90
N LYS B 109 8.08 0.12 14.28
CA LYS B 109 7.10 1.21 14.34
C LYS B 109 6.03 0.81 15.34
N SER B 110 6.01 1.47 16.49
CA SER B 110 5.06 1.18 17.56
C SER B 110 4.15 2.38 17.77
N PHE B 111 2.84 2.14 17.84
CA PHE B 111 1.86 3.19 18.07
C PHE B 111 0.89 2.73 19.15
N ALA B 112 0.35 3.70 19.88
CA ALA B 112 -0.58 3.43 20.97
C ALA B 112 -2.02 3.53 20.47
N HIS B 113 -2.97 3.25 21.36
CA HIS B 113 -4.39 3.37 21.10
C HIS B 113 -4.94 4.50 21.95
N TRP B 114 -5.58 5.48 21.30
CA TRP B 114 -6.07 6.67 21.98
C TRP B 114 -7.59 6.72 22.06
N MET B 115 -8.29 5.80 21.43
CA MET B 115 -9.75 5.78 21.41
C MET B 115 -10.27 4.60 22.21
N THR B 116 -11.33 4.80 22.98
CA THR B 116 -12.04 6.06 23.19
C THR B 116 -11.22 7.02 24.04
N THR B 117 -10.43 6.45 24.94
CA THR B 117 -9.54 7.19 25.82
C THR B 117 -8.17 6.54 25.80
N PRO B 118 -7.08 7.33 25.94
CA PRO B 118 -5.75 6.71 26.03
C PRO B 118 -5.72 5.56 27.01
N ASN B 119 -5.42 4.36 26.51
CA ASN B 119 -5.52 3.12 27.30
C ASN B 119 -4.33 3.04 28.25
N ARG B 120 -4.50 3.69 29.40
CA ARG B 120 -3.49 3.68 30.45
C ARG B 120 -4.18 3.66 31.81
N MET B 121 -3.62 2.88 32.73
CA MET B 121 -4.14 2.78 34.08
C MET B 121 -3.02 3.01 35.09
N LEU B 122 -3.37 3.62 36.22
CA LEU B 122 -2.42 3.92 37.27
C LEU B 122 -3.07 3.58 38.61
N ARG B 123 -2.47 2.65 39.33
CA ARG B 123 -2.95 2.22 40.64
C ARG B 123 -1.85 2.41 41.66
N ILE B 124 -2.19 2.97 42.81
CA ILE B 124 -1.24 3.28 43.88
C ILE B 124 -1.78 2.74 45.19
N TRP B 125 -0.91 2.10 45.95
CA TRP B 125 -1.24 1.54 47.25
C TRP B 125 -0.63 2.40 48.36
N ASN B 126 -0.99 2.06 49.60
CA ASN B 126 -0.52 2.85 50.74
C ASN B 126 0.99 2.79 50.87
N ASP B 127 1.57 1.61 50.67
CA ASP B 127 3.02 1.45 50.81
C ASP B 127 3.78 2.24 49.76
N GLY B 128 3.11 2.70 48.70
CA GLY B 128 3.76 3.43 47.64
C GLY B 128 4.01 2.64 46.37
N ARG B 129 3.62 1.37 46.33
CA ARG B 129 3.76 0.58 45.12
C ARG B 129 2.89 1.15 44.02
N VAL B 130 3.41 1.15 42.80
CA VAL B 130 2.75 1.76 41.66
C VAL B 130 2.62 0.71 40.55
N LEU B 131 1.42 0.60 39.99
CA LEU B 131 1.15 -0.25 38.85
C LEU B 131 0.78 0.62 37.65
N TYR B 132 1.50 0.43 36.54
CA TYR B 132 1.32 1.22 35.33
C TYR B 132 1.30 0.27 34.15
N THR B 133 0.15 0.20 33.47
CA THR B 133 -0.04 -0.67 32.32
C THR B 133 -0.40 0.16 31.10
N LEU B 134 0.10 -0.26 29.94
CA LEU B 134 -0.11 0.45 28.69
C LEU B 134 -0.42 -0.55 27.59
N ARG B 135 -1.32 -0.16 26.68
CA ARG B 135 -1.66 -0.97 25.52
C ARG B 135 -0.82 -0.50 24.33
N LEU B 136 -0.19 -1.45 23.65
CA LEU B 136 0.71 -1.13 22.56
C LEU B 136 0.47 -2.08 21.40
N THR B 137 0.77 -1.60 20.20
CA THR B 137 0.78 -2.40 18.97
C THR B 137 2.18 -2.28 18.37
N ILE B 138 2.91 -3.38 18.34
CA ILE B 138 4.32 -3.39 17.96
C ILE B 138 4.46 -4.11 16.63
N SER B 139 5.02 -3.43 15.64
CA SER B 139 5.37 -4.04 14.35
C SER B 139 6.84 -4.46 14.36
N ALA B 140 7.16 -5.38 15.25
CA ALA B 140 8.53 -5.80 15.46
C ALA B 140 9.04 -6.62 14.26
N GLU B 141 10.36 -6.74 14.18
CA GLU B 141 11.02 -7.49 13.13
C GLU B 141 11.45 -8.85 13.67
N CYS B 142 11.17 -9.90 12.90
CA CYS B 142 11.48 -11.28 13.30
C CYS B 142 12.28 -11.94 12.18
N PRO B 143 13.60 -11.79 12.18
CA PRO B 143 14.41 -12.48 11.16
C PRO B 143 14.21 -13.98 11.23
N MET B 144 14.16 -14.62 10.07
CA MET B 144 13.88 -16.04 9.96
C MET B 144 14.93 -16.70 9.06
N ASP B 145 15.38 -17.87 9.47
CA ASP B 145 16.31 -18.69 8.68
C ASP B 145 15.47 -19.75 7.97
N LEU B 146 15.14 -19.50 6.71
CA LEU B 146 14.25 -20.38 5.95
C LEU B 146 15.04 -21.49 5.24
N GLU B 147 15.87 -22.20 6.00
CA GLU B 147 16.60 -23.32 5.44
C GLU B 147 15.70 -24.55 5.27
N ASP B 148 14.80 -24.77 6.22
CA ASP B 148 13.88 -25.91 6.20
C ASP B 148 12.48 -25.51 5.78
N PHE B 149 12.31 -24.32 5.21
CA PHE B 149 10.98 -23.87 4.82
C PHE B 149 10.38 -24.84 3.80
N PRO B 150 9.09 -25.18 3.92
CA PRO B 150 8.11 -24.72 4.92
C PRO B 150 8.15 -25.54 6.22
N MET B 151 9.02 -26.53 6.33
CA MET B 151 9.15 -27.31 7.56
C MET B 151 10.18 -26.66 8.49
N ASP B 152 9.88 -25.42 8.87
CA ASP B 152 10.76 -24.60 9.67
C ASP B 152 10.04 -24.10 10.91
N GLU B 153 10.79 -23.97 12.01
CA GLU B 153 10.29 -23.43 13.26
C GLU B 153 10.97 -22.10 13.53
N GLN B 154 10.17 -21.07 13.83
CA GLN B 154 10.66 -19.71 14.01
C GLN B 154 10.49 -19.29 15.46
N ASN B 155 11.49 -18.57 15.98
CA ASN B 155 11.51 -18.10 17.36
C ASN B 155 11.61 -16.57 17.31
N CYS B 156 10.47 -15.90 17.24
CA CYS B 156 10.45 -14.44 17.17
C CYS B 156 10.68 -13.85 18.55
N PRO B 157 11.72 -13.04 18.75
CA PRO B 157 11.95 -12.44 20.07
C PRO B 157 11.22 -11.12 20.26
N LEU B 158 11.33 -10.54 21.45
CA LEU B 158 10.74 -9.23 21.73
C LEU B 158 11.61 -8.58 22.81
N LYS B 159 12.49 -7.68 22.38
CA LYS B 159 13.47 -7.06 23.26
C LYS B 159 13.02 -5.66 23.64
N PHE B 160 13.13 -5.33 24.93
CA PHE B 160 12.79 -4.00 25.41
C PHE B 160 13.63 -3.69 26.64
N GLY B 161 13.76 -2.41 26.93
CA GLY B 161 14.54 -1.97 28.08
C GLY B 161 14.51 -0.47 28.20
N SER B 162 15.17 0.02 29.24
CA SER B 162 15.24 1.45 29.49
C SER B 162 16.11 2.15 28.46
N TYR B 163 15.75 3.39 28.14
CA TYR B 163 16.48 4.18 27.16
C TYR B 163 17.51 5.11 27.79
N ALA B 164 17.28 5.57 29.02
CA ALA B 164 18.15 6.54 29.66
C ALA B 164 18.75 6.06 30.98
N TYR B 165 18.17 5.05 31.63
CA TYR B 165 18.66 4.60 32.92
C TYR B 165 19.46 3.33 32.75
N PRO B 166 20.78 3.34 33.01
CA PRO B 166 21.56 2.11 32.86
C PRO B 166 21.19 1.04 33.87
N ASN B 167 21.87 -0.12 33.79
CA ASN B 167 21.57 -1.22 34.70
C ASN B 167 21.84 -0.83 36.15
N SER B 168 22.73 0.13 36.38
CA SER B 168 23.07 0.54 37.73
C SER B 168 21.98 1.37 38.39
N GLU B 169 20.98 1.81 37.64
CA GLU B 169 19.91 2.65 38.18
C GLU B 169 18.55 1.98 38.08
N VAL B 170 18.20 1.43 36.93
CA VAL B 170 16.91 0.78 36.71
C VAL B 170 17.16 -0.64 36.22
N VAL B 171 16.49 -1.61 36.84
CA VAL B 171 16.63 -3.02 36.50
C VAL B 171 15.25 -3.60 36.26
N TYR B 172 15.09 -4.33 35.16
CA TYR B 172 13.84 -4.99 34.82
C TYR B 172 13.95 -6.47 35.12
N VAL B 173 12.94 -7.01 35.80
CA VAL B 173 12.90 -8.43 36.15
C VAL B 173 11.48 -8.94 35.94
N TRP B 174 11.36 -10.14 35.39
CA TRP B 174 10.04 -10.76 35.23
C TRP B 174 9.49 -11.15 36.59
N THR B 175 8.16 -11.20 36.68
CA THR B 175 7.47 -11.48 37.93
C THR B 175 7.09 -12.96 37.98
N ASN B 176 7.41 -13.60 39.09
CA ASN B 176 7.08 -15.02 39.31
C ASN B 176 7.71 -15.83 38.19
N GLY B 177 7.05 -16.91 37.77
CA GLY B 177 7.57 -17.76 36.72
C GLY B 177 7.26 -17.24 35.33
N SER B 178 7.71 -18.01 34.33
CA SER B 178 7.50 -17.61 32.95
C SER B 178 6.02 -17.61 32.60
N THR B 179 5.26 -18.57 33.12
CA THR B 179 3.84 -18.67 32.78
C THR B 179 3.09 -17.41 33.19
N LYS B 180 3.34 -16.91 34.40
CA LYS B 180 2.66 -15.71 34.85
C LYS B 180 3.22 -14.45 34.18
N SER B 181 4.50 -14.46 33.82
CA SER B 181 5.10 -13.27 33.21
C SER B 181 4.43 -12.92 31.88
N VAL B 182 4.15 -13.93 31.06
CA VAL B 182 3.53 -13.73 29.75
C VAL B 182 2.25 -14.54 29.70
N VAL B 183 1.16 -13.88 29.30
CA VAL B 183 -0.15 -14.50 29.19
C VAL B 183 -0.70 -14.19 27.80
N VAL B 184 -1.23 -15.22 27.14
CA VAL B 184 -1.78 -15.09 25.79
C VAL B 184 -3.25 -15.47 25.83
N ALA B 185 -4.09 -14.63 25.26
CA ALA B 185 -5.53 -14.90 25.22
C ALA B 185 -5.80 -16.13 24.36
N GLU B 186 -6.89 -16.83 24.70
CA GLU B 186 -7.23 -18.05 23.97
C GLU B 186 -7.50 -17.75 22.49
N ASP B 187 -8.25 -16.70 22.22
CA ASP B 187 -8.53 -16.30 20.84
C ASP B 187 -7.46 -15.40 20.24
N GLY B 188 -6.53 -14.91 21.06
CA GLY B 188 -5.48 -14.04 20.53
C GLY B 188 -4.53 -14.78 19.60
N SER B 189 -4.16 -16.00 19.95
CA SER B 189 -3.21 -16.79 19.17
C SER B 189 -3.97 -17.49 18.04
N ARG B 190 -4.19 -16.74 16.96
CA ARG B 190 -4.87 -17.25 15.77
C ARG B 190 -4.12 -16.73 14.55
N LEU B 191 -3.29 -17.60 13.95
CA LEU B 191 -2.53 -17.27 12.77
C LEU B 191 -2.91 -18.21 11.64
N ASN B 192 -2.92 -17.68 10.41
CA ASN B 192 -3.36 -18.48 9.27
C ASN B 192 -2.34 -19.54 8.89
N GLN B 193 -1.05 -19.29 9.15
CA GLN B 193 0.00 -20.21 8.74
C GLN B 193 1.05 -20.41 9.82
N TYR B 194 0.64 -20.36 11.09
CA TYR B 194 1.57 -20.57 12.20
C TYR B 194 0.82 -21.13 13.40
N HIS B 195 1.57 -21.80 14.27
CA HIS B 195 1.06 -22.29 15.54
C HIS B 195 1.91 -21.73 16.66
N LEU B 196 1.26 -21.18 17.70
CA LEU B 196 1.96 -20.61 18.85
C LEU B 196 2.20 -21.73 19.85
N MET B 197 3.34 -22.41 19.69
CA MET B 197 3.64 -23.56 20.54
C MET B 197 3.81 -23.14 22.00
N GLY B 198 4.50 -22.04 22.25
CA GLY B 198 4.73 -21.60 23.62
C GLY B 198 5.52 -20.31 23.63
N GLN B 199 5.84 -19.87 24.84
CA GLN B 199 6.56 -18.62 25.05
C GLN B 199 7.64 -18.83 26.10
N THR B 200 8.69 -18.02 26.00
CA THR B 200 9.79 -18.07 26.97
C THR B 200 10.33 -16.66 27.16
N VAL B 201 11.00 -16.46 28.29
CA VAL B 201 11.54 -15.16 28.66
C VAL B 201 12.98 -15.31 29.10
N GLY B 202 13.71 -14.20 29.07
CA GLY B 202 15.11 -14.20 29.48
C GLY B 202 15.61 -12.79 29.70
N THR B 203 16.71 -12.70 30.42
CA THR B 203 17.33 -11.42 30.75
C THR B 203 18.83 -11.49 30.48
N GLU B 204 19.41 -10.35 30.11
CA GLU B 204 20.82 -10.27 29.82
C GLU B 204 21.28 -8.82 29.94
N ASN B 205 22.59 -8.65 30.03
CA ASN B 205 23.22 -7.34 30.10
C ASN B 205 24.05 -7.10 28.85
N ILE B 206 24.05 -5.86 28.37
CA ILE B 206 24.84 -5.46 27.21
C ILE B 206 25.62 -4.21 27.58
N SER B 207 26.90 -4.18 27.23
CA SER B 207 27.77 -3.04 27.50
C SER B 207 27.84 -2.14 26.27
N THR B 208 27.61 -0.86 26.46
CA THR B 208 27.63 0.12 25.39
C THR B 208 28.44 1.34 25.81
N SER B 209 28.64 2.26 24.87
CA SER B 209 29.39 3.47 25.16
C SER B 209 28.69 4.32 26.23
N THR B 210 27.37 4.24 26.31
CA THR B 210 26.60 5.00 27.28
C THR B 210 26.41 4.27 28.60
N GLY B 211 26.94 3.05 28.73
CA GLY B 211 26.82 2.27 29.93
C GLY B 211 26.16 0.93 29.67
N GLU B 212 26.01 0.17 30.75
CA GLU B 212 25.38 -1.15 30.69
C GLU B 212 23.89 -1.02 30.89
N TYR B 213 23.11 -1.67 30.04
CA TYR B 213 21.66 -1.63 30.09
C TYR B 213 21.12 -3.06 30.10
N THR B 214 20.23 -3.36 31.04
CA THR B 214 19.60 -4.66 31.09
C THR B 214 18.60 -4.81 29.94
N ILE B 215 18.53 -6.02 29.38
CA ILE B 215 17.67 -6.31 28.25
C ILE B 215 16.68 -7.40 28.65
N MET B 216 15.40 -7.15 28.42
CA MET B 216 14.34 -8.12 28.66
C MET B 216 13.86 -8.65 27.32
N THR B 217 13.96 -9.96 27.11
CA THR B 217 13.63 -10.59 25.85
C THR B 217 12.56 -11.65 26.06
N ALA B 218 11.53 -11.62 25.23
CA ALA B 218 10.47 -12.61 25.23
C ALA B 218 10.44 -13.30 23.88
N HIS B 219 10.52 -14.63 23.88
CA HIS B 219 10.58 -15.42 22.66
C HIS B 219 9.28 -16.20 22.49
N PHE B 220 8.75 -16.17 21.27
CA PHE B 220 7.53 -16.90 20.92
C PHE B 220 7.89 -18.03 19.97
N HIS B 221 7.50 -19.25 20.31
CA HIS B 221 7.79 -20.42 19.50
C HIS B 221 6.71 -20.58 18.45
N LEU B 222 7.11 -20.52 17.18
CA LEU B 222 6.19 -20.61 16.05
C LEU B 222 6.47 -21.89 15.27
N LYS B 223 5.43 -22.68 15.05
CA LYS B 223 5.50 -23.90 14.26
C LYS B 223 4.61 -23.70 13.03
N ARG B 224 5.23 -23.46 11.88
CA ARG B 224 4.47 -23.24 10.65
C ARG B 224 3.60 -24.45 10.34
N LYS B 225 2.34 -24.20 10.01
CA LYS B 225 1.41 -25.27 9.66
C LYS B 225 1.41 -25.46 8.15
N ILE B 226 1.58 -26.70 7.72
CA ILE B 226 1.63 -27.02 6.30
C ILE B 226 0.22 -27.35 5.81
N GLY B 227 0.03 -27.21 4.50
CA GLY B 227 -1.27 -27.45 3.90
C GLY B 227 -1.60 -26.42 2.84
N TYR B 228 -1.22 -25.17 3.08
CA TYR B 228 -1.41 -24.14 2.07
C TYR B 228 -0.44 -24.32 0.91
N PHE B 229 0.82 -24.62 1.21
CA PHE B 229 1.80 -24.81 0.14
C PHE B 229 1.57 -26.12 -0.59
N VAL B 230 1.02 -27.13 0.10
CA VAL B 230 0.72 -28.40 -0.57
C VAL B 230 -0.31 -28.18 -1.66
N ILE B 231 -1.36 -27.42 -1.36
CA ILE B 231 -2.39 -27.12 -2.36
C ILE B 231 -1.91 -26.06 -3.35
N GLN B 232 -0.85 -25.32 -3.04
CA GLN B 232 -0.39 -24.23 -3.87
C GLN B 232 0.82 -24.59 -4.72
N THR B 233 1.79 -25.30 -4.15
CA THR B 233 3.05 -25.59 -4.84
C THR B 233 3.28 -27.08 -5.08
N TYR B 234 3.19 -27.90 -4.03
CA TYR B 234 3.57 -29.30 -4.17
C TYR B 234 2.63 -30.04 -5.10
N LEU B 235 1.32 -29.93 -4.88
CA LEU B 235 0.37 -30.70 -5.67
C LEU B 235 0.46 -30.36 -7.16
N PRO B 236 0.46 -29.08 -7.57
CA PRO B 236 0.66 -28.80 -9.00
C PRO B 236 1.93 -29.41 -9.56
N CYS B 237 3.02 -29.39 -8.78
CA CYS B 237 4.27 -30.01 -9.24
C CYS B 237 4.13 -31.52 -9.35
N ILE B 238 3.51 -32.15 -8.35
CA ILE B 238 3.38 -33.61 -8.35
C ILE B 238 2.55 -34.06 -9.54
N MET B 239 1.41 -33.40 -9.79
CA MET B 239 0.57 -33.77 -10.91
C MET B 239 1.28 -33.50 -12.23
N THR B 240 2.06 -32.41 -12.30
CA THR B 240 2.78 -32.11 -13.53
C THR B 240 3.77 -33.22 -13.87
N VAL B 241 4.48 -33.75 -12.87
CA VAL B 241 5.41 -34.84 -13.12
C VAL B 241 4.67 -36.06 -13.62
N ILE B 242 3.52 -36.38 -13.01
CA ILE B 242 2.73 -37.51 -13.47
C ILE B 242 2.28 -37.30 -14.91
N LEU B 243 1.96 -36.05 -15.26
CA LEU B 243 1.53 -35.76 -16.63
C LEU B 243 2.63 -36.08 -17.63
N SER B 244 3.88 -35.75 -17.29
CA SER B 244 4.99 -36.02 -18.20
C SER B 244 5.15 -37.51 -18.44
N GLN B 245 5.01 -38.33 -17.38
CA GLN B 245 5.19 -39.76 -17.52
C GLN B 245 4.17 -40.40 -18.45
N VAL B 246 3.06 -39.69 -18.73
CA VAL B 246 2.05 -40.24 -19.64
C VAL B 246 2.64 -40.41 -21.04
N SER B 247 3.61 -39.57 -21.41
CA SER B 247 4.20 -39.67 -22.74
C SER B 247 4.87 -41.03 -22.94
N PHE B 248 5.33 -41.67 -21.87
CA PHE B 248 5.97 -42.96 -21.99
C PHE B 248 5.02 -44.04 -22.51
N TRP B 249 3.71 -43.81 -22.39
CA TRP B 249 2.72 -44.77 -22.86
C TRP B 249 2.27 -44.52 -24.29
N LEU B 250 2.84 -43.53 -24.97
CA LEU B 250 2.49 -43.20 -26.34
C LEU B 250 3.50 -43.81 -27.30
N ASN B 251 3.06 -44.05 -28.53
CA ASN B 251 3.92 -44.65 -29.54
C ASN B 251 5.06 -43.70 -29.92
N ARG B 252 6.19 -44.29 -30.28
CA ARG B 252 7.36 -43.49 -30.63
C ARG B 252 7.10 -42.64 -31.86
N GLU B 253 6.44 -43.20 -32.87
CA GLU B 253 6.18 -42.47 -34.10
C GLU B 253 5.36 -41.21 -33.86
N SER B 254 4.61 -41.15 -32.77
CA SER B 254 3.82 -39.96 -32.43
C SER B 254 4.77 -38.90 -31.85
N VAL B 255 5.65 -38.40 -32.72
CA VAL B 255 6.66 -37.44 -32.31
C VAL B 255 6.00 -36.16 -31.81
N ALA B 256 5.02 -35.65 -32.56
CA ALA B 256 4.37 -34.41 -32.19
C ALA B 256 3.62 -34.54 -30.87
N ALA B 257 2.91 -35.66 -30.68
CA ALA B 257 2.11 -35.84 -29.48
C ALA B 257 2.97 -35.83 -28.23
N ARG B 258 4.07 -36.58 -28.25
CA ARG B 258 4.95 -36.63 -27.08
C ARG B 258 5.73 -35.34 -26.89
N THR B 259 5.95 -34.58 -27.96
CA THR B 259 6.66 -33.31 -27.83
C THR B 259 5.89 -32.34 -26.95
N VAL B 260 4.57 -32.30 -27.10
CA VAL B 260 3.75 -31.36 -26.33
C VAL B 260 3.90 -31.63 -24.83
N PHE B 261 3.85 -32.91 -24.44
CA PHE B 261 3.96 -33.24 -23.03
C PHE B 261 5.28 -32.74 -22.45
N GLY B 262 6.39 -33.03 -23.13
CA GLY B 262 7.69 -32.63 -22.60
C GLY B 262 7.84 -31.12 -22.53
N VAL B 263 7.47 -30.43 -23.61
CA VAL B 263 7.64 -28.98 -23.64
C VAL B 263 6.71 -28.31 -22.64
N THR B 264 5.43 -28.69 -22.66
CA THR B 264 4.46 -28.04 -21.78
C THR B 264 4.79 -28.29 -20.32
N THR B 265 5.16 -29.52 -19.97
CA THR B 265 5.45 -29.84 -18.57
C THR B 265 6.65 -29.07 -18.07
N VAL B 266 7.70 -28.98 -18.88
CA VAL B 266 8.91 -28.27 -18.46
C VAL B 266 8.61 -26.79 -18.21
N LEU B 267 7.87 -26.17 -19.12
CA LEU B 267 7.49 -24.77 -18.93
C LEU B 267 6.58 -24.60 -17.72
N THR B 268 5.67 -25.55 -17.50
CA THR B 268 4.77 -25.47 -16.36
C THR B 268 5.55 -25.45 -15.05
N MET B 269 6.57 -26.30 -14.94
CA MET B 269 7.40 -26.31 -13.73
C MET B 269 8.15 -24.99 -13.58
N THR B 270 8.63 -24.43 -14.69
CA THR B 270 9.40 -23.19 -14.62
C THR B 270 8.56 -22.06 -14.04
N THR B 271 7.32 -21.92 -14.50
CA THR B 271 6.47 -20.85 -13.99
C THR B 271 6.07 -21.10 -12.54
N LEU B 272 5.91 -22.37 -12.14
CA LEU B 272 5.57 -22.66 -10.76
C LEU B 272 6.67 -22.20 -9.81
N SER B 273 7.93 -22.42 -10.18
CA SER B 273 9.04 -21.97 -9.35
C SER B 273 9.02 -20.46 -9.17
N ILE B 274 8.78 -19.73 -10.26
CA ILE B 274 8.71 -18.27 -10.17
C ILE B 274 7.51 -17.86 -9.32
N SER B 275 6.35 -18.46 -9.58
CA SER B 275 5.16 -18.11 -8.83
C SER B 275 5.29 -18.47 -7.35
N ALA B 276 5.92 -19.62 -7.08
CA ALA B 276 6.04 -20.08 -5.70
C ALA B 276 6.83 -19.09 -4.85
N ARG B 277 7.91 -18.53 -5.40
CA ARG B 277 8.76 -17.62 -4.65
C ARG B 277 8.25 -16.19 -4.63
N ASN B 278 7.15 -15.89 -5.33
CA ASN B 278 6.61 -14.53 -5.29
C ASN B 278 6.20 -14.16 -3.87
N SER B 279 5.52 -15.07 -3.16
CA SER B 279 5.17 -14.83 -1.77
C SER B 279 6.37 -15.02 -0.85
N LEU B 280 7.28 -15.93 -1.19
CA LEU B 280 8.43 -16.20 -0.35
C LEU B 280 9.36 -14.98 -0.34
N PRO B 281 10.03 -14.71 0.78
CA PRO B 281 10.99 -13.60 0.81
C PRO B 281 12.15 -13.84 -0.15
N LYS B 282 12.70 -12.75 -0.66
CA LYS B 282 13.81 -12.81 -1.61
C LYS B 282 15.11 -13.13 -0.87
N VAL B 283 15.20 -14.38 -0.42
CA VAL B 283 16.37 -14.87 0.29
C VAL B 283 17.37 -15.43 -0.72
N ALA B 284 18.65 -15.19 -0.46
CA ALA B 284 19.71 -15.60 -1.37
C ALA B 284 20.26 -16.99 -1.02
N TYR B 285 19.36 -17.96 -0.86
CA TYR B 285 19.77 -19.33 -0.63
C TYR B 285 18.60 -20.25 -0.96
N ALA B 286 18.92 -21.53 -1.16
CA ALA B 286 17.92 -22.50 -1.54
C ALA B 286 17.21 -23.07 -0.32
N THR B 287 15.88 -23.18 -0.42
CA THR B 287 15.05 -23.74 0.63
C THR B 287 14.73 -25.20 0.32
N ALA B 288 14.09 -25.86 1.30
CA ALA B 288 13.71 -27.26 1.10
C ALA B 288 12.71 -27.39 -0.05
N MET B 289 11.76 -26.47 -0.13
CA MET B 289 10.80 -26.50 -1.23
C MET B 289 11.50 -26.32 -2.58
N ASP B 290 12.54 -25.48 -2.61
CA ASP B 290 13.25 -25.25 -3.86
C ASP B 290 13.88 -26.54 -4.38
N TRP B 291 14.47 -27.34 -3.49
CA TRP B 291 15.04 -28.62 -3.91
C TRP B 291 13.96 -29.54 -4.46
N PHE B 292 12.79 -29.57 -3.82
CA PHE B 292 11.71 -30.42 -4.30
C PHE B 292 11.29 -30.01 -5.70
N ILE B 293 11.16 -28.70 -5.95
CA ILE B 293 10.82 -28.23 -7.28
C ILE B 293 11.91 -28.60 -8.28
N ALA B 294 13.18 -28.43 -7.89
CA ALA B 294 14.28 -28.77 -8.79
C ALA B 294 14.27 -30.24 -9.14
N VAL B 295 14.03 -31.11 -8.15
CA VAL B 295 13.96 -32.53 -8.43
C VAL B 295 12.81 -32.84 -9.38
N CYS B 296 11.64 -32.24 -9.13
CA CYS B 296 10.51 -32.44 -10.03
C CYS B 296 10.83 -31.94 -11.43
N TYR B 297 11.57 -30.83 -11.52
CA TYR B 297 11.97 -30.33 -12.83
C TYR B 297 12.85 -31.32 -13.56
N ALA B 298 13.73 -32.01 -12.82
CA ALA B 298 14.60 -32.99 -13.45
C ALA B 298 13.80 -34.14 -14.05
N PHE B 299 12.79 -34.62 -13.33
CA PHE B 299 12.00 -35.74 -13.83
C PHE B 299 11.31 -35.39 -15.15
N VAL B 300 10.63 -34.25 -15.20
CA VAL B 300 9.96 -33.84 -16.43
C VAL B 300 10.98 -33.58 -17.53
N PHE B 301 12.08 -32.91 -17.18
CA PHE B 301 13.13 -32.65 -18.16
C PHE B 301 13.78 -33.96 -18.60
N SER B 302 14.00 -34.88 -17.66
CA SER B 302 14.61 -36.17 -18.01
C SER B 302 13.71 -36.95 -18.95
N ALA B 303 12.39 -36.89 -18.74
CA ALA B 303 11.47 -37.61 -19.61
C ALA B 303 11.59 -37.12 -21.05
N LEU B 304 11.70 -35.80 -21.24
CA LEU B 304 11.87 -35.27 -22.59
C LEU B 304 13.18 -35.76 -23.21
N LEU B 305 14.26 -35.80 -22.41
CA LEU B 305 15.52 -36.32 -22.93
C LEU B 305 15.39 -37.77 -23.35
N GLU B 306 14.68 -38.58 -22.56
CA GLU B 306 14.48 -39.98 -22.91
C GLU B 306 13.76 -40.10 -24.25
N PHE B 307 12.72 -39.29 -24.46
CA PHE B 307 12.01 -39.34 -25.73
C PHE B 307 12.91 -38.93 -26.89
N ALA B 308 13.71 -37.88 -26.70
CA ALA B 308 14.63 -37.46 -27.75
C ALA B 308 15.66 -38.54 -28.05
N PHE B 309 16.22 -39.15 -27.00
CA PHE B 309 17.19 -40.22 -27.21
C PHE B 309 16.54 -41.41 -27.91
N VAL B 310 15.33 -41.79 -27.50
CA VAL B 310 14.64 -42.91 -28.12
C VAL B 310 14.36 -42.60 -29.58
N ASN B 311 13.87 -41.39 -29.87
CA ASN B 311 13.57 -41.01 -31.24
C ASN B 311 14.82 -40.92 -32.10
N TYR B 312 15.98 -40.72 -31.49
CA TYR B 312 17.22 -40.60 -32.26
C TYR B 312 17.72 -41.94 -32.74
N ILE B 313 17.47 -43.02 -32.00
CA ILE B 313 17.96 -44.35 -32.33
C ILE B 313 16.83 -45.27 -32.77
N THR B 314 15.62 -44.74 -32.93
CA THR B 314 14.49 -45.58 -33.34
C THR B 314 14.64 -46.11 -34.76
N LYS B 315 15.56 -45.57 -35.56
CA LYS B 315 15.78 -46.03 -36.92
C LYS B 315 16.91 -47.04 -37.02
N SER B 316 18.00 -46.83 -36.29
CA SER B 316 19.15 -47.72 -36.39
C SER B 316 18.91 -49.03 -35.64
N GLN B 317 18.54 -48.95 -34.36
CA GLN B 317 18.34 -50.11 -33.51
C GLN B 317 16.99 -49.98 -32.82
N PRO B 318 15.90 -50.25 -33.53
CA PRO B 318 14.57 -50.16 -32.90
C PRO B 318 14.40 -51.08 -31.71
N ALA B 319 15.10 -52.21 -31.68
CA ALA B 319 14.91 -53.18 -30.61
C ALA B 319 15.22 -52.56 -29.25
N ARG B 320 16.36 -51.87 -29.15
CA ARG B 320 16.72 -51.24 -27.88
C ARG B 320 15.79 -50.07 -27.55
N ALA B 321 15.31 -49.37 -28.57
CA ALA B 321 14.42 -48.23 -28.33
C ALA B 321 13.15 -48.68 -27.63
N ALA B 322 12.56 -49.79 -28.07
CA ALA B 322 11.35 -50.28 -27.42
C ALA B 322 11.60 -50.68 -25.97
N LYS B 323 12.75 -51.33 -25.72
CA LYS B 323 13.06 -51.75 -24.35
C LYS B 323 13.20 -50.55 -23.42
N ILE B 324 13.87 -49.49 -23.89
CA ILE B 324 14.05 -48.32 -23.05
C ILE B 324 12.71 -47.68 -22.72
N ASP B 325 11.83 -47.54 -23.74
CA ASP B 325 10.53 -46.94 -23.50
C ASP B 325 9.71 -47.77 -22.51
N LYS B 326 9.71 -49.09 -22.67
CA LYS B 326 8.98 -49.95 -21.75
C LYS B 326 9.54 -49.85 -20.34
N MET B 327 10.87 -49.84 -20.21
CA MET B 327 11.48 -49.74 -18.89
C MET B 327 11.17 -48.41 -18.24
N SER B 328 11.17 -47.32 -19.03
CA SER B 328 10.92 -46.00 -18.46
C SER B 328 9.56 -45.90 -17.80
N ARG B 329 8.58 -46.67 -18.30
CA ARG B 329 7.25 -46.65 -17.72
C ARG B 329 7.23 -47.12 -16.28
N ILE B 330 8.22 -47.91 -15.87
CA ILE B 330 8.27 -48.45 -14.52
C ILE B 330 9.28 -47.72 -13.65
N VAL B 331 10.46 -47.42 -14.20
CA VAL B 331 11.52 -46.80 -13.41
C VAL B 331 11.10 -45.42 -12.92
N PHE B 332 10.56 -44.60 -13.82
CA PHE B 332 10.25 -43.21 -13.46
C PHE B 332 9.23 -43.11 -12.33
N PRO B 333 8.08 -43.79 -12.38
CA PRO B 333 7.14 -43.70 -11.25
C PRO B 333 7.75 -44.13 -9.92
N ILE B 334 8.59 -45.17 -9.94
CA ILE B 334 9.17 -45.68 -8.70
C ILE B 334 10.11 -44.64 -8.09
N LEU B 335 10.98 -44.06 -8.91
CA LEU B 335 11.94 -43.09 -8.39
C LEU B 335 11.24 -41.87 -7.81
N PHE B 336 10.21 -41.37 -8.50
CA PHE B 336 9.49 -40.21 -8.00
C PHE B 336 8.78 -40.53 -6.68
N GLY B 337 8.17 -41.71 -6.60
CA GLY B 337 7.54 -42.11 -5.35
C GLY B 337 8.54 -42.32 -4.24
N THR B 338 9.68 -42.94 -4.55
CA THR B 338 10.71 -43.17 -3.53
C THR B 338 11.26 -41.84 -3.02
N PHE B 339 11.45 -40.87 -3.93
CA PHE B 339 11.98 -39.58 -3.52
C PHE B 339 11.05 -38.89 -2.53
N ASN B 340 9.74 -38.97 -2.77
CA ASN B 340 8.79 -38.31 -1.88
C ASN B 340 8.89 -38.86 -0.46
N LEU B 341 9.00 -40.18 -0.32
CA LEU B 341 9.07 -40.77 1.00
C LEU B 341 10.30 -40.27 1.76
N VAL B 342 11.45 -40.22 1.08
CA VAL B 342 12.65 -39.70 1.72
C VAL B 342 12.49 -38.22 2.05
N TYR B 343 11.95 -37.45 1.10
CA TYR B 343 11.81 -36.01 1.31
C TYR B 343 10.87 -35.71 2.48
N TRP B 344 9.66 -36.29 2.45
CA TRP B 344 8.71 -36.02 3.52
C TRP B 344 9.20 -36.57 4.84
N ALA B 345 9.76 -37.79 4.84
CA ALA B 345 10.23 -38.38 6.09
C ALA B 345 11.40 -37.59 6.66
N THR B 346 12.29 -37.09 5.80
CA THR B 346 13.47 -36.37 6.29
C THR B 346 13.08 -35.13 7.09
N TYR B 347 12.11 -34.36 6.57
CA TYR B 347 11.70 -33.13 7.25
C TYR B 347 10.60 -33.36 8.28
N LEU B 348 9.68 -34.29 8.02
CA LEU B 348 8.60 -34.60 8.96
C LEU B 348 9.06 -35.60 10.00
N ASN B 349 10.09 -35.21 10.74
CA ASN B 349 10.65 -36.06 11.79
C ASN B 349 11.74 -35.32 12.56
N ASN C 14 -29.37 37.04 29.13
CA ASN C 14 -30.10 35.80 28.88
C ASN C 14 -29.15 34.66 28.57
N ILE C 15 -27.97 34.99 28.04
CA ILE C 15 -26.97 33.99 27.70
C ILE C 15 -25.95 33.88 28.83
N THR C 16 -25.76 34.98 29.57
CA THR C 16 -24.80 34.96 30.66
C THR C 16 -25.18 33.97 31.75
N ILE C 17 -26.46 33.62 31.86
CA ILE C 17 -26.88 32.66 32.87
C ILE C 17 -26.22 31.30 32.62
N PHE C 18 -26.15 30.89 31.36
CA PHE C 18 -25.53 29.60 31.03
C PHE C 18 -24.06 29.59 31.43
N THR C 19 -23.35 30.70 31.18
CA THR C 19 -21.94 30.75 31.50
C THR C 19 -21.70 30.54 33.00
N ARG C 20 -22.52 31.17 33.85
CA ARG C 20 -22.37 31.00 35.28
C ARG C 20 -22.59 29.55 35.70
N ILE C 21 -23.59 28.89 35.10
CA ILE C 21 -23.88 27.51 35.46
C ILE C 21 -22.68 26.62 35.14
N LEU C 22 -22.09 26.81 33.94
CA LEU C 22 -20.95 25.99 33.56
C LEU C 22 -19.78 26.21 34.50
N ASP C 23 -19.52 27.47 34.88
CA ASP C 23 -18.42 27.75 35.80
C ASP C 23 -18.66 27.10 37.16
N GLY C 24 -19.89 27.14 37.64
CA GLY C 24 -20.17 26.55 38.94
C GLY C 24 -19.92 25.05 38.96
N LEU C 25 -20.35 24.35 37.90
CA LEU C 25 -20.14 22.91 37.86
C LEU C 25 -18.66 22.55 37.86
N LEU C 26 -17.86 23.29 37.09
CA LEU C 26 -16.42 23.03 37.05
C LEU C 26 -15.69 23.47 38.31
N ASP C 27 -16.34 24.25 39.17
CA ASP C 27 -15.72 24.71 40.40
C ASP C 27 -15.72 23.57 41.42
N GLY C 28 -14.52 23.12 41.79
CA GLY C 28 -14.40 22.02 42.73
C GLY C 28 -14.65 20.65 42.15
N TYR C 29 -14.69 20.52 40.83
CA TYR C 29 -14.94 19.24 40.18
C TYR C 29 -13.62 18.66 39.68
N ASP C 30 -13.36 17.40 40.06
CA ASP C 30 -12.15 16.70 39.66
C ASP C 30 -12.53 15.66 38.61
N ASN C 31 -11.87 15.73 37.46
CA ASN C 31 -12.13 14.80 36.36
C ASN C 31 -11.38 13.48 36.52
N ARG C 32 -10.50 13.36 37.52
CA ARG C 32 -9.73 12.15 37.73
C ARG C 32 -10.46 11.13 38.61
N LEU C 33 -11.62 11.47 39.14
CA LEU C 33 -12.39 10.59 40.01
C LEU C 33 -13.73 10.29 39.36
N ARG C 34 -14.10 9.01 39.32
CA ARG C 34 -15.36 8.62 38.73
C ARG C 34 -16.51 9.05 39.64
N PRO C 35 -17.70 9.29 39.08
CA PRO C 35 -18.85 9.65 39.91
C PRO C 35 -19.22 8.53 40.87
N GLY C 36 -19.70 8.92 42.04
CA GLY C 36 -20.11 7.95 43.04
C GLY C 36 -18.98 7.04 43.50
N LEU C 37 -17.78 7.60 43.66
CA LEU C 37 -16.65 6.80 44.10
C LEU C 37 -16.77 6.46 45.58
N GLY C 38 -16.58 5.19 45.92
CA GLY C 38 -16.67 4.76 47.30
C GLY C 38 -18.05 4.82 47.90
N GLU C 39 -19.09 4.99 47.09
CA GLU C 39 -20.46 5.08 47.59
C GLU C 39 -21.36 4.09 46.86
N ARG C 40 -21.04 3.79 45.60
CA ARG C 40 -21.82 2.89 44.78
C ARG C 40 -20.99 2.48 43.57
N ILE C 41 -21.61 1.76 42.65
CA ILE C 41 -20.95 1.30 41.43
C ILE C 41 -21.52 2.08 40.25
N THR C 42 -20.64 2.71 39.48
CA THR C 42 -21.08 3.50 38.34
C THR C 42 -21.71 2.59 37.29
N GLN C 43 -22.84 3.02 36.76
CA GLN C 43 -23.57 2.28 35.73
C GLN C 43 -23.58 3.08 34.45
N VAL C 44 -23.22 2.43 33.33
CA VAL C 44 -23.11 3.07 32.03
C VAL C 44 -24.02 2.34 31.06
N ARG C 45 -24.83 3.10 30.32
CA ARG C 45 -25.69 2.56 29.27
C ARG C 45 -25.09 2.91 27.92
N THR C 46 -24.91 1.90 27.07
CA THR C 46 -24.25 2.07 25.78
C THR C 46 -25.24 1.79 24.65
N ASP C 47 -25.32 2.72 23.71
CA ASP C 47 -26.11 2.56 22.50
C ASP C 47 -25.25 2.91 21.30
N MET C 48 -25.37 2.12 20.23
CA MET C 48 -24.52 2.25 19.06
C MET C 48 -25.36 2.47 17.81
N TYR C 49 -24.87 3.37 16.96
CA TYR C 49 -25.47 3.63 15.65
C TYR C 49 -24.39 3.46 14.59
N VAL C 50 -24.66 2.60 13.60
CA VAL C 50 -23.69 2.27 12.57
C VAL C 50 -23.93 3.17 11.38
N ASN C 51 -23.06 4.15 11.19
CA ASN C 51 -23.18 5.05 10.04
C ASN C 51 -22.98 4.29 8.74
N SER C 52 -21.98 3.42 8.68
CA SER C 52 -21.68 2.66 7.47
C SER C 52 -20.78 1.49 7.82
N PHE C 53 -21.19 0.29 7.41
CA PHE C 53 -20.40 -0.92 7.63
C PHE C 53 -19.41 -1.04 6.48
N GLY C 54 -18.18 -0.63 6.72
CA GLY C 54 -17.17 -0.59 5.69
C GLY C 54 -16.87 -1.94 5.08
N PRO C 55 -15.96 -1.98 4.11
CA PRO C 55 -15.65 -3.25 3.45
C PRO C 55 -15.05 -4.26 4.41
N VAL C 56 -15.32 -5.53 4.15
CA VAL C 56 -14.82 -6.63 4.96
C VAL C 56 -13.69 -7.28 4.18
N SER C 57 -12.47 -6.86 4.47
CA SER C 57 -11.30 -7.45 3.83
C SER C 57 -11.15 -8.90 4.27
N ASP C 58 -10.96 -9.79 3.30
CA ASP C 58 -10.85 -11.22 3.57
C ASP C 58 -9.41 -11.63 3.86
N THR C 59 -8.45 -11.14 3.07
CA THR C 59 -7.07 -11.59 3.21
C THR C 59 -6.52 -11.28 4.60
N GLU C 60 -6.79 -10.09 5.11
CA GLU C 60 -6.25 -9.65 6.39
C GLU C 60 -7.19 -9.92 7.56
N MET C 61 -8.33 -10.56 7.33
CA MET C 61 -9.27 -10.89 8.40
C MET C 61 -9.67 -9.64 9.19
N GLU C 62 -9.92 -8.55 8.46
CA GLU C 62 -10.26 -7.28 9.08
C GLU C 62 -11.49 -6.68 8.38
N TYR C 63 -12.25 -5.90 9.13
CA TYR C 63 -13.39 -5.18 8.60
C TYR C 63 -13.41 -3.78 9.21
N THR C 64 -13.84 -2.81 8.41
CA THR C 64 -13.92 -1.41 8.81
C THR C 64 -15.37 -1.05 9.08
N ILE C 65 -15.62 -0.41 10.21
CA ILE C 65 -16.96 0.01 10.60
C ILE C 65 -16.89 1.41 11.20
N ASP C 66 -17.83 2.26 10.81
CA ASP C 66 -17.97 3.61 11.36
C ASP C 66 -19.26 3.67 12.16
N ILE C 67 -19.13 4.04 13.44
CA ILE C 67 -20.26 4.04 14.36
C ILE C 67 -20.26 5.34 15.16
N PHE C 68 -21.45 5.70 15.66
CA PHE C 68 -21.60 6.79 16.60
C PHE C 68 -21.77 6.20 17.99
N PHE C 69 -20.65 5.84 18.61
CA PHE C 69 -20.68 5.22 19.92
C PHE C 69 -21.18 6.23 20.96
N ALA C 70 -22.14 5.79 21.77
CA ALA C 70 -22.77 6.66 22.76
C ALA C 70 -22.76 5.99 24.13
N GLN C 71 -22.50 6.79 25.16
CA GLN C 71 -22.47 6.31 26.53
C GLN C 71 -23.27 7.26 27.41
N THR C 72 -24.01 6.70 28.37
CA THR C 72 -24.82 7.47 29.30
C THR C 72 -24.53 7.01 30.71
N TRP C 73 -24.40 7.97 31.63
CA TRP C 73 -24.14 7.66 33.03
C TRP C 73 -24.67 8.80 33.89
N LYS C 74 -24.78 8.52 35.19
CA LYS C 74 -25.33 9.47 36.16
C LYS C 74 -24.20 10.07 36.97
N ASP C 75 -24.20 11.40 37.10
CA ASP C 75 -23.19 12.12 37.87
C ASP C 75 -23.90 13.18 38.68
N GLU C 76 -23.92 13.00 40.01
CA GLU C 76 -24.59 13.95 40.89
C GLU C 76 -23.82 15.26 41.00
N ARG C 77 -22.51 15.26 40.73
CA ARG C 77 -21.72 16.48 40.85
C ARG C 77 -22.10 17.52 39.80
N LEU C 78 -22.80 17.11 38.74
CA LEU C 78 -23.17 18.02 37.66
C LEU C 78 -24.61 18.51 37.77
N ARG C 79 -25.29 18.23 38.89
CA ARG C 79 -26.65 18.70 39.06
C ARG C 79 -26.70 20.22 39.02
N PHE C 80 -27.73 20.76 38.37
CA PHE C 80 -27.89 22.20 38.24
C PHE C 80 -29.38 22.53 38.13
N LYS C 81 -29.70 23.79 38.41
CA LYS C 81 -31.05 24.31 38.30
C LYS C 81 -31.05 25.54 37.41
N GLY C 82 -31.95 25.58 36.44
CA GLY C 82 -32.06 26.70 35.54
C GLY C 82 -33.27 26.61 34.64
N PRO C 83 -33.52 27.68 33.88
CA PRO C 83 -34.69 27.67 32.98
C PRO C 83 -34.65 26.58 31.93
N MET C 84 -33.47 26.21 31.45
CA MET C 84 -33.32 25.20 30.41
C MET C 84 -33.04 23.85 31.04
N GLN C 85 -33.75 22.82 30.60
CA GLN C 85 -33.64 21.49 31.16
C GLN C 85 -32.49 20.68 30.57
N ARG C 86 -31.81 21.20 29.56
CA ARG C 86 -30.70 20.50 28.92
C ARG C 86 -29.62 21.50 28.55
N LEU C 87 -28.40 21.00 28.42
CA LEU C 87 -27.22 21.82 28.12
C LEU C 87 -26.45 21.20 26.97
N PRO C 88 -26.92 21.37 25.74
CA PRO C 88 -26.13 20.90 24.58
C PRO C 88 -24.78 21.58 24.56
N LEU C 89 -23.75 20.81 24.19
CA LEU C 89 -22.38 21.30 24.20
C LEU C 89 -21.61 20.61 23.09
N ASN C 90 -20.28 20.74 23.12
CA ASN C 90 -19.41 20.16 22.12
C ASN C 90 -18.17 19.60 22.82
N ASN C 91 -17.13 19.29 22.03
CA ASN C 91 -15.93 18.67 22.56
C ASN C 91 -15.18 19.56 23.54
N LEU C 92 -15.47 20.85 23.58
CA LEU C 92 -14.70 21.76 24.43
C LEU C 92 -14.77 21.34 25.89
N LEU C 93 -15.96 20.97 26.36
CA LEU C 93 -16.14 20.57 27.76
C LEU C 93 -15.97 19.08 27.97
N ALA C 94 -15.74 18.31 26.90
CA ALA C 94 -15.61 16.86 27.05
C ALA C 94 -14.42 16.48 27.92
N SER C 95 -13.29 17.15 27.72
CA SER C 95 -12.07 16.84 28.47
C SER C 95 -12.07 17.44 29.88
N LYS C 96 -12.99 18.36 30.18
CA LYS C 96 -13.01 19.01 31.47
C LYS C 96 -13.69 18.19 32.55
N ILE C 97 -14.33 17.07 32.20
CA ILE C 97 -15.04 16.24 33.15
C ILE C 97 -14.55 14.80 33.00
N TRP C 98 -15.06 13.93 33.87
CA TRP C 98 -14.69 12.52 33.85
C TRP C 98 -15.50 11.76 32.81
N THR C 99 -14.82 10.90 32.07
CA THR C 99 -15.45 10.05 31.07
C THR C 99 -14.88 8.64 31.19
N PRO C 100 -15.65 7.63 30.83
CA PRO C 100 -15.15 6.25 30.93
C PRO C 100 -14.00 6.01 29.95
N ASP C 101 -13.09 5.12 30.36
CA ASP C 101 -11.95 4.75 29.53
C ASP C 101 -12.26 3.54 28.65
N THR C 102 -13.34 3.65 27.89
CA THR C 102 -13.76 2.54 27.03
C THR C 102 -12.75 2.32 25.91
N PHE C 103 -12.56 1.05 25.56
CA PHE C 103 -11.65 0.69 24.48
C PHE C 103 -12.16 -0.59 23.83
N PHE C 104 -11.71 -0.83 22.60
CA PHE C 104 -12.12 -1.99 21.82
C PHE C 104 -11.02 -3.04 21.86
N HIS C 105 -11.36 -4.25 22.32
CA HIS C 105 -10.36 -5.31 22.42
C HIS C 105 -9.88 -5.75 21.05
N ASN C 106 -10.80 -5.98 20.12
CA ASN C 106 -10.46 -6.49 18.80
C ASN C 106 -10.07 -5.39 17.83
N GLY C 107 -10.16 -4.13 18.22
CA GLY C 107 -9.77 -3.03 17.35
C GLY C 107 -8.27 -2.97 17.17
N LYS C 108 -7.79 -3.32 15.97
CA LYS C 108 -6.36 -3.30 15.72
C LYS C 108 -5.85 -1.88 15.58
N LYS C 109 -6.63 -1.00 14.97
CA LYS C 109 -6.22 0.40 14.79
C LYS C 109 -7.47 1.24 14.66
N SER C 110 -7.76 2.04 15.69
CA SER C 110 -8.94 2.90 15.72
C SER C 110 -8.51 4.36 15.73
N PHE C 111 -9.13 5.16 14.87
CA PHE C 111 -8.86 6.59 14.79
C PHE C 111 -10.17 7.35 14.76
N ALA C 112 -10.13 8.58 15.27
CA ALA C 112 -11.31 9.43 15.34
C ALA C 112 -11.36 10.36 14.13
N HIS C 113 -12.43 11.15 14.05
CA HIS C 113 -12.61 12.15 13.01
C HIS C 113 -12.54 13.53 13.67
N TRP C 114 -11.64 14.37 13.17
CA TRP C 114 -11.39 15.69 13.76
C TRP C 114 -11.87 16.83 12.88
N MET C 115 -12.34 16.55 11.67
CA MET C 115 -12.79 17.57 10.74
C MET C 115 -14.29 17.47 10.54
N THR C 116 -14.98 18.61 10.48
CA THR C 116 -14.44 19.97 10.62
C THR C 116 -14.07 20.25 12.08
N THR C 117 -14.81 19.63 12.99
CA THR C 117 -14.58 19.75 14.42
C THR C 117 -14.59 18.35 15.03
N PRO C 118 -13.81 18.12 16.09
CA PRO C 118 -13.88 16.81 16.77
C PRO C 118 -15.31 16.40 17.06
N ASN C 119 -15.73 15.28 16.47
CA ASN C 119 -17.12 14.85 16.50
C ASN C 119 -17.42 14.27 17.88
N ARG C 120 -17.77 15.16 18.80
CA ARG C 120 -18.14 14.78 20.16
C ARG C 120 -19.24 15.70 20.65
N MET C 121 -20.20 15.13 21.37
CA MET C 121 -21.32 15.88 21.93
C MET C 121 -21.45 15.55 23.41
N LEU C 122 -21.86 16.55 24.19
CA LEU C 122 -22.03 16.41 25.63
C LEU C 122 -23.33 17.09 26.03
N ARG C 123 -24.27 16.32 26.57
CA ARG C 123 -25.56 16.83 27.01
C ARG C 123 -25.75 16.49 28.49
N ILE C 124 -26.20 17.47 29.26
CA ILE C 124 -26.36 17.33 30.70
C ILE C 124 -27.76 17.81 31.08
N TRP C 125 -28.43 17.03 31.92
CA TRP C 125 -29.76 17.36 32.42
C TRP C 125 -29.69 17.82 33.87
N ASN C 126 -30.83 18.28 34.38
CA ASN C 126 -30.87 18.81 35.74
C ASN C 126 -30.53 17.73 36.76
N ASP C 127 -31.05 16.51 36.56
CA ASP C 127 -30.79 15.43 37.51
C ASP C 127 -29.33 15.03 37.55
N GLY C 128 -28.54 15.44 36.57
CA GLY C 128 -27.14 15.08 36.49
C GLY C 128 -26.81 14.00 35.50
N ARG C 129 -27.79 13.48 34.77
CA ARG C 129 -27.51 12.49 33.75
C ARG C 129 -26.67 13.11 32.63
N VAL C 130 -25.72 12.33 32.12
CA VAL C 130 -24.76 12.81 31.13
C VAL C 130 -24.83 11.90 29.91
N LEU C 131 -24.92 12.50 28.73
CA LEU C 131 -24.86 11.79 27.46
C LEU C 131 -23.60 12.19 26.72
N TYR C 132 -22.79 11.20 26.34
CA TYR C 132 -21.52 11.42 25.67
C TYR C 132 -21.42 10.46 24.49
N THR C 133 -21.39 11.01 23.28
CA THR C 133 -21.32 10.23 22.06
C THR C 133 -20.07 10.60 21.28
N LEU C 134 -19.45 9.60 20.65
CA LEU C 134 -18.22 9.79 19.90
C LEU C 134 -18.30 9.03 18.59
N ARG C 135 -17.74 9.62 17.54
CA ARG C 135 -17.66 8.97 16.24
C ARG C 135 -16.30 8.28 16.10
N LEU C 136 -16.32 7.01 15.70
CA LEU C 136 -15.11 6.21 15.62
C LEU C 136 -15.11 5.40 14.33
N THR C 137 -13.90 5.10 13.87
CA THR C 137 -13.68 4.19 12.74
C THR C 137 -12.77 3.08 13.23
N ILE C 138 -13.29 1.86 13.28
CA ILE C 138 -12.62 0.73 13.90
C ILE C 138 -12.22 -0.25 12.81
N SER C 139 -10.94 -0.56 12.73
CA SER C 139 -10.43 -1.61 11.83
C SER C 139 -10.27 -2.91 12.61
N ALA C 140 -11.40 -3.42 13.10
CA ALA C 140 -11.39 -4.60 13.95
C ALA C 140 -11.03 -5.85 13.15
N GLU C 141 -10.66 -6.90 13.88
CA GLU C 141 -10.31 -8.18 13.30
C GLU C 141 -11.46 -9.15 13.46
N CYS C 142 -11.80 -9.85 12.37
CA CYS C 142 -12.92 -10.79 12.35
C CYS C 142 -12.41 -12.14 11.84
N PRO C 143 -11.91 -12.99 12.72
CA PRO C 143 -11.48 -14.33 12.28
C PRO C 143 -12.64 -15.09 11.67
N MET C 144 -12.35 -15.83 10.60
CA MET C 144 -13.35 -16.56 9.85
C MET C 144 -12.92 -18.00 9.65
N ASP C 145 -13.87 -18.92 9.80
CA ASP C 145 -13.64 -20.34 9.53
C ASP C 145 -14.18 -20.63 8.14
N LEU C 146 -13.29 -20.66 7.15
CA LEU C 146 -13.68 -20.82 5.75
C LEU C 146 -13.77 -22.29 5.36
N GLU C 147 -14.50 -23.08 6.15
CA GLU C 147 -14.70 -24.48 5.82
C GLU C 147 -15.72 -24.65 4.70
N ASP C 148 -16.78 -23.83 4.71
CA ASP C 148 -17.84 -23.89 3.72
C ASP C 148 -17.72 -22.78 2.68
N PHE C 149 -16.57 -22.10 2.61
CA PHE C 149 -16.42 -21.01 1.67
C PHE C 149 -16.63 -21.52 0.24
N PRO C 150 -17.34 -20.77 -0.62
CA PRO C 150 -17.97 -19.46 -0.37
C PRO C 150 -19.37 -19.56 0.26
N MET C 151 -19.86 -20.77 0.53
CA MET C 151 -21.16 -20.94 1.18
C MET C 151 -20.99 -20.95 2.70
N ASP C 152 -20.45 -19.85 3.22
CA ASP C 152 -20.12 -19.72 4.62
C ASP C 152 -20.79 -18.48 5.20
N GLU C 153 -21.17 -18.57 6.48
CA GLU C 153 -21.76 -17.47 7.22
C GLU C 153 -20.79 -17.04 8.31
N GLN C 154 -20.52 -15.74 8.38
CA GLN C 154 -19.53 -15.19 9.31
C GLN C 154 -20.22 -14.33 10.35
N ASN C 155 -19.74 -14.43 11.59
CA ASN C 155 -20.29 -13.70 12.72
C ASN C 155 -19.16 -12.84 13.31
N CYS C 156 -19.00 -11.64 12.78
CA CYS C 156 -17.94 -10.75 13.24
C CYS C 156 -18.35 -10.09 14.55
N PRO C 157 -17.58 -10.27 15.64
CA PRO C 157 -17.95 -9.62 16.91
C PRO C 157 -17.37 -8.22 17.05
N LEU C 158 -17.71 -7.56 18.15
CA LEU C 158 -17.15 -6.23 18.45
C LEU C 158 -17.11 -6.10 19.97
N LYS C 159 -15.94 -6.30 20.55
CA LYS C 159 -15.76 -6.34 21.99
C LYS C 159 -15.17 -5.03 22.48
N PHE C 160 -15.74 -4.48 23.55
CA PHE C 160 -15.22 -3.25 24.15
C PHE C 160 -15.54 -3.25 25.64
N GLY C 161 -14.79 -2.46 26.38
CA GLY C 161 -14.99 -2.37 27.82
C GLY C 161 -14.01 -1.37 28.42
N SER C 162 -14.14 -1.21 29.74
CA SER C 162 -13.28 -0.28 30.45
C SER C 162 -11.86 -0.82 30.53
N TYR C 163 -10.89 0.10 30.53
CA TYR C 163 -9.48 -0.25 30.60
C TYR C 163 -8.92 -0.21 32.01
N ALA C 164 -9.47 0.65 32.89
CA ALA C 164 -8.94 0.83 34.23
C ALA C 164 -9.92 0.54 35.34
N TYR C 165 -11.23 0.54 35.07
CA TYR C 165 -12.23 0.35 36.10
C TYR C 165 -12.76 -1.08 36.04
N PRO C 166 -12.51 -1.92 37.04
CA PRO C 166 -13.03 -3.30 36.99
C PRO C 166 -14.55 -3.36 37.07
N ASN C 167 -15.09 -4.58 37.03
CA ASN C 167 -16.53 -4.76 37.08
C ASN C 167 -17.12 -4.24 38.39
N SER C 168 -16.31 -4.20 39.45
CA SER C 168 -16.80 -3.74 40.75
C SER C 168 -16.98 -2.24 40.81
N GLU C 169 -16.50 -1.50 39.82
CA GLU C 169 -16.59 -0.04 39.82
C GLU C 169 -17.42 0.49 38.66
N VAL C 170 -17.17 0.03 37.44
CA VAL C 170 -17.89 0.47 36.26
C VAL C 170 -18.48 -0.74 35.56
N VAL C 171 -19.77 -0.67 35.22
CA VAL C 171 -20.49 -1.74 34.57
C VAL C 171 -21.17 -1.20 33.33
N TYR C 172 -21.02 -1.90 32.22
CA TYR C 172 -21.64 -1.53 30.96
C TYR C 172 -22.85 -2.43 30.70
N VAL C 173 -23.97 -1.81 30.34
CA VAL C 173 -25.20 -2.54 30.04
C VAL C 173 -25.87 -1.91 28.83
N TRP C 174 -26.38 -2.75 27.94
CA TRP C 174 -27.12 -2.25 26.79
C TRP C 174 -28.46 -1.65 27.23
N THR C 175 -28.94 -0.70 26.45
CA THR C 175 -30.17 0.03 26.78
C THR C 175 -31.35 -0.61 26.05
N ASN C 176 -32.42 -0.86 26.79
CA ASN C 176 -33.65 -1.43 26.22
C ASN C 176 -33.30 -2.74 25.55
N GLY C 177 -33.99 -3.09 24.46
CA GLY C 177 -33.75 -4.33 23.76
C GLY C 177 -32.59 -4.24 22.79
N SER C 178 -32.34 -5.36 22.11
CA SER C 178 -31.24 -5.42 21.16
C SER C 178 -31.47 -4.48 19.99
N THR C 179 -32.72 -4.36 19.53
CA THR C 179 -33.00 -3.52 18.37
C THR C 179 -32.61 -2.07 18.63
N LYS C 180 -32.96 -1.54 19.80
CA LYS C 180 -32.63 -0.16 20.11
C LYS C 180 -31.15 0.00 20.46
N SER C 181 -30.51 -1.04 21.01
CA SER C 181 -29.11 -0.94 21.39
C SER C 181 -28.23 -0.68 20.18
N VAL C 182 -28.48 -1.37 19.07
CA VAL C 182 -27.69 -1.24 17.86
C VAL C 182 -28.62 -0.84 16.72
N VAL C 183 -28.24 0.22 15.99
CA VAL C 183 -29.01 0.72 14.87
C VAL C 183 -28.07 0.86 13.68
N VAL C 184 -28.52 0.39 12.52
CA VAL C 184 -27.74 0.41 11.29
C VAL C 184 -28.48 1.24 10.26
N ALA C 185 -27.79 2.18 9.63
CA ALA C 185 -28.39 3.02 8.61
C ALA C 185 -28.78 2.17 7.40
N GLU C 186 -29.83 2.63 6.70
CA GLU C 186 -30.32 1.88 5.54
C GLU C 186 -29.25 1.77 4.47
N ASP C 187 -28.57 2.87 4.18
CA ASP C 187 -27.49 2.87 3.20
C ASP C 187 -26.15 2.45 3.78
N GLY C 188 -26.03 2.36 5.10
CA GLY C 188 -24.77 1.98 5.70
C GLY C 188 -24.39 0.54 5.39
N SER C 189 -25.36 -0.37 5.44
CA SER C 189 -25.10 -1.79 5.21
C SER C 189 -25.10 -2.05 3.70
N ARG C 190 -23.94 -1.79 3.09
CA ARG C 190 -23.75 -2.00 1.66
C ARG C 190 -22.37 -2.63 1.47
N LEU C 191 -22.34 -3.94 1.26
CA LEU C 191 -21.10 -4.67 1.04
C LEU C 191 -21.16 -5.36 -0.31
N ASN C 192 -20.00 -5.42 -0.98
CA ASN C 192 -19.96 -5.98 -2.33
C ASN C 192 -20.14 -7.49 -2.33
N GLN C 193 -19.73 -8.17 -1.25
CA GLN C 193 -19.79 -9.62 -1.21
C GLN C 193 -20.31 -10.14 0.13
N TYR C 194 -21.21 -9.40 0.76
CA TYR C 194 -21.78 -9.83 2.04
C TYR C 194 -23.17 -9.24 2.20
N HIS C 195 -23.98 -9.90 3.03
CA HIS C 195 -25.29 -9.44 3.42
C HIS C 195 -25.36 -9.33 4.93
N LEU C 196 -25.85 -8.18 5.42
CA LEU C 196 -25.97 -7.94 6.86
C LEU C 196 -27.32 -8.49 7.31
N MET C 197 -27.34 -9.77 7.67
CA MET C 197 -28.60 -10.41 8.03
C MET C 197 -29.19 -9.79 9.29
N GLY C 198 -28.37 -9.52 10.29
CA GLY C 198 -28.87 -8.97 11.54
C GLY C 198 -27.73 -8.73 12.51
N GLN C 199 -28.11 -8.28 13.70
CA GLN C 199 -27.15 -7.96 14.75
C GLN C 199 -27.64 -8.53 16.08
N THR C 200 -26.68 -8.80 16.96
CA THR C 200 -26.99 -9.30 18.30
C THR C 200 -25.97 -8.74 19.27
N VAL C 201 -26.35 -8.74 20.56
CA VAL C 201 -25.51 -8.19 21.61
C VAL C 201 -25.46 -9.18 22.77
N GLY C 202 -24.43 -9.02 23.60
CA GLY C 202 -24.26 -9.88 24.76
C GLY C 202 -23.26 -9.29 25.73
N THR C 203 -23.32 -9.79 26.96
CA THR C 203 -22.44 -9.33 28.03
C THR C 203 -21.85 -10.53 28.76
N GLU C 204 -20.64 -10.35 29.27
CA GLU C 204 -19.96 -11.42 29.99
C GLU C 204 -18.88 -10.81 30.87
N ASN C 205 -18.41 -11.61 31.83
CA ASN C 205 -17.35 -11.22 32.75
C ASN C 205 -16.11 -12.09 32.49
N ILE C 206 -14.95 -11.47 32.59
CA ILE C 206 -13.67 -12.17 32.44
C ILE C 206 -12.79 -11.82 33.63
N SER C 207 -12.14 -12.84 34.20
CA SER C 207 -11.26 -12.66 35.34
C SER C 207 -9.81 -12.57 34.86
N THR C 208 -9.11 -11.54 35.31
CA THR C 208 -7.72 -11.31 34.93
C THR C 208 -6.90 -10.99 36.16
N SER C 209 -5.59 -10.88 35.97
CA SER C 209 -4.69 -10.56 37.08
C SER C 209 -5.00 -9.19 37.68
N THR C 210 -5.52 -8.27 36.88
CA THR C 210 -5.85 -6.94 37.34
C THR C 210 -7.28 -6.81 37.86
N GLY C 211 -8.04 -7.90 37.85
CA GLY C 211 -9.40 -7.91 38.32
C GLY C 211 -10.38 -8.35 37.25
N GLU C 212 -11.65 -8.35 37.63
CA GLU C 212 -12.73 -8.75 36.73
C GLU C 212 -13.24 -7.53 35.98
N TYR C 213 -13.37 -7.67 34.66
CA TYR C 213 -13.84 -6.58 33.80
C TYR C 213 -15.00 -7.08 32.95
N THR C 214 -16.09 -6.31 32.94
CA THR C 214 -17.23 -6.65 32.11
C THR C 214 -16.90 -6.42 30.64
N ILE C 215 -17.42 -7.30 29.78
CA ILE C 215 -17.15 -7.24 28.35
C ILE C 215 -18.48 -7.07 27.62
N MET C 216 -18.56 -6.08 26.74
CA MET C 216 -19.72 -5.85 25.90
C MET C 216 -19.37 -6.27 24.48
N THR C 217 -20.12 -7.22 23.93
CA THR C 217 -19.85 -7.79 22.62
C THR C 217 -21.07 -7.60 21.72
N ALA C 218 -20.82 -7.12 20.50
CA ALA C 218 -21.86 -6.98 19.48
C ALA C 218 -21.47 -7.84 18.29
N HIS C 219 -22.38 -8.70 17.86
CA HIS C 219 -22.13 -9.64 16.78
C HIS C 219 -22.96 -9.25 15.55
N PHE C 220 -22.32 -9.25 14.38
CA PHE C 220 -22.98 -8.95 13.12
C PHE C 220 -23.05 -10.22 12.28
N HIS C 221 -24.24 -10.58 11.84
CA HIS C 221 -24.45 -11.78 11.05
C HIS C 221 -24.22 -11.45 9.59
N LEU C 222 -23.24 -12.11 8.97
CA LEU C 222 -22.86 -11.89 7.58
C LEU C 222 -23.16 -13.13 6.76
N LYS C 223 -23.90 -12.95 5.68
CA LYS C 223 -24.22 -14.02 4.74
C LYS C 223 -23.56 -13.66 3.40
N ARG C 224 -22.47 -14.33 3.08
CA ARG C 224 -21.75 -14.05 1.83
C ARG C 224 -22.67 -14.29 0.64
N LYS C 225 -22.67 -13.34 -0.29
CA LYS C 225 -23.48 -13.45 -1.50
C LYS C 225 -22.64 -14.07 -2.61
N ILE C 226 -23.18 -15.10 -3.24
CA ILE C 226 -22.47 -15.80 -4.31
C ILE C 226 -22.83 -15.16 -5.64
N GLY C 227 -21.95 -15.36 -6.63
CA GLY C 227 -22.12 -14.79 -7.94
C GLY C 227 -20.84 -14.26 -8.52
N TYR C 228 -19.99 -13.68 -7.66
CA TYR C 228 -18.68 -13.23 -8.11
C TYR C 228 -17.76 -14.42 -8.37
N PHE C 229 -17.76 -15.40 -7.47
CA PHE C 229 -16.92 -16.57 -7.66
C PHE C 229 -17.43 -17.46 -8.78
N VAL C 230 -18.75 -17.47 -9.01
CA VAL C 230 -19.29 -18.25 -10.12
C VAL C 230 -18.76 -17.74 -11.45
N ILE C 231 -18.75 -16.41 -11.63
CA ILE C 231 -18.21 -15.83 -12.85
C ILE C 231 -16.69 -15.85 -12.86
N GLN C 232 -16.05 -16.03 -11.71
CA GLN C 232 -14.60 -15.97 -11.60
C GLN C 232 -13.93 -17.33 -11.56
N THR C 233 -14.48 -18.29 -10.81
CA THR C 233 -13.85 -19.59 -10.61
C THR C 233 -14.67 -20.75 -11.15
N TYR C 234 -15.95 -20.84 -10.78
CA TYR C 234 -16.73 -22.03 -11.15
C TYR C 234 -16.94 -22.12 -12.65
N LEU C 235 -17.41 -21.05 -13.27
CA LEU C 235 -17.72 -21.10 -14.69
C LEU C 235 -16.50 -21.44 -15.54
N PRO C 236 -15.35 -20.79 -15.36
CA PRO C 236 -14.17 -21.23 -16.13
C PRO C 236 -13.84 -22.70 -15.93
N CYS C 237 -13.99 -23.21 -14.71
CA CYS C 237 -13.74 -24.63 -14.46
C CYS C 237 -14.77 -25.50 -15.16
N ILE C 238 -16.05 -25.11 -15.10
CA ILE C 238 -17.10 -25.92 -15.69
C ILE C 238 -16.90 -26.01 -17.20
N MET C 239 -16.64 -24.87 -17.85
CA MET C 239 -16.44 -24.86 -19.29
C MET C 239 -15.18 -25.64 -19.65
N THR C 240 -14.14 -25.54 -18.83
CA THR C 240 -12.91 -26.28 -19.10
C THR C 240 -13.16 -27.78 -19.12
N VAL C 241 -13.95 -28.29 -18.17
CA VAL C 241 -14.27 -29.71 -18.15
C VAL C 241 -15.03 -30.10 -19.41
N ILE C 242 -15.99 -29.27 -19.81
CA ILE C 242 -16.74 -29.56 -21.04
C ILE C 242 -15.80 -29.58 -22.24
N LEU C 243 -14.80 -28.69 -22.25
CA LEU C 243 -13.85 -28.66 -23.35
C LEU C 243 -13.09 -29.97 -23.46
N SER C 244 -12.69 -30.55 -22.32
CA SER C 244 -11.96 -31.80 -22.35
C SER C 244 -12.80 -32.92 -22.95
N GLN C 245 -14.09 -32.98 -22.60
CA GLN C 245 -14.94 -34.04 -23.09
C GLN C 245 -15.11 -34.01 -24.61
N VAL C 246 -14.78 -32.87 -25.25
CA VAL C 246 -14.88 -32.80 -26.70
C VAL C 246 -13.92 -33.78 -27.36
N SER C 247 -12.80 -34.07 -26.71
CA SER C 247 -11.83 -34.99 -27.29
C SER C 247 -12.43 -36.37 -27.49
N PHE C 248 -13.43 -36.75 -26.69
CA PHE C 248 -14.06 -38.05 -26.84
C PHE C 248 -14.77 -38.20 -28.19
N TRP C 249 -15.09 -37.09 -28.84
CA TRP C 249 -15.77 -37.12 -30.13
C TRP C 249 -14.81 -37.12 -31.31
N LEU C 250 -13.50 -37.13 -31.07
CA LEU C 250 -12.50 -37.14 -32.12
C LEU C 250 -12.00 -38.55 -32.36
N ASN C 251 -11.51 -38.79 -33.58
CA ASN C 251 -11.02 -40.10 -33.94
C ASN C 251 -9.76 -40.45 -33.16
N ARG C 252 -9.58 -41.75 -32.90
CA ARG C 252 -8.44 -42.20 -32.12
C ARG C 252 -7.12 -41.89 -32.83
N GLU C 253 -7.08 -42.09 -34.15
CA GLU C 253 -5.85 -41.87 -34.90
C GLU C 253 -5.38 -40.42 -34.80
N SER C 254 -6.27 -39.48 -34.50
CA SER C 254 -5.90 -38.08 -34.32
C SER C 254 -5.24 -37.91 -32.95
N VAL C 255 -4.06 -38.52 -32.83
CA VAL C 255 -3.34 -38.51 -31.56
C VAL C 255 -2.97 -37.07 -31.17
N ALA C 256 -2.43 -36.32 -32.12
CA ALA C 256 -2.00 -34.95 -31.83
C ALA C 256 -3.18 -34.07 -31.44
N ALA C 257 -4.30 -34.20 -32.15
CA ALA C 257 -5.45 -33.34 -31.89
C ALA C 257 -5.98 -33.54 -30.48
N ARG C 258 -6.16 -34.79 -30.07
CA ARG C 258 -6.67 -35.07 -28.73
C ARG C 258 -5.65 -34.77 -27.65
N THR C 259 -4.36 -34.80 -27.98
CA THR C 259 -3.33 -34.48 -26.98
C THR C 259 -3.46 -33.04 -26.52
N VAL C 260 -3.75 -32.12 -27.44
CA VAL C 260 -3.84 -30.71 -27.08
C VAL C 260 -4.94 -30.49 -26.05
N PHE C 261 -6.10 -31.12 -26.26
CA PHE C 261 -7.21 -30.94 -25.33
C PHE C 261 -6.83 -31.38 -23.93
N GLY C 262 -6.25 -32.57 -23.81
CA GLY C 262 -5.91 -33.08 -22.49
C GLY C 262 -4.85 -32.24 -21.79
N VAL C 263 -3.78 -31.90 -22.53
CA VAL C 263 -2.69 -31.13 -21.93
C VAL C 263 -3.16 -29.72 -21.58
N THR C 264 -3.81 -29.05 -22.53
CA THR C 264 -4.23 -27.67 -22.31
C THR C 264 -5.24 -27.57 -21.17
N THR C 265 -6.22 -28.48 -21.14
CA THR C 265 -7.25 -28.42 -20.11
C THR C 265 -6.65 -28.65 -18.73
N VAL C 266 -5.74 -29.61 -18.60
CA VAL C 266 -5.14 -29.90 -17.29
C VAL C 266 -4.38 -28.68 -16.78
N LEU C 267 -3.58 -28.07 -17.65
CA LEU C 267 -2.83 -26.88 -17.25
C LEU C 267 -3.77 -25.72 -16.93
N THR C 268 -4.87 -25.59 -17.69
CA THR C 268 -5.82 -24.52 -17.43
C THR C 268 -6.41 -24.64 -16.03
N MET C 269 -6.77 -25.85 -15.62
CA MET C 269 -7.29 -26.05 -14.27
C MET C 269 -6.24 -25.72 -13.22
N THR C 270 -4.97 -26.08 -13.49
CA THR C 270 -3.92 -25.84 -12.52
C THR C 270 -3.75 -24.36 -12.23
N THR C 271 -3.75 -23.53 -13.29
CA THR C 271 -3.59 -22.10 -13.08
C THR C 271 -4.82 -21.49 -12.41
N LEU C 272 -6.01 -22.03 -12.70
CA LEU C 272 -7.22 -21.51 -12.06
C LEU C 272 -7.16 -21.71 -10.55
N SER C 273 -6.68 -22.86 -10.09
CA SER C 273 -6.57 -23.10 -8.66
C SER C 273 -5.63 -22.10 -8.01
N ILE C 274 -4.49 -21.83 -8.64
CA ILE C 274 -3.55 -20.85 -8.11
C ILE C 274 -4.18 -19.45 -8.13
N SER C 275 -4.80 -19.08 -9.25
CA SER C 275 -5.41 -17.77 -9.36
C SER C 275 -6.57 -17.61 -8.38
N ALA C 276 -7.36 -18.68 -8.21
CA ALA C 276 -8.53 -18.59 -7.34
C ALA C 276 -8.13 -18.26 -5.91
N ARG C 277 -7.06 -18.87 -5.41
CA ARG C 277 -6.64 -18.67 -4.03
C ARG C 277 -5.81 -17.41 -3.83
N ASN C 278 -5.49 -16.67 -4.88
CA ASN C 278 -4.74 -15.43 -4.72
C ASN C 278 -5.51 -14.44 -3.86
N SER C 279 -6.82 -14.29 -4.12
CA SER C 279 -7.65 -13.44 -3.29
C SER C 279 -8.00 -14.11 -1.97
N LEU C 280 -8.15 -15.43 -1.97
CA LEU C 280 -8.51 -16.14 -0.76
C LEU C 280 -7.38 -16.05 0.27
N PRO C 281 -7.71 -16.00 1.56
CA PRO C 281 -6.65 -15.98 2.58
C PRO C 281 -5.85 -17.27 2.56
N LYS C 282 -4.57 -17.16 2.95
CA LYS C 282 -3.67 -18.30 2.96
C LYS C 282 -3.96 -19.18 4.18
N VAL C 283 -5.10 -19.87 4.09
CA VAL C 283 -5.55 -20.78 5.15
C VAL C 283 -4.98 -22.17 4.88
N ALA C 284 -4.57 -22.85 5.94
CA ALA C 284 -3.95 -24.16 5.83
C ALA C 284 -4.97 -25.29 5.93
N TYR C 285 -6.03 -25.20 5.13
CA TYR C 285 -7.01 -26.27 5.05
C TYR C 285 -7.81 -26.11 3.76
N ALA C 286 -8.47 -27.18 3.37
CA ALA C 286 -9.22 -27.21 2.12
C ALA C 286 -10.62 -26.64 2.32
N THR C 287 -11.05 -25.80 1.37
CA THR C 287 -12.38 -25.22 1.38
C THR C 287 -13.29 -25.98 0.43
N ALA C 288 -14.58 -25.63 0.48
CA ALA C 288 -15.55 -26.28 -0.40
C ALA C 288 -15.21 -26.02 -1.87
N MET C 289 -14.80 -24.79 -2.20
CA MET C 289 -14.42 -24.49 -3.56
C MET C 289 -13.21 -25.33 -3.99
N ASP C 290 -12.28 -25.56 -3.06
CA ASP C 290 -11.09 -26.34 -3.39
C ASP C 290 -11.47 -27.75 -3.83
N TRP C 291 -12.41 -28.38 -3.12
CA TRP C 291 -12.86 -29.71 -3.52
C TRP C 291 -13.48 -29.69 -4.91
N PHE C 292 -14.28 -28.67 -5.20
CA PHE C 292 -14.90 -28.58 -6.52
C PHE C 292 -13.84 -28.47 -7.61
N ILE C 293 -12.80 -27.66 -7.39
CA ILE C 293 -11.72 -27.56 -8.36
C ILE C 293 -11.01 -28.91 -8.50
N ALA C 294 -10.74 -29.57 -7.37
CA ALA C 294 -10.06 -30.86 -7.42
C ALA C 294 -10.87 -31.88 -8.20
N VAL C 295 -12.18 -31.92 -7.97
CA VAL C 295 -13.03 -32.85 -8.72
C VAL C 295 -12.99 -32.53 -10.20
N CYS C 296 -13.10 -31.24 -10.55
CA CYS C 296 -13.01 -30.85 -11.95
C CYS C 296 -11.65 -31.23 -12.54
N TYR C 297 -10.59 -31.10 -11.75
CA TYR C 297 -9.26 -31.50 -12.22
C TYR C 297 -9.22 -32.99 -12.52
N ALA C 298 -9.90 -33.81 -11.71
CA ALA C 298 -9.91 -35.25 -11.94
C ALA C 298 -10.58 -35.58 -13.28
N PHE C 299 -11.69 -34.91 -13.59
CA PHE C 299 -12.40 -35.20 -14.84
C PHE C 299 -11.52 -34.93 -16.04
N VAL C 300 -10.90 -33.74 -16.10
CA VAL C 300 -10.03 -33.42 -17.23
C VAL C 300 -8.82 -34.36 -17.24
N PHE C 301 -8.23 -34.61 -16.08
CA PHE C 301 -7.10 -35.53 -16.01
C PHE C 301 -7.52 -36.94 -16.37
N SER C 302 -8.71 -37.36 -15.91
CA SER C 302 -9.19 -38.70 -16.23
C SER C 302 -9.41 -38.85 -17.73
N ALA C 303 -9.92 -37.81 -18.39
CA ALA C 303 -10.14 -37.88 -19.82
C ALA C 303 -8.84 -38.13 -20.57
N LEU C 304 -7.75 -37.46 -20.16
CA LEU C 304 -6.46 -37.69 -20.79
C LEU C 304 -6.01 -39.13 -20.58
N LEU C 305 -6.22 -39.66 -19.37
CA LEU C 305 -5.85 -41.06 -19.10
C LEU C 305 -6.63 -42.01 -20.00
N GLU C 306 -7.93 -41.73 -20.19
CA GLU C 306 -8.74 -42.58 -21.06
C GLU C 306 -8.20 -42.57 -22.48
N PHE C 307 -7.82 -41.40 -22.99
CA PHE C 307 -7.25 -41.34 -24.33
C PHE C 307 -5.94 -42.11 -24.42
N ALA C 308 -5.08 -41.98 -23.41
CA ALA C 308 -3.82 -42.71 -23.41
C ALA C 308 -4.06 -44.21 -23.36
N PHE C 309 -4.99 -44.64 -22.50
CA PHE C 309 -5.31 -46.07 -22.42
C PHE C 309 -5.89 -46.58 -23.74
N VAL C 310 -6.79 -45.81 -24.35
CA VAL C 310 -7.39 -46.21 -25.61
C VAL C 310 -6.32 -46.30 -26.69
N ASN C 311 -5.45 -45.30 -26.77
CA ASN C 311 -4.39 -45.30 -27.76
C ASN C 311 -3.38 -46.41 -27.54
N TYR C 312 -3.27 -46.92 -26.31
CA TYR C 312 -2.31 -47.98 -26.01
C TYR C 312 -2.78 -49.33 -26.53
N ILE C 313 -4.09 -49.57 -26.55
CA ILE C 313 -4.65 -50.86 -26.95
C ILE C 313 -5.37 -50.76 -28.29
N THR C 314 -5.28 -49.62 -28.98
CA THR C 314 -5.94 -49.46 -30.27
C THR C 314 -5.36 -50.38 -31.34
N LYS C 315 -4.18 -50.95 -31.12
CA LYS C 315 -3.55 -51.84 -32.10
C LYS C 315 -3.84 -53.31 -31.82
N SER C 316 -3.83 -53.72 -30.55
CA SER C 316 -4.03 -55.13 -30.22
C SER C 316 -5.50 -55.52 -30.31
N GLN C 317 -6.38 -54.78 -29.64
CA GLN C 317 -7.81 -55.08 -29.59
C GLN C 317 -8.59 -53.80 -29.92
N PRO C 318 -8.65 -53.42 -31.19
CA PRO C 318 -9.40 -52.21 -31.55
C PRO C 318 -10.87 -52.27 -31.16
N ALA C 319 -11.46 -53.47 -31.11
CA ALA C 319 -12.89 -53.58 -30.84
C ALA C 319 -13.23 -52.97 -29.48
N ARG C 320 -12.46 -53.32 -28.46
CA ARG C 320 -12.72 -52.77 -27.13
C ARG C 320 -12.41 -51.28 -27.06
N ALA C 321 -11.40 -50.83 -27.82
CA ALA C 321 -11.05 -49.42 -27.80
C ALA C 321 -12.21 -48.56 -28.27
N ALA C 322 -12.88 -48.96 -29.35
CA ALA C 322 -14.02 -48.18 -29.84
C ALA C 322 -15.15 -48.14 -28.81
N LYS C 323 -15.41 -49.28 -28.16
CA LYS C 323 -16.48 -49.32 -27.16
C LYS C 323 -16.20 -48.36 -26.01
N ILE C 324 -14.96 -48.35 -25.53
CA ILE C 324 -14.61 -47.47 -24.42
C ILE C 324 -14.80 -46.01 -24.81
N ASP C 325 -14.33 -45.64 -26.00
CA ASP C 325 -14.46 -44.25 -26.44
C ASP C 325 -15.93 -43.86 -26.58
N LYS C 326 -16.75 -44.73 -27.15
CA LYS C 326 -18.17 -44.44 -27.29
C LYS C 326 -18.83 -44.31 -25.92
N MET C 327 -18.51 -45.21 -24.99
CA MET C 327 -19.09 -45.15 -23.66
C MET C 327 -18.67 -43.89 -22.93
N SER C 328 -17.41 -43.48 -23.09
CA SER C 328 -16.92 -42.30 -22.37
C SER C 328 -17.70 -41.04 -22.75
N ARG C 329 -18.23 -40.99 -23.98
CA ARG C 329 -18.99 -39.83 -24.41
C ARG C 329 -20.25 -39.64 -23.59
N ILE C 330 -20.76 -40.70 -22.97
CA ILE C 330 -22.00 -40.63 -22.19
C ILE C 330 -21.73 -40.61 -20.70
N VAL C 331 -20.79 -41.45 -20.24
CA VAL C 331 -20.56 -41.56 -18.79
C VAL C 331 -20.03 -40.25 -18.23
N PHE C 332 -19.04 -39.65 -18.90
CA PHE C 332 -18.40 -38.45 -18.35
C PHE C 332 -19.38 -37.29 -18.17
N PRO C 333 -20.18 -36.91 -19.17
CA PRO C 333 -21.13 -35.81 -18.94
C PRO C 333 -22.10 -36.07 -17.81
N ILE C 334 -22.56 -37.32 -17.66
CA ILE C 334 -23.53 -37.64 -16.61
C ILE C 334 -22.91 -37.47 -15.23
N LEU C 335 -21.70 -38.01 -15.05
CA LEU C 335 -21.06 -37.92 -13.74
C LEU C 335 -20.80 -36.47 -13.35
N PHE C 336 -20.31 -35.66 -14.28
CA PHE C 336 -20.06 -34.25 -13.98
C PHE C 336 -21.34 -33.52 -13.63
N GLY C 337 -22.42 -33.78 -14.38
CA GLY C 337 -23.70 -33.16 -14.06
C GLY C 337 -24.25 -33.65 -12.73
N THR C 338 -24.14 -34.95 -12.46
CA THR C 338 -24.62 -35.49 -11.19
C THR C 338 -23.85 -34.89 -10.01
N PHE C 339 -22.53 -34.74 -10.16
CA PHE C 339 -21.73 -34.18 -9.09
C PHE C 339 -22.16 -32.76 -8.75
N ASN C 340 -22.48 -31.95 -9.76
CA ASN C 340 -22.88 -30.57 -9.51
C ASN C 340 -24.15 -30.52 -8.67
N LEU C 341 -25.14 -31.36 -8.98
CA LEU C 341 -26.38 -31.36 -8.21
C LEU C 341 -26.13 -31.67 -6.75
N VAL C 342 -25.31 -32.69 -6.47
CA VAL C 342 -24.98 -33.02 -5.09
C VAL C 342 -24.20 -31.87 -4.44
N TYR C 343 -23.22 -31.32 -5.15
CA TYR C 343 -22.39 -30.26 -4.58
C TYR C 343 -23.23 -29.02 -4.26
N TRP C 344 -23.98 -28.53 -5.25
CA TRP C 344 -24.79 -27.33 -5.01
C TRP C 344 -25.87 -27.59 -3.98
N ALA C 345 -26.55 -28.74 -4.07
CA ALA C 345 -27.62 -29.04 -3.11
C ALA C 345 -27.07 -29.19 -1.70
N THR C 346 -25.90 -29.80 -1.56
CA THR C 346 -25.34 -30.04 -0.23
C THR C 346 -25.11 -28.73 0.52
N TYR C 347 -24.54 -27.73 -0.17
CA TYR C 347 -24.25 -26.45 0.48
C TYR C 347 -25.41 -25.48 0.42
N LEU C 348 -26.17 -25.48 -0.67
CA LEU C 348 -27.32 -24.58 -0.81
C LEU C 348 -28.56 -25.19 -0.16
N ASN C 349 -28.44 -25.45 1.14
CA ASN C 349 -29.54 -26.03 1.91
C ASN C 349 -29.18 -26.10 3.39
N ASN D 14 -1.91 53.42 14.96
CA ASN D 14 -2.84 53.10 13.88
C ASN D 14 -3.14 51.60 13.86
N ILE D 15 -2.21 50.80 14.36
CA ILE D 15 -2.37 49.35 14.38
C ILE D 15 -2.88 48.93 15.77
N THR D 16 -2.52 49.71 16.79
CA THR D 16 -2.94 49.39 18.15
C THR D 16 -4.46 49.40 18.30
N ILE D 17 -5.16 50.12 17.45
CA ILE D 17 -6.63 50.17 17.54
C ILE D 17 -7.20 48.78 17.29
N PHE D 18 -6.66 48.05 16.31
CA PHE D 18 -7.16 46.72 16.02
C PHE D 18 -6.96 45.78 17.20
N THR D 19 -5.81 45.88 17.89
CA THR D 19 -5.55 45.01 19.02
C THR D 19 -6.58 45.20 20.13
N ARG D 20 -6.95 46.45 20.41
CA ARG D 20 -7.94 46.71 21.45
C ARG D 20 -9.29 46.11 21.07
N ILE D 21 -9.68 46.23 19.80
CA ILE D 21 -10.96 45.69 19.36
C ILE D 21 -11.01 44.19 19.57
N LEU D 22 -9.94 43.48 19.18
CA LEU D 22 -9.90 42.04 19.35
C LEU D 22 -9.99 41.65 20.82
N ASP D 23 -9.27 42.36 21.68
CA ASP D 23 -9.33 42.06 23.11
C ASP D 23 -10.73 42.27 23.66
N GLY D 24 -11.41 43.34 23.25
CA GLY D 24 -12.75 43.60 23.74
C GLY D 24 -13.72 42.51 23.38
N LEU D 25 -13.67 42.02 22.14
CA LEU D 25 -14.59 40.97 21.71
C LEU D 25 -14.38 39.70 22.52
N LEU D 26 -13.11 39.32 22.76
CA LEU D 26 -12.82 38.12 23.53
C LEU D 26 -13.11 38.29 25.02
N ASP D 27 -13.31 39.52 25.49
CA ASP D 27 -13.59 39.76 26.90
C ASP D 27 -15.05 39.39 27.19
N GLY D 28 -15.24 38.38 28.03
CA GLY D 28 -16.57 37.92 28.36
C GLY D 28 -17.24 37.07 27.31
N TYR D 29 -16.49 36.58 26.33
CA TYR D 29 -17.03 35.76 25.26
C TYR D 29 -16.72 34.29 25.54
N ASP D 30 -17.76 33.46 25.52
CA ASP D 30 -17.63 32.02 25.74
C ASP D 30 -17.78 31.31 24.41
N ASN D 31 -16.79 30.49 24.06
CA ASN D 31 -16.83 29.74 22.80
C ASN D 31 -17.61 28.45 22.90
N ARG D 32 -18.07 28.07 24.10
CA ARG D 32 -18.83 26.85 24.30
C ARG D 32 -20.33 27.02 24.09
N LEU D 33 -20.79 28.25 23.85
CA LEU D 33 -22.20 28.54 23.65
C LEU D 33 -22.40 29.10 22.25
N ARG D 34 -23.38 28.55 21.53
CA ARG D 34 -23.68 29.02 20.20
C ARG D 34 -24.31 30.42 20.25
N PRO D 35 -24.15 31.22 19.19
CA PRO D 35 -24.78 32.54 19.19
C PRO D 35 -26.30 32.44 19.21
N GLY D 36 -26.93 33.40 19.86
CA GLY D 36 -28.38 33.42 19.94
C GLY D 36 -28.96 32.21 20.64
N LEU D 37 -28.31 31.74 21.70
CA LEU D 37 -28.80 30.59 22.44
C LEU D 37 -30.03 30.96 23.25
N GLY D 38 -31.07 30.15 23.16
CA GLY D 38 -32.29 30.39 23.91
C GLY D 38 -33.06 31.62 23.47
N GLU D 39 -32.74 32.19 22.32
CA GLU D 39 -33.43 33.38 21.82
C GLU D 39 -33.92 33.18 20.40
N ARG D 40 -33.22 32.35 19.64
CA ARG D 40 -33.57 32.10 18.24
C ARG D 40 -32.82 30.85 17.80
N ILE D 41 -32.92 30.54 16.50
CA ILE D 41 -32.25 29.39 15.91
C ILE D 41 -31.13 29.89 15.02
N THR D 42 -29.92 29.39 15.27
CA THR D 42 -28.76 29.81 14.48
C THR D 42 -28.92 29.36 13.04
N GLN D 43 -28.62 30.27 12.11
CA GLN D 43 -28.70 29.98 10.68
C GLN D 43 -27.31 30.06 10.08
N VAL D 44 -26.94 29.04 9.31
CA VAL D 44 -25.63 28.93 8.71
C VAL D 44 -25.78 28.80 7.20
N ARG D 45 -25.04 29.61 6.45
CA ARG D 45 -25.00 29.54 5.00
C ARG D 45 -23.69 28.89 4.56
N THR D 46 -23.80 27.86 3.73
CA THR D 46 -22.66 27.06 3.31
C THR D 46 -22.43 27.23 1.81
N ASP D 47 -21.19 27.55 1.45
CA ASP D 47 -20.77 27.62 0.05
C ASP D 47 -19.48 26.82 -0.11
N MET D 48 -19.38 26.08 -1.21
CA MET D 48 -18.28 25.15 -1.42
C MET D 48 -17.58 25.48 -2.74
N TYR D 49 -16.25 25.41 -2.71
CA TYR D 49 -15.41 25.57 -3.89
C TYR D 49 -14.51 24.35 -4.01
N VAL D 50 -14.57 23.69 -5.16
CA VAL D 50 -13.83 22.45 -5.38
C VAL D 50 -12.49 22.78 -6.04
N ASN D 51 -11.42 22.70 -5.26
CA ASN D 51 -10.09 22.96 -5.81
C ASN D 51 -9.72 21.92 -6.86
N SER D 52 -9.99 20.64 -6.58
CA SER D 52 -9.64 19.58 -7.50
C SER D 52 -10.42 18.32 -7.11
N PHE D 53 -11.12 17.74 -8.08
CA PHE D 53 -11.87 16.50 -7.87
C PHE D 53 -10.90 15.34 -8.08
N GLY D 54 -10.38 14.79 -7.00
CA GLY D 54 -9.38 13.76 -7.06
C GLY D 54 -9.85 12.51 -7.78
N PRO D 55 -8.97 11.51 -7.89
CA PRO D 55 -9.34 10.29 -8.61
C PRO D 55 -10.48 9.56 -7.93
N VAL D 56 -11.28 8.87 -8.74
CA VAL D 56 -12.43 8.12 -8.26
C VAL D 56 -12.02 6.65 -8.31
N SER D 57 -11.54 6.13 -7.19
CA SER D 57 -11.18 4.72 -7.11
C SER D 57 -12.43 3.86 -7.24
N ASP D 58 -12.36 2.85 -8.12
CA ASP D 58 -13.50 1.98 -8.36
C ASP D 58 -13.54 0.78 -7.41
N THR D 59 -12.39 0.15 -7.18
CA THR D 59 -12.37 -1.08 -6.38
C THR D 59 -12.88 -0.82 -4.97
N GLU D 60 -12.46 0.29 -4.36
CA GLU D 60 -12.81 0.59 -2.98
C GLU D 60 -14.04 1.48 -2.85
N MET D 61 -14.69 1.82 -3.96
CA MET D 61 -15.91 2.65 -3.92
C MET D 61 -15.66 3.96 -3.19
N GLU D 62 -14.51 4.58 -3.45
CA GLU D 62 -14.12 5.81 -2.79
C GLU D 62 -13.63 6.81 -3.82
N TYR D 63 -13.81 8.09 -3.50
CA TYR D 63 -13.30 9.18 -4.33
C TYR D 63 -12.73 10.25 -3.42
N THR D 64 -11.66 10.90 -3.90
CA THR D 64 -10.98 11.95 -3.16
C THR D 64 -11.34 13.30 -3.75
N ILE D 65 -11.69 14.26 -2.90
CA ILE D 65 -12.07 15.60 -3.32
C ILE D 65 -11.44 16.60 -2.37
N ASP D 66 -10.89 17.68 -2.92
CA ASP D 66 -10.34 18.78 -2.15
C ASP D 66 -11.22 20.01 -2.37
N ILE D 67 -11.74 20.57 -1.29
CA ILE D 67 -12.68 21.68 -1.35
C ILE D 67 -12.28 22.74 -0.33
N PHE D 68 -12.73 23.98 -0.61
CA PHE D 68 -12.61 25.07 0.35
C PHE D 68 -13.98 25.29 0.97
N PHE D 69 -14.28 24.46 1.98
CA PHE D 69 -15.56 24.54 2.65
C PHE D 69 -15.69 25.85 3.40
N ALA D 70 -16.81 26.54 3.21
CA ALA D 70 -17.04 27.86 3.80
C ALA D 70 -18.38 27.87 4.51
N GLN D 71 -18.41 28.53 5.67
CA GLN D 71 -19.61 28.67 6.47
C GLN D 71 -19.76 30.11 6.92
N THR D 72 -21.00 30.61 6.92
CA THR D 72 -21.31 31.97 7.33
C THR D 72 -22.46 31.94 8.33
N TRP D 73 -22.34 32.75 9.38
CA TRP D 73 -23.37 32.83 10.40
C TRP D 73 -23.30 34.20 11.07
N LYS D 74 -24.36 34.53 11.79
CA LYS D 74 -24.48 35.82 12.44
C LYS D 74 -24.24 35.66 13.94
N ASP D 75 -23.40 36.52 14.50
CA ASP D 75 -23.07 36.49 15.92
C ASP D 75 -23.08 37.93 16.44
N GLU D 76 -24.07 38.27 17.26
CA GLU D 76 -24.17 39.62 17.79
C GLU D 76 -23.09 39.92 18.82
N ARG D 77 -22.52 38.88 19.46
CA ARG D 77 -21.50 39.12 20.47
C ARG D 77 -20.22 39.69 19.89
N LEU D 78 -20.02 39.59 18.57
CA LEU D 78 -18.80 40.05 17.91
C LEU D 78 -18.98 41.42 17.27
N ARG D 79 -20.09 42.09 17.51
CA ARG D 79 -20.30 43.42 16.94
C ARG D 79 -19.23 44.39 17.43
N PHE D 80 -18.76 45.24 16.53
CA PHE D 80 -17.72 46.19 16.85
C PHE D 80 -17.86 47.42 15.97
N LYS D 81 -17.25 48.52 16.40
CA LYS D 81 -17.25 49.78 15.66
C LYS D 81 -15.81 50.24 15.50
N GLY D 82 -15.44 50.60 14.27
CA GLY D 82 -14.10 51.05 13.99
C GLY D 82 -13.95 51.57 12.57
N PRO D 83 -12.80 52.17 12.27
CA PRO D 83 -12.59 52.70 10.92
C PRO D 83 -12.67 51.66 9.83
N MET D 84 -12.25 50.42 10.11
CA MET D 84 -12.23 49.36 9.12
C MET D 84 -13.50 48.53 9.25
N GLN D 85 -14.15 48.26 8.12
CA GLN D 85 -15.42 47.54 8.11
C GLN D 85 -15.25 46.02 8.13
N ARG D 86 -14.02 45.53 8.04
CA ARG D 86 -13.76 44.09 8.04
C ARG D 86 -12.49 43.82 8.83
N LEU D 87 -12.38 42.58 9.34
CA LEU D 87 -11.25 42.16 10.16
C LEU D 87 -10.71 40.85 9.62
N PRO D 88 -9.93 40.88 8.54
CA PRO D 88 -9.27 39.65 8.07
C PRO D 88 -8.36 39.09 9.15
N LEU D 89 -8.35 37.77 9.26
CA LEU D 89 -7.58 37.09 10.30
C LEU D 89 -7.12 35.74 9.77
N ASN D 90 -6.66 34.89 10.68
CA ASN D 90 -6.14 33.57 10.31
C ASN D 90 -6.60 32.58 11.38
N ASN D 91 -5.99 31.39 11.38
CA ASN D 91 -6.40 30.32 12.28
C ASN D 91 -6.17 30.64 13.74
N LEU D 92 -5.38 31.67 14.05
CA LEU D 92 -5.06 31.96 15.45
C LEU D 92 -6.31 32.23 16.26
N LEU D 93 -7.24 33.01 15.72
CA LEU D 93 -8.47 33.34 16.41
C LEU D 93 -9.61 32.37 16.13
N ALA D 94 -9.38 31.37 15.26
CA ALA D 94 -10.45 30.44 14.92
C ALA D 94 -10.91 29.65 16.15
N SER D 95 -9.97 29.18 16.96
CA SER D 95 -10.30 28.38 18.12
C SER D 95 -10.77 29.20 19.31
N LYS D 96 -10.61 30.53 19.27
CA LYS D 96 -11.00 31.38 20.39
C LYS D 96 -12.49 31.71 20.41
N ILE D 97 -13.23 31.36 19.36
CA ILE D 97 -14.65 31.66 19.27
C ILE D 97 -15.40 30.37 18.96
N TRP D 98 -16.73 30.49 18.92
CA TRP D 98 -17.59 29.34 18.64
C TRP D 98 -17.69 29.11 17.13
N THR D 99 -17.61 27.85 16.74
CA THR D 99 -17.76 27.44 15.36
C THR D 99 -18.64 26.21 15.30
N PRO D 100 -19.37 26.01 14.20
CA PRO D 100 -20.23 24.84 14.09
C PRO D 100 -19.42 23.55 14.05
N ASP D 101 -20.03 22.49 14.57
CA ASP D 101 -19.39 21.16 14.59
C ASP D 101 -19.77 20.36 13.36
N THR D 102 -19.54 20.94 12.18
CA THR D 102 -19.89 20.28 10.93
C THR D 102 -19.02 19.05 10.72
N PHE D 103 -19.61 18.00 10.14
CA PHE D 103 -18.90 16.78 9.83
C PHE D 103 -19.52 16.14 8.60
N PHE D 104 -18.77 15.26 7.95
CA PHE D 104 -19.20 14.59 6.74
C PHE D 104 -19.62 13.16 7.08
N HIS D 105 -20.86 12.82 6.75
CA HIS D 105 -21.38 11.48 7.06
C HIS D 105 -20.65 10.41 6.27
N ASN D 106 -20.50 10.62 4.96
CA ASN D 106 -19.89 9.63 4.09
C ASN D 106 -18.38 9.71 4.05
N GLY D 107 -17.77 10.70 4.72
CA GLY D 107 -16.33 10.79 4.76
C GLY D 107 -15.70 9.70 5.60
N LYS D 108 -15.03 8.75 4.95
CA LYS D 108 -14.41 7.66 5.67
C LYS D 108 -13.16 8.12 6.41
N LYS D 109 -12.40 9.03 5.82
CA LYS D 109 -11.18 9.53 6.45
C LYS D 109 -10.89 10.92 5.88
N SER D 110 -11.08 11.95 6.70
CA SER D 110 -10.88 13.33 6.29
C SER D 110 -9.72 13.93 7.09
N PHE D 111 -8.80 14.59 6.39
CA PHE D 111 -7.66 15.24 7.01
C PHE D 111 -7.51 16.64 6.45
N ALA D 112 -6.96 17.54 7.27
CA ALA D 112 -6.78 18.92 6.88
C ALA D 112 -5.37 19.14 6.35
N HIS D 113 -5.10 20.37 5.91
CA HIS D 113 -3.77 20.77 5.44
C HIS D 113 -3.21 21.79 6.42
N TRP D 114 -2.03 21.51 6.95
CA TRP D 114 -1.41 22.34 7.98
C TRP D 114 -0.20 23.10 7.48
N MET D 115 0.25 22.86 6.24
CA MET D 115 1.43 23.51 5.70
C MET D 115 1.03 24.45 4.57
N THR D 116 1.65 25.63 4.52
CA THR D 116 2.67 26.13 5.44
C THR D 116 2.05 26.51 6.77
N THR D 117 0.80 26.95 6.73
CA THR D 117 0.02 27.33 7.89
C THR D 117 -1.35 26.69 7.81
N PRO D 118 -1.96 26.32 8.95
CA PRO D 118 -3.33 25.80 8.91
C PRO D 118 -4.24 26.65 8.05
N ASN D 119 -4.77 26.07 6.97
CA ASN D 119 -5.54 26.82 5.97
C ASN D 119 -6.92 27.13 6.52
N ARG D 120 -7.00 28.23 7.27
CA ARG D 120 -8.26 28.70 7.83
C ARG D 120 -8.26 30.22 7.81
N MET D 121 -9.43 30.80 7.49
CA MET D 121 -9.60 32.23 7.46
C MET D 121 -10.83 32.61 8.28
N LEU D 122 -10.75 33.78 8.91
CA LEU D 122 -11.84 34.29 9.75
C LEU D 122 -12.01 35.76 9.45
N ARG D 123 -13.19 36.13 8.96
CA ARG D 123 -13.52 37.52 8.65
C ARG D 123 -14.76 37.93 9.42
N ILE D 124 -14.71 39.12 10.02
CA ILE D 124 -15.79 39.62 10.86
C ILE D 124 -16.13 41.03 10.41
N TRP D 125 -17.42 41.32 10.30
CA TRP D 125 -17.92 42.63 9.93
C TRP D 125 -18.51 43.34 11.14
N ASN D 126 -18.87 44.61 10.94
CA ASN D 126 -19.39 45.41 12.04
C ASN D 126 -20.70 44.84 12.57
N ASP D 127 -21.58 44.39 11.68
CA ASP D 127 -22.87 43.85 12.10
C ASP D 127 -22.72 42.57 12.91
N GLY D 128 -21.56 41.93 12.87
CA GLY D 128 -21.33 40.69 13.57
C GLY D 128 -21.35 39.45 12.70
N ARG D 129 -21.54 39.60 11.39
CA ARG D 129 -21.49 38.46 10.50
C ARG D 129 -20.09 37.87 10.48
N VAL D 130 -20.00 36.54 10.45
CA VAL D 130 -18.74 35.82 10.54
C VAL D 130 -18.61 34.92 9.32
N LEU D 131 -17.45 34.95 8.68
CA LEU D 131 -17.12 34.06 7.58
C LEU D 131 -15.97 33.16 8.00
N TYR D 132 -16.18 31.85 7.89
CA TYR D 132 -15.19 30.86 8.31
C TYR D 132 -15.07 29.81 7.21
N THR D 133 -13.90 29.73 6.60
CA THR D 133 -13.64 28.78 5.51
C THR D 133 -12.49 27.87 5.89
N LEU D 134 -12.59 26.61 5.49
CA LEU D 134 -11.60 25.59 5.82
C LEU D 134 -11.31 24.75 4.59
N ARG D 135 -10.05 24.36 4.43
CA ARG D 135 -9.64 23.48 3.35
C ARG D 135 -9.62 22.04 3.86
N LEU D 136 -10.25 21.14 3.11
CA LEU D 136 -10.39 19.75 3.52
C LEU D 136 -10.12 18.83 2.34
N THR D 137 -9.66 17.63 2.67
CA THR D 137 -9.50 16.54 1.71
C THR D 137 -10.32 15.37 2.23
N ILE D 138 -11.36 15.00 1.49
CA ILE D 138 -12.35 14.02 1.94
C ILE D 138 -12.21 12.77 1.08
N SER D 139 -11.98 11.64 1.73
CA SER D 139 -11.98 10.34 1.05
C SER D 139 -13.34 9.66 1.21
N ALA D 140 -14.36 10.32 0.66
CA ALA D 140 -15.73 9.87 0.83
C ALA D 140 -15.98 8.58 0.06
N GLU D 141 -17.07 7.90 0.42
CA GLU D 141 -17.48 6.66 -0.22
C GLU D 141 -18.62 6.95 -1.19
N CYS D 142 -18.52 6.40 -2.40
CA CYS D 142 -19.50 6.60 -3.46
C CYS D 142 -19.96 5.25 -3.97
N PRO D 143 -20.98 4.65 -3.35
CA PRO D 143 -21.49 3.38 -3.87
C PRO D 143 -21.99 3.53 -5.29
N MET D 144 -21.73 2.51 -6.11
CA MET D 144 -22.06 2.54 -7.52
C MET D 144 -22.81 1.27 -7.90
N ASP D 145 -23.83 1.42 -8.73
CA ASP D 145 -24.59 0.29 -9.28
C ASP D 145 -24.07 0.05 -10.69
N LEU D 146 -23.17 -0.93 -10.82
CA LEU D 146 -22.51 -1.21 -12.10
C LEU D 146 -23.31 -2.18 -12.94
N GLU D 147 -24.59 -1.88 -13.14
CA GLU D 147 -25.43 -2.72 -14.00
C GLU D 147 -25.15 -2.45 -15.47
N ASP D 148 -24.90 -1.20 -15.83
CA ASP D 148 -24.62 -0.81 -17.20
C ASP D 148 -23.14 -0.54 -17.44
N PHE D 149 -22.28 -0.97 -16.54
CA PHE D 149 -20.85 -0.71 -16.70
C PHE D 149 -20.35 -1.35 -17.99
N PRO D 150 -19.49 -0.65 -18.76
CA PRO D 150 -18.94 0.69 -18.52
C PRO D 150 -19.84 1.82 -19.01
N MET D 151 -21.01 1.52 -19.57
CA MET D 151 -21.95 2.55 -19.99
C MET D 151 -22.88 2.92 -18.84
N ASP D 152 -22.28 3.39 -17.74
CA ASP D 152 -23.00 3.71 -16.52
C ASP D 152 -22.71 5.14 -16.09
N GLU D 153 -23.71 5.77 -15.49
CA GLU D 153 -23.59 7.12 -14.95
C GLU D 153 -23.70 7.05 -13.43
N GLN D 154 -22.75 7.68 -12.75
CA GLN D 154 -22.66 7.62 -11.30
C GLN D 154 -22.95 8.99 -10.70
N ASN D 155 -23.66 8.99 -9.58
CA ASN D 155 -24.05 10.21 -8.87
C ASN D 155 -23.49 10.12 -7.46
N CYS D 156 -22.26 10.58 -7.28
CA CYS D 156 -21.60 10.52 -5.99
C CYS D 156 -22.10 11.65 -5.09
N PRO D 157 -22.70 11.35 -3.93
CA PRO D 157 -23.18 12.43 -3.06
C PRO D 157 -22.11 12.92 -2.09
N LEU D 158 -22.45 13.94 -1.29
CA LEU D 158 -21.55 14.45 -0.27
C LEU D 158 -22.42 15.01 0.85
N LYS D 159 -22.58 14.24 1.92
CA LYS D 159 -23.48 14.57 3.01
C LYS D 159 -22.68 15.12 4.20
N PHE D 160 -23.17 16.21 4.77
CA PHE D 160 -22.54 16.80 5.94
C PHE D 160 -23.60 17.51 6.77
N GLY D 161 -23.29 17.71 8.05
CA GLY D 161 -24.21 18.38 8.95
C GLY D 161 -23.61 18.50 10.33
N SER D 162 -24.37 19.13 11.22
CA SER D 162 -23.93 19.32 12.59
C SER D 162 -23.92 18.00 13.35
N TYR D 163 -22.97 17.87 14.27
CA TYR D 163 -22.83 16.67 15.09
C TYR D 163 -23.54 16.77 16.43
N ALA D 164 -23.66 17.96 16.99
CA ALA D 164 -24.23 18.14 18.32
C ALA D 164 -25.46 19.03 18.36
N TYR D 165 -25.69 19.88 17.35
CA TYR D 165 -26.80 20.81 17.38
C TYR D 165 -27.92 20.29 16.49
N PRO D 166 -29.08 19.93 17.03
CA PRO D 166 -30.18 19.43 16.18
C PRO D 166 -30.73 20.49 15.25
N ASN D 167 -31.73 20.11 14.44
CA ASN D 167 -32.33 21.05 13.50
C ASN D 167 -32.99 22.22 14.23
N SER D 168 -33.40 22.02 15.49
CA SER D 168 -34.07 23.07 16.24
C SER D 168 -33.11 24.16 16.71
N GLU D 169 -31.80 23.95 16.60
CA GLU D 169 -30.81 24.91 17.06
C GLU D 169 -29.94 25.45 15.93
N VAL D 170 -29.41 24.58 15.07
CA VAL D 170 -28.55 24.98 13.96
C VAL D 170 -29.15 24.43 12.69
N VAL D 171 -29.27 25.29 11.67
CA VAL D 171 -29.83 24.91 10.38
C VAL D 171 -28.85 25.33 9.30
N TYR D 172 -28.58 24.42 8.36
CA TYR D 172 -27.70 24.68 7.23
C TYR D 172 -28.53 24.91 5.98
N VAL D 173 -28.22 25.97 5.24
CA VAL D 173 -28.92 26.31 4.00
C VAL D 173 -27.90 26.77 2.98
N TRP D 174 -28.08 26.33 1.74
CA TRP D 174 -27.21 26.78 0.66
C TRP D 174 -27.49 28.25 0.34
N THR D 175 -26.46 28.94 -0.17
CA THR D 175 -26.54 30.36 -0.46
C THR D 175 -26.88 30.58 -1.92
N ASN D 176 -27.87 31.43 -2.17
CA ASN D 176 -28.27 31.77 -3.54
C ASN D 176 -28.66 30.47 -4.26
N GLY D 177 -28.40 30.41 -5.57
CA GLY D 177 -28.75 29.25 -6.35
C GLY D 177 -27.70 28.15 -6.25
N SER D 178 -27.98 27.06 -6.97
CA SER D 178 -27.07 25.91 -6.96
C SER D 178 -25.72 26.27 -7.57
N THR D 179 -25.73 27.09 -8.63
CA THR D 179 -24.49 27.43 -9.31
C THR D 179 -23.51 28.13 -8.37
N LYS D 180 -24.00 29.09 -7.59
CA LYS D 180 -23.15 29.81 -6.66
C LYS D 180 -22.80 28.97 -5.43
N SER D 181 -23.69 28.05 -5.04
CA SER D 181 -23.42 27.24 -3.85
C SER D 181 -22.19 26.38 -4.04
N VAL D 182 -22.03 25.76 -5.21
CA VAL D 182 -20.92 24.87 -5.51
C VAL D 182 -20.19 25.42 -6.73
N VAL D 183 -18.88 25.56 -6.62
CA VAL D 183 -18.02 26.04 -7.69
C VAL D 183 -16.88 25.07 -7.88
N VAL D 184 -16.60 24.72 -9.13
CA VAL D 184 -15.55 23.77 -9.47
C VAL D 184 -14.53 24.47 -10.36
N ALA D 185 -13.25 24.35 -10.01
CA ALA D 185 -12.20 24.96 -10.80
C ALA D 185 -12.13 24.33 -12.19
N GLU D 186 -11.69 25.12 -13.16
CA GLU D 186 -11.61 24.63 -14.53
C GLU D 186 -10.66 23.44 -14.64
N ASP D 187 -9.50 23.54 -14.01
CA ASP D 187 -8.53 22.45 -14.02
C ASP D 187 -8.79 21.42 -12.93
N GLY D 188 -9.67 21.72 -11.97
CA GLY D 188 -9.94 20.77 -10.90
C GLY D 188 -10.62 19.51 -11.39
N SER D 189 -11.59 19.66 -12.29
CA SER D 189 -12.36 18.52 -12.81
C SER D 189 -11.57 17.87 -13.94
N ARG D 190 -10.63 17.00 -13.54
CA ARG D 190 -9.80 16.26 -14.49
C ARG D 190 -9.68 14.83 -13.98
N LEU D 191 -10.46 13.93 -14.56
CA LEU D 191 -10.45 12.51 -14.21
C LEU D 191 -10.08 11.68 -15.43
N ASN D 192 -9.35 10.61 -15.18
CA ASN D 192 -8.85 9.78 -16.28
C ASN D 192 -9.96 8.98 -16.94
N GLN D 193 -11.01 8.63 -16.19
CA GLN D 193 -12.06 7.77 -16.72
C GLN D 193 -13.44 8.28 -16.30
N TYR D 194 -13.62 9.58 -16.16
CA TYR D 194 -14.92 10.14 -15.80
C TYR D 194 -15.04 11.56 -16.35
N HIS D 195 -16.28 11.99 -16.51
CA HIS D 195 -16.61 13.35 -16.91
C HIS D 195 -17.53 13.97 -15.87
N LEU D 196 -17.20 15.18 -15.42
CA LEU D 196 -17.99 15.89 -14.42
C LEU D 196 -19.08 16.67 -15.15
N MET D 197 -20.22 16.01 -15.38
CA MET D 197 -21.29 16.63 -16.15
C MET D 197 -21.85 17.85 -15.43
N GLY D 198 -22.06 17.76 -14.13
CA GLY D 198 -22.63 18.86 -13.38
C GLY D 198 -22.74 18.51 -11.91
N GLN D 199 -23.30 19.46 -11.16
CA GLN D 199 -23.46 19.32 -9.72
C GLN D 199 -24.86 19.75 -9.32
N THR D 200 -25.33 19.19 -8.20
CA THR D 200 -26.62 19.54 -7.66
C THR D 200 -26.55 19.48 -6.13
N VAL D 201 -27.49 20.17 -5.49
CA VAL D 201 -27.53 20.26 -4.04
C VAL D 201 -28.96 20.00 -3.56
N GLY D 202 -29.07 19.63 -2.29
CA GLY D 202 -30.36 19.36 -1.69
C GLY D 202 -30.26 19.32 -0.18
N THR D 203 -31.42 19.47 0.46
CA THR D 203 -31.52 19.48 1.92
C THR D 203 -32.65 18.56 2.36
N GLU D 204 -32.48 17.96 3.53
CA GLU D 204 -33.48 17.06 4.08
C GLU D 204 -33.29 16.95 5.57
N ASN D 205 -34.32 16.45 6.25
CA ASN D 205 -34.31 16.22 7.69
C ASN D 205 -34.37 14.73 7.97
N ILE D 206 -33.65 14.30 9.00
CA ILE D 206 -33.64 12.91 9.45
C ILE D 206 -33.90 12.89 10.94
N SER D 207 -34.78 11.99 11.38
CA SER D 207 -35.11 11.84 12.79
C SER D 207 -34.29 10.70 13.39
N THR D 208 -33.65 10.98 14.52
CA THR D 208 -32.81 10.01 15.21
C THR D 208 -33.14 10.03 16.70
N SER D 209 -32.51 9.09 17.43
CA SER D 209 -32.75 9.01 18.87
C SER D 209 -32.27 10.27 19.57
N THR D 210 -31.26 10.95 19.03
CA THR D 210 -30.73 12.17 19.62
C THR D 210 -31.42 13.43 19.12
N GLY D 211 -32.41 13.31 18.25
CA GLY D 211 -33.15 14.43 17.72
C GLY D 211 -33.05 14.50 16.21
N GLU D 212 -33.70 15.53 15.66
CA GLU D 212 -33.72 15.76 14.23
C GLU D 212 -32.54 16.63 13.82
N TYR D 213 -31.83 16.20 12.78
CA TYR D 213 -30.66 16.92 12.28
C TYR D 213 -30.83 17.17 10.79
N THR D 214 -30.62 18.41 10.37
CA THR D 214 -30.67 18.74 8.96
C THR D 214 -29.45 18.18 8.24
N ILE D 215 -29.67 17.72 7.01
CA ILE D 215 -28.63 17.09 6.20
C ILE D 215 -28.46 17.91 4.92
N MET D 216 -27.21 18.28 4.62
CA MET D 216 -26.87 18.98 3.39
C MET D 216 -26.13 18.00 2.48
N THR D 217 -26.68 17.78 1.29
CA THR D 217 -26.15 16.80 0.36
C THR D 217 -25.82 17.48 -0.96
N ALA D 218 -24.63 17.21 -1.48
CA ALA D 218 -24.19 17.69 -2.78
C ALA D 218 -23.89 16.49 -3.67
N HIS D 219 -24.50 16.47 -4.85
CA HIS D 219 -24.39 15.36 -5.78
C HIS D 219 -23.59 15.79 -7.00
N PHE D 220 -22.64 14.95 -7.40
CA PHE D 220 -21.81 15.19 -8.58
C PHE D 220 -22.18 14.18 -9.66
N HIS D 221 -22.52 14.67 -10.85
CA HIS D 221 -22.92 13.82 -11.96
C HIS D 221 -21.66 13.36 -12.70
N LEU D 222 -21.43 12.05 -12.74
CA LEU D 222 -20.26 11.47 -13.38
C LEU D 222 -20.69 10.65 -14.59
N LYS D 223 -20.10 10.92 -15.74
CA LYS D 223 -20.34 10.18 -16.97
C LYS D 223 -19.03 9.50 -17.35
N ARG D 224 -18.95 8.20 -17.12
CA ARG D 224 -17.74 7.45 -17.43
C ARG D 224 -17.41 7.57 -18.92
N LYS D 225 -16.15 7.85 -19.23
CA LYS D 225 -15.70 7.96 -20.60
C LYS D 225 -15.15 6.61 -21.07
N ILE D 226 -15.63 6.15 -22.22
CA ILE D 226 -15.22 4.87 -22.75
C ILE D 226 -14.02 5.06 -23.67
N GLY D 227 -13.25 4.00 -23.87
CA GLY D 227 -12.06 4.04 -24.69
C GLY D 227 -10.92 3.26 -24.08
N TYR D 228 -10.81 3.29 -22.75
CA TYR D 228 -9.80 2.49 -22.07
C TYR D 228 -10.18 1.01 -22.10
N PHE D 229 -11.45 0.70 -21.84
CA PHE D 229 -11.88 -0.69 -21.85
C PHE D 229 -11.94 -1.24 -23.27
N VAL D 230 -12.21 -0.38 -24.26
CA VAL D 230 -12.22 -0.83 -25.65
C VAL D 230 -10.83 -1.33 -26.04
N ILE D 231 -9.79 -0.58 -25.68
CA ILE D 231 -8.43 -1.01 -25.98
C ILE D 231 -7.96 -2.12 -25.04
N GLN D 232 -8.63 -2.31 -23.92
CA GLN D 232 -8.21 -3.27 -22.90
C GLN D 232 -8.98 -4.58 -22.95
N THR D 233 -10.30 -4.52 -23.12
CA THR D 233 -11.15 -5.70 -23.05
C THR D 233 -11.86 -6.01 -24.36
N TYR D 234 -12.57 -5.04 -24.94
CA TYR D 234 -13.41 -5.34 -26.09
C TYR D 234 -12.57 -5.74 -27.30
N LEU D 235 -11.55 -4.94 -27.64
CA LEU D 235 -10.78 -5.22 -28.85
C LEU D 235 -10.09 -6.58 -28.78
N PRO D 236 -9.40 -6.95 -27.71
CA PRO D 236 -8.84 -8.32 -27.65
C PRO D 236 -9.89 -9.39 -27.84
N CYS D 237 -11.08 -9.19 -27.26
CA CYS D 237 -12.16 -10.17 -27.44
C CYS D 237 -12.64 -10.20 -28.89
N ILE D 238 -12.81 -9.03 -29.50
CA ILE D 238 -13.31 -8.98 -30.88
C ILE D 238 -12.34 -9.66 -31.83
N MET D 239 -11.05 -9.35 -31.69
CA MET D 239 -10.05 -9.98 -32.56
C MET D 239 -9.97 -11.48 -32.30
N THR D 240 -10.11 -11.89 -31.04
CA THR D 240 -10.07 -13.32 -30.72
C THR D 240 -11.19 -14.07 -31.43
N VAL D 241 -12.40 -13.50 -31.45
CA VAL D 241 -13.51 -14.14 -32.14
C VAL D 241 -13.21 -14.25 -33.64
N ILE D 242 -12.67 -13.19 -34.23
CA ILE D 242 -12.30 -13.23 -35.64
C ILE D 242 -11.26 -14.31 -35.88
N LEU D 243 -10.32 -14.48 -34.95
CA LEU D 243 -9.29 -15.50 -35.10
C LEU D 243 -9.91 -16.90 -35.17
N SER D 244 -10.92 -17.16 -34.34
CA SER D 244 -11.55 -18.47 -34.35
C SER D 244 -12.21 -18.76 -35.69
N GLN D 245 -12.88 -17.76 -36.27
CA GLN D 245 -13.56 -17.96 -37.54
C GLN D 245 -12.61 -18.32 -38.67
N VAL D 246 -11.31 -18.06 -38.51
CA VAL D 246 -10.34 -18.42 -39.54
C VAL D 246 -10.31 -19.92 -39.75
N SER D 247 -10.58 -20.70 -38.70
CA SER D 247 -10.57 -22.16 -38.82
C SER D 247 -11.58 -22.65 -39.84
N PHE D 248 -12.66 -21.89 -40.05
CA PHE D 248 -13.68 -22.30 -41.01
C PHE D 248 -13.14 -22.32 -42.44
N TRP D 249 -12.04 -21.63 -42.70
CA TRP D 249 -11.44 -21.59 -44.03
C TRP D 249 -10.37 -22.66 -44.24
N LEU D 250 -10.15 -23.52 -43.25
CA LEU D 250 -9.16 -24.58 -43.35
C LEU D 250 -9.84 -25.90 -43.71
N ASN D 251 -9.06 -26.79 -44.32
CA ASN D 251 -9.60 -28.08 -44.74
C ASN D 251 -9.96 -28.93 -43.54
N ARG D 252 -10.99 -29.77 -43.71
CA ARG D 252 -11.45 -30.62 -42.62
C ARG D 252 -10.37 -31.60 -42.17
N GLU D 253 -9.65 -32.19 -43.13
CA GLU D 253 -8.63 -33.18 -42.77
C GLU D 253 -7.54 -32.58 -41.90
N SER D 254 -7.36 -31.27 -41.92
CA SER D 254 -6.37 -30.61 -41.07
C SER D 254 -6.93 -30.53 -39.65
N VAL D 255 -7.07 -31.71 -39.03
CA VAL D 255 -7.66 -31.78 -37.70
C VAL D 255 -6.79 -31.05 -36.68
N ALA D 256 -5.47 -31.28 -36.73
CA ALA D 256 -4.59 -30.64 -35.77
C ALA D 256 -4.58 -29.13 -35.93
N ALA D 257 -4.56 -28.64 -37.18
CA ALA D 257 -4.48 -27.21 -37.40
C ALA D 257 -5.69 -26.48 -36.83
N ARG D 258 -6.89 -27.00 -37.10
CA ARG D 258 -8.10 -26.36 -36.61
C ARG D 258 -8.28 -26.55 -35.11
N THR D 259 -7.69 -27.60 -34.53
CA THR D 259 -7.79 -27.81 -33.09
C THR D 259 -7.12 -26.67 -32.33
N VAL D 260 -5.97 -26.21 -32.82
CA VAL D 260 -5.24 -25.15 -32.12
C VAL D 260 -6.09 -23.89 -32.03
N PHE D 261 -6.75 -23.51 -33.12
CA PHE D 261 -7.56 -22.30 -33.12
C PHE D 261 -8.66 -22.39 -32.07
N GLY D 262 -9.40 -23.50 -32.04
CA GLY D 262 -10.50 -23.62 -31.11
C GLY D 262 -10.02 -23.64 -29.66
N VAL D 263 -8.99 -24.42 -29.36
CA VAL D 263 -8.51 -24.53 -27.99
C VAL D 263 -7.88 -23.21 -27.55
N THR D 264 -7.00 -22.65 -28.37
CA THR D 264 -6.31 -21.42 -27.98
C THR D 264 -7.28 -20.26 -27.81
N THR D 265 -8.25 -20.12 -28.72
CA THR D 265 -9.18 -19.01 -28.64
C THR D 265 -10.05 -19.11 -27.38
N VAL D 266 -10.53 -20.32 -27.06
CA VAL D 266 -11.38 -20.50 -25.89
C VAL D 266 -10.62 -20.13 -24.62
N LEU D 267 -9.38 -20.60 -24.51
CA LEU D 267 -8.58 -20.26 -23.33
C LEU D 267 -8.27 -18.77 -23.29
N THR D 268 -8.03 -18.17 -24.45
CA THR D 268 -7.73 -16.74 -24.49
C THR D 268 -8.90 -15.93 -23.94
N MET D 269 -10.13 -16.29 -24.31
CA MET D 269 -11.29 -15.60 -23.77
C MET D 269 -11.42 -15.80 -22.27
N THR D 270 -11.11 -17.01 -21.80
CA THR D 270 -11.25 -17.30 -20.37
C THR D 270 -10.34 -16.41 -19.54
N THR D 271 -9.08 -16.25 -19.97
CA THR D 271 -8.16 -15.40 -19.21
C THR D 271 -8.54 -13.93 -19.31
N LEU D 272 -9.10 -13.50 -20.45
CA LEU D 272 -9.53 -12.11 -20.58
C LEU D 272 -10.61 -11.77 -19.56
N SER D 273 -11.57 -12.69 -19.36
CA SER D 273 -12.62 -12.43 -18.39
C SER D 273 -12.05 -12.27 -16.99
N ILE D 274 -11.10 -13.14 -16.62
CA ILE D 274 -10.47 -13.02 -15.31
C ILE D 274 -9.68 -11.72 -15.21
N SER D 275 -8.89 -11.42 -16.25
CA SER D 275 -8.09 -10.21 -16.22
C SER D 275 -8.96 -8.96 -16.23
N ALA D 276 -10.06 -8.99 -16.98
CA ALA D 276 -10.92 -7.82 -17.09
C ALA D 276 -11.49 -7.42 -15.73
N ARG D 277 -11.90 -8.41 -14.93
CA ARG D 277 -12.53 -8.12 -13.64
C ARG D 277 -11.53 -7.87 -12.53
N ASN D 278 -10.23 -8.00 -12.80
CA ASN D 278 -9.23 -7.72 -11.77
C ASN D 278 -9.33 -6.27 -11.30
N SER D 279 -9.46 -5.33 -12.25
CA SER D 279 -9.66 -3.93 -11.89
C SER D 279 -11.08 -3.66 -11.44
N LEU D 280 -12.05 -4.38 -12.01
CA LEU D 280 -13.44 -4.15 -11.66
C LEU D 280 -13.70 -4.57 -10.21
N PRO D 281 -14.58 -3.87 -9.49
CA PRO D 281 -14.90 -4.29 -8.13
C PRO D 281 -15.55 -5.66 -8.10
N LYS D 282 -15.34 -6.37 -6.99
CA LYS D 282 -15.86 -7.72 -6.82
C LYS D 282 -17.35 -7.66 -6.49
N VAL D 283 -18.13 -7.30 -7.50
CA VAL D 283 -19.58 -7.19 -7.38
C VAL D 283 -20.20 -8.54 -7.71
N ALA D 284 -21.24 -8.90 -6.96
CA ALA D 284 -21.90 -10.21 -7.12
C ALA D 284 -23.07 -10.13 -8.10
N TYR D 285 -22.82 -9.59 -9.29
CA TYR D 285 -23.81 -9.57 -10.34
C TYR D 285 -23.12 -9.32 -11.67
N ALA D 286 -23.82 -9.64 -12.76
CA ALA D 286 -23.26 -9.54 -14.09
C ALA D 286 -23.42 -8.12 -14.63
N THR D 287 -22.36 -7.61 -15.25
CA THR D 287 -22.36 -6.29 -15.86
C THR D 287 -22.57 -6.42 -17.37
N ALA D 288 -22.74 -5.26 -18.02
CA ALA D 288 -22.94 -5.27 -19.47
C ALA D 288 -21.71 -5.83 -20.18
N MET D 289 -20.52 -5.47 -19.71
CA MET D 289 -19.30 -6.02 -20.30
C MET D 289 -19.23 -7.53 -20.13
N ASP D 290 -19.70 -8.04 -19.00
CA ASP D 290 -19.68 -9.47 -18.76
C ASP D 290 -20.51 -10.22 -19.80
N TRP D 291 -21.68 -9.70 -20.14
CA TRP D 291 -22.50 -10.33 -21.16
C TRP D 291 -21.79 -10.33 -22.51
N PHE D 292 -21.13 -9.22 -22.85
CA PHE D 292 -20.40 -9.16 -24.11
C PHE D 292 -19.31 -10.21 -24.16
N ILE D 293 -18.56 -10.38 -23.06
CA ILE D 293 -17.53 -11.42 -23.02
C ILE D 293 -18.15 -12.80 -23.15
N ALA D 294 -19.27 -13.02 -22.44
CA ALA D 294 -19.93 -14.32 -22.51
C ALA D 294 -20.39 -14.64 -23.93
N VAL D 295 -20.97 -13.65 -24.61
CA VAL D 295 -21.40 -13.87 -25.99
C VAL D 295 -20.21 -14.18 -26.88
N CYS D 296 -19.11 -13.44 -26.72
CA CYS D 296 -17.90 -13.72 -27.49
C CYS D 296 -17.38 -15.11 -27.18
N TYR D 297 -17.47 -15.53 -25.92
CA TYR D 297 -17.04 -16.87 -25.55
C TYR D 297 -17.87 -17.92 -26.27
N ALA D 298 -19.18 -17.68 -26.43
CA ALA D 298 -20.03 -18.62 -27.12
C ALA D 298 -19.61 -18.80 -28.58
N PHE D 299 -19.29 -17.70 -29.25
CA PHE D 299 -18.91 -17.78 -30.65
C PHE D 299 -17.67 -18.64 -30.85
N VAL D 300 -16.62 -18.37 -30.07
CA VAL D 300 -15.39 -19.16 -30.18
C VAL D 300 -15.66 -20.60 -29.77
N PHE D 301 -16.41 -20.80 -28.68
CA PHE D 301 -16.74 -22.15 -28.26
C PHE D 301 -17.63 -22.84 -29.29
N SER D 302 -18.59 -22.11 -29.86
CA SER D 302 -19.47 -22.68 -30.87
C SER D 302 -18.68 -23.12 -32.10
N ALA D 303 -17.68 -22.32 -32.49
CA ALA D 303 -16.87 -22.69 -33.64
C ALA D 303 -16.17 -24.01 -33.43
N LEU D 304 -15.63 -24.24 -32.23
CA LEU D 304 -14.99 -25.53 -31.94
C LEU D 304 -16.00 -26.66 -32.02
N LEU D 305 -17.21 -26.45 -31.50
CA LEU D 305 -18.24 -27.48 -31.59
C LEU D 305 -18.57 -27.80 -33.05
N GLU D 306 -18.66 -26.77 -33.90
CA GLU D 306 -18.93 -26.99 -35.30
C GLU D 306 -17.85 -27.86 -35.94
N PHE D 307 -16.59 -27.56 -35.64
CA PHE D 307 -15.49 -28.37 -36.18
C PHE D 307 -15.59 -29.81 -35.70
N ALA D 308 -15.86 -30.01 -34.41
CA ALA D 308 -16.00 -31.36 -33.89
C ALA D 308 -17.16 -32.10 -34.54
N PHE D 309 -18.30 -31.42 -34.69
CA PHE D 309 -19.44 -32.05 -35.35
C PHE D 309 -19.13 -32.38 -36.79
N VAL D 310 -18.48 -31.46 -37.50
CA VAL D 310 -18.13 -31.70 -38.91
C VAL D 310 -17.16 -32.88 -39.01
N ASN D 311 -16.15 -32.90 -38.15
CA ASN D 311 -15.18 -33.99 -38.18
C ASN D 311 -15.80 -35.32 -37.78
N TYR D 312 -16.91 -35.31 -37.05
CA TYR D 312 -17.54 -36.56 -36.62
C TYR D 312 -18.31 -37.23 -37.76
N ILE D 313 -18.86 -36.44 -38.69
CA ILE D 313 -19.67 -36.97 -39.78
C ILE D 313 -18.96 -36.84 -41.12
N THR D 314 -17.70 -36.43 -41.13
CA THR D 314 -16.96 -36.29 -42.37
C THR D 314 -16.72 -37.62 -43.08
N LYS D 315 -16.91 -38.74 -42.39
CA LYS D 315 -16.71 -40.05 -42.99
C LYS D 315 -18.01 -40.66 -43.51
N SER D 316 -19.10 -40.50 -42.77
CA SER D 316 -20.37 -41.12 -43.17
C SER D 316 -21.03 -40.34 -44.31
N GLN D 317 -21.23 -39.04 -44.12
CA GLN D 317 -21.90 -38.18 -45.10
C GLN D 317 -21.04 -36.95 -45.34
N PRO D 318 -19.97 -37.09 -46.14
CA PRO D 318 -19.13 -35.92 -46.42
C PRO D 318 -19.87 -34.78 -47.10
N ALA D 319 -20.91 -35.09 -47.87
CA ALA D 319 -21.61 -34.04 -48.61
C ALA D 319 -22.17 -32.98 -47.67
N ARG D 320 -22.83 -33.40 -46.60
CA ARG D 320 -23.39 -32.43 -45.65
C ARG D 320 -22.29 -31.73 -44.88
N ALA D 321 -21.18 -32.41 -44.61
CA ALA D 321 -20.09 -31.78 -43.86
C ALA D 321 -19.54 -30.58 -44.60
N ALA D 322 -19.34 -30.70 -45.91
CA ALA D 322 -18.83 -29.58 -46.70
C ALA D 322 -19.81 -28.41 -46.68
N LYS D 323 -21.11 -28.70 -46.80
CA LYS D 323 -22.10 -27.63 -46.81
C LYS D 323 -22.10 -26.86 -45.50
N ILE D 324 -22.01 -27.58 -44.37
CA ILE D 324 -22.00 -26.91 -43.07
C ILE D 324 -20.79 -26.02 -42.93
N ASP D 325 -19.61 -26.52 -43.32
CA ASP D 325 -18.40 -25.72 -43.22
C ASP D 325 -18.49 -24.46 -44.08
N LYS D 326 -18.98 -24.61 -45.32
CA LYS D 326 -19.13 -23.45 -46.19
C LYS D 326 -20.12 -22.45 -45.62
N MET D 327 -21.25 -22.94 -45.10
CA MET D 327 -22.25 -22.05 -44.53
C MET D 327 -21.70 -21.32 -43.30
N SER D 328 -20.93 -22.02 -42.47
CA SER D 328 -20.42 -21.42 -41.25
C SER D 328 -19.54 -20.21 -41.56
N ARG D 329 -18.87 -20.20 -42.72
CA ARG D 329 -18.01 -19.07 -43.07
C ARG D 329 -18.80 -17.78 -43.23
N ILE D 330 -20.10 -17.87 -43.50
CA ILE D 330 -20.93 -16.70 -43.72
C ILE D 330 -21.80 -16.38 -42.51
N VAL D 331 -22.39 -17.41 -41.90
CA VAL D 331 -23.33 -17.17 -40.80
C VAL D 331 -22.61 -16.55 -39.61
N PHE D 332 -21.45 -17.12 -39.24
CA PHE D 332 -20.77 -16.65 -38.03
C PHE D 332 -20.38 -15.19 -38.10
N PRO D 333 -19.71 -14.70 -39.15
CA PRO D 333 -19.38 -13.27 -39.19
C PRO D 333 -20.60 -12.37 -39.12
N ILE D 334 -21.71 -12.76 -39.74
CA ILE D 334 -22.90 -11.92 -39.75
C ILE D 334 -23.48 -11.81 -38.35
N LEU D 335 -23.60 -12.93 -37.65
CA LEU D 335 -24.19 -12.91 -36.32
C LEU D 335 -23.35 -12.07 -35.36
N PHE D 336 -22.03 -12.23 -35.42
CA PHE D 336 -21.16 -11.44 -34.54
C PHE D 336 -21.28 -9.96 -34.85
N GLY D 337 -21.30 -9.59 -36.13
CA GLY D 337 -21.47 -8.19 -36.48
C GLY D 337 -22.83 -7.66 -36.09
N THR D 338 -23.89 -8.45 -36.30
CA THR D 338 -25.23 -8.02 -35.92
C THR D 338 -25.33 -7.82 -34.42
N PHE D 339 -24.71 -8.71 -33.63
CA PHE D 339 -24.77 -8.59 -32.18
C PHE D 339 -24.14 -7.29 -31.71
N ASN D 340 -23.01 -6.91 -32.32
CA ASN D 340 -22.34 -5.67 -31.90
C ASN D 340 -23.24 -4.46 -32.10
N LEU D 341 -23.92 -4.38 -33.23
CA LEU D 341 -24.79 -3.24 -33.49
C LEU D 341 -25.89 -3.13 -32.44
N VAL D 342 -26.51 -4.25 -32.09
CA VAL D 342 -27.54 -4.23 -31.05
C VAL D 342 -26.92 -3.87 -29.71
N TYR D 343 -25.77 -4.47 -29.38
CA TYR D 343 -25.14 -4.21 -28.09
C TYR D 343 -24.74 -2.75 -27.95
N TRP D 344 -23.99 -2.22 -28.92
CA TRP D 344 -23.55 -0.83 -28.83
C TRP D 344 -24.73 0.13 -28.90
N ALA D 345 -25.69 -0.13 -29.79
CA ALA D 345 -26.84 0.75 -29.91
C ALA D 345 -27.68 0.74 -28.65
N THR D 346 -27.84 -0.43 -28.03
CA THR D 346 -28.69 -0.54 -26.85
C THR D 346 -28.19 0.35 -25.73
N TYR D 347 -26.88 0.34 -25.47
CA TYR D 347 -26.30 1.13 -24.38
C TYR D 347 -25.94 2.54 -24.81
N LEU D 348 -25.48 2.73 -26.05
CA LEU D 348 -25.11 4.06 -26.54
C LEU D 348 -26.34 4.78 -27.09
N ASN D 349 -27.32 4.97 -26.21
CA ASN D 349 -28.56 5.64 -26.57
C ASN D 349 -29.45 5.83 -25.34
N ASN E 14 27.14 39.29 28.30
CA ASN E 14 27.31 39.40 26.85
C ASN E 14 26.19 38.70 26.10
N ILE E 15 25.60 37.69 26.74
CA ILE E 15 24.51 36.93 26.14
C ILE E 15 23.18 37.47 26.63
N THR E 16 23.17 38.04 27.84
CA THR E 16 21.93 38.58 28.40
C THR E 16 21.38 39.73 27.55
N ILE E 17 22.23 40.41 26.78
CA ILE E 17 21.75 41.50 25.94
C ILE E 17 20.75 40.97 24.91
N PHE E 18 21.04 39.81 24.32
CA PHE E 18 20.14 39.25 23.32
C PHE E 18 18.78 38.92 23.93
N THR E 19 18.77 38.39 25.15
CA THR E 19 17.50 38.03 25.78
C THR E 19 16.62 39.25 25.97
N ARG E 20 17.20 40.38 26.40
CA ARG E 20 16.40 41.59 26.57
C ARG E 20 15.81 42.05 25.25
N ILE E 21 16.59 41.99 24.17
CA ILE E 21 16.09 42.43 22.87
C ILE E 21 14.90 41.60 22.45
N LEU E 22 14.99 40.27 22.59
CA LEU E 22 13.87 39.41 22.21
C LEU E 22 12.63 39.72 23.03
N ASP E 23 12.79 39.93 24.34
CA ASP E 23 11.65 40.25 25.18
C ASP E 23 11.00 41.56 24.75
N GLY E 24 11.81 42.57 24.43
CA GLY E 24 11.26 43.84 24.02
C GLY E 24 10.43 43.76 22.76
N LEU E 25 10.91 43.01 21.77
CA LEU E 25 10.16 42.87 20.52
C LEU E 25 8.82 42.20 20.76
N LEU E 26 8.78 41.15 21.58
CA LEU E 26 7.54 40.45 21.86
C LEU E 26 6.61 41.25 22.77
N ASP E 27 7.10 42.31 23.41
CA ASP E 27 6.28 43.12 24.29
C ASP E 27 5.38 44.03 23.45
N GLY E 28 4.08 43.81 23.55
CA GLY E 28 3.12 44.59 22.78
C GLY E 28 3.00 44.20 21.33
N TYR E 29 3.52 43.04 20.94
CA TYR E 29 3.47 42.56 19.56
C TYR E 29 2.37 41.53 19.42
N ASP E 30 1.47 41.75 18.46
CA ASP E 30 0.36 40.83 18.19
C ASP E 30 0.67 40.08 16.91
N ASN E 31 0.64 38.74 17.00
CA ASN E 31 0.91 37.89 15.84
C ASN E 31 -0.31 37.69 14.95
N ARG E 32 -1.48 38.18 15.36
CA ARG E 32 -2.70 38.02 14.59
C ARG E 32 -2.90 39.12 13.56
N LEU E 33 -2.02 40.14 13.55
CA LEU E 33 -2.14 41.26 12.63
C LEU E 33 -0.91 41.30 11.73
N ARG E 34 -1.13 41.42 10.42
CA ARG E 34 -0.03 41.48 9.48
C ARG E 34 0.71 42.81 9.62
N PRO E 35 2.00 42.84 9.28
CA PRO E 35 2.74 44.11 9.36
C PRO E 35 2.19 45.13 8.37
N GLY E 36 2.25 46.40 8.78
CA GLY E 36 1.76 47.48 7.92
C GLY E 36 0.28 47.36 7.61
N LEU E 37 -0.52 46.97 8.59
CA LEU E 37 -1.96 46.84 8.36
C LEU E 37 -2.61 48.22 8.30
N GLY E 38 -3.44 48.43 7.28
CA GLY E 38 -4.12 49.70 7.12
C GLY E 38 -3.22 50.86 6.78
N GLU E 39 -1.97 50.60 6.39
CA GLU E 39 -1.04 51.68 6.05
C GLU E 39 -0.42 51.43 4.68
N ARG E 40 -0.28 50.17 4.30
CA ARG E 40 0.32 49.80 3.02
C ARG E 40 -0.04 48.35 2.73
N ILE E 41 0.56 47.80 1.67
CA ILE E 41 0.34 46.42 1.25
C ILE E 41 1.61 45.63 1.54
N THR E 42 1.48 44.54 2.29
CA THR E 42 2.63 43.72 2.63
C THR E 42 3.20 43.08 1.38
N GLN E 43 4.52 43.12 1.23
CA GLN E 43 5.22 42.54 0.10
C GLN E 43 6.09 41.39 0.58
N VAL E 44 5.99 40.25 -0.08
CA VAL E 44 6.71 39.03 0.29
C VAL E 44 7.54 38.57 -0.89
N ARG E 45 8.82 38.29 -0.64
CA ARG E 45 9.72 37.75 -1.66
C ARG E 45 9.95 36.27 -1.37
N THR E 46 9.73 35.43 -2.38
CA THR E 46 9.80 33.99 -2.24
C THR E 46 10.94 33.44 -3.06
N ASP E 47 11.79 32.62 -2.44
CA ASP E 47 12.87 31.91 -3.11
C ASP E 47 12.81 30.45 -2.69
N MET E 48 13.03 29.56 -3.65
CA MET E 48 12.86 28.13 -3.44
C MET E 48 14.16 27.39 -3.78
N TYR E 49 14.50 26.41 -2.95
CA TYR E 49 15.62 25.52 -3.19
C TYR E 49 15.12 24.08 -3.14
N VAL E 50 15.39 23.33 -4.21
CA VAL E 50 14.89 21.97 -4.34
C VAL E 50 15.96 21.01 -3.85
N ASN E 51 15.73 20.44 -2.65
CA ASN E 51 16.68 19.49 -2.11
C ASN E 51 16.75 18.23 -2.97
N SER E 52 15.59 17.73 -3.41
CA SER E 52 15.54 16.51 -4.20
C SER E 52 14.18 16.42 -4.88
N PHE E 53 14.17 16.24 -6.20
CA PHE E 53 12.95 16.07 -6.96
C PHE E 53 12.57 14.60 -6.92
N GLY E 54 11.63 14.25 -6.04
CA GLY E 54 11.27 12.87 -5.82
C GLY E 54 10.71 12.20 -7.06
N PRO E 55 10.37 10.93 -6.94
CA PRO E 55 9.86 10.19 -8.10
C PRO E 55 8.55 10.77 -8.62
N VAL E 56 8.35 10.65 -9.93
CA VAL E 56 7.15 11.16 -10.59
C VAL E 56 6.28 9.95 -10.90
N SER E 57 5.34 9.65 -10.01
CA SER E 57 4.42 8.55 -10.23
C SER E 57 3.52 8.87 -11.41
N ASP E 58 3.40 7.92 -12.33
CA ASP E 58 2.59 8.11 -13.54
C ASP E 58 1.14 7.71 -13.34
N THR E 59 0.89 6.57 -12.68
CA THR E 59 -0.47 6.07 -12.55
C THR E 59 -1.36 7.05 -11.80
N GLU E 60 -0.85 7.63 -10.72
CA GLU E 60 -1.64 8.53 -9.89
C GLU E 60 -1.47 10.00 -10.25
N MET E 61 -0.72 10.31 -11.30
CA MET E 61 -0.53 11.70 -11.74
C MET E 61 -0.02 12.57 -10.61
N GLU E 62 0.94 12.04 -9.84
CA GLU E 62 1.49 12.75 -8.70
C GLU E 62 3.01 12.68 -8.74
N TYR E 63 3.65 13.70 -8.18
CA TYR E 63 5.10 13.74 -8.04
C TYR E 63 5.44 14.29 -6.67
N THR E 64 6.53 13.79 -6.10
CA THR E 64 7.00 14.18 -4.77
C THR E 64 8.22 15.08 -4.94
N ILE E 65 8.22 16.20 -4.23
CA ILE E 65 9.32 17.16 -4.27
C ILE E 65 9.60 17.65 -2.87
N ASP E 66 10.88 17.74 -2.52
CA ASP E 66 11.32 18.27 -1.24
C ASP E 66 12.05 19.58 -1.50
N ILE E 67 11.58 20.66 -0.88
CA ILE E 67 12.12 22.00 -1.12
C ILE E 67 12.32 22.71 0.21
N PHE E 68 13.23 23.70 0.19
CA PHE E 68 13.42 24.61 1.31
C PHE E 68 12.74 25.93 0.97
N PHE E 69 11.43 25.96 1.17
CA PHE E 69 10.65 27.15 0.85
C PHE E 69 11.04 28.29 1.77
N ALA E 70 11.30 29.46 1.18
CA ALA E 70 11.77 30.63 1.91
C ALA E 70 10.91 31.83 1.57
N GLN E 71 10.60 32.64 2.59
CA GLN E 71 9.82 33.85 2.43
C GLN E 71 10.50 34.99 3.17
N THR E 72 10.46 36.17 2.56
CA THR E 72 11.05 37.37 3.15
C THR E 72 10.04 38.51 3.10
N TRP E 73 9.96 39.27 4.19
CA TRP E 73 9.04 40.39 4.28
C TRP E 73 9.59 41.40 5.27
N LYS E 74 9.03 42.60 5.23
CA LYS E 74 9.47 43.72 6.06
C LYS E 74 8.47 43.93 7.19
N ASP E 75 8.97 44.05 8.41
CA ASP E 75 8.13 44.26 9.59
C ASP E 75 8.81 45.32 10.46
N GLU E 76 8.21 46.50 10.52
CA GLU E 76 8.78 47.59 11.31
C GLU E 76 8.65 47.35 12.81
N ARG E 77 7.71 46.51 13.24
CA ARG E 77 7.53 46.25 14.67
C ARG E 77 8.70 45.50 15.27
N LEU E 78 9.54 44.87 14.44
CA LEU E 78 10.66 44.07 14.92
C LEU E 78 11.99 44.83 14.86
N ARG E 79 11.96 46.12 14.56
CA ARG E 79 13.18 46.91 14.52
C ARG E 79 13.87 46.89 15.88
N PHE E 80 15.20 46.78 15.85
CA PHE E 80 15.99 46.73 17.07
C PHE E 80 17.36 47.31 16.81
N LYS E 81 18.04 47.70 17.89
CA LYS E 81 19.39 48.23 17.83
C LYS E 81 20.27 47.43 18.79
N GLY E 82 21.42 46.99 18.30
CA GLY E 82 22.34 46.23 19.11
C GLY E 82 23.66 45.97 18.42
N PRO E 83 24.63 45.41 19.14
CA PRO E 83 25.94 45.15 18.53
C PRO E 83 25.88 44.20 17.36
N MET E 84 24.97 43.23 17.37
CA MET E 84 24.86 42.23 16.32
C MET E 84 23.80 42.67 15.30
N GLN E 85 24.15 42.60 14.02
CA GLN E 85 23.26 43.05 12.96
C GLN E 85 22.24 42.00 12.54
N ARG E 86 22.33 40.78 13.07
CA ARG E 86 21.40 39.72 12.72
C ARG E 86 21.10 38.89 13.97
N LEU E 87 19.95 38.22 13.94
CA LEU E 87 19.47 37.42 15.07
C LEU E 87 19.06 36.05 14.56
N PRO E 88 20.02 35.17 14.31
CA PRO E 88 19.67 33.78 13.97
C PRO E 88 18.86 33.13 15.08
N LEU E 89 17.87 32.34 14.70
CA LEU E 89 16.96 31.72 15.65
C LEU E 89 16.51 30.39 15.09
N ASN E 90 15.46 29.82 15.71
CA ASN E 90 14.94 28.52 15.31
C ASN E 90 13.41 28.58 15.40
N ASN E 91 12.77 27.41 15.35
CA ASN E 91 11.31 27.33 15.34
C ASN E 91 10.67 27.86 16.61
N LEU E 92 11.43 28.03 17.69
CA LEU E 92 10.83 28.43 18.95
C LEU E 92 10.11 29.77 18.83
N LEU E 93 10.72 30.73 18.15
CA LEU E 93 10.13 32.05 17.97
C LEU E 93 9.27 32.16 16.71
N ALA E 94 9.21 31.10 15.90
CA ALA E 94 8.45 31.18 14.66
C ALA E 94 6.96 31.42 14.93
N SER E 95 6.41 30.73 15.92
CA SER E 95 4.98 30.84 16.23
C SER E 95 4.66 32.09 17.04
N LYS E 96 5.65 32.78 17.59
CA LYS E 96 5.41 33.94 18.43
C LYS E 96 5.16 35.22 17.63
N ILE E 97 5.36 35.19 16.31
CA ILE E 97 5.20 36.36 15.46
C ILE E 97 4.26 36.00 14.32
N TRP E 98 3.97 37.01 13.49
CA TRP E 98 3.08 36.82 12.35
C TRP E 98 3.85 36.26 11.16
N THR E 99 3.25 35.28 10.49
CA THR E 99 3.81 34.68 9.29
C THR E 99 2.72 34.54 8.26
N PRO E 100 3.06 34.57 6.97
CA PRO E 100 2.04 34.42 5.93
C PRO E 100 1.42 33.03 5.95
N ASP E 101 0.15 32.98 5.55
CA ASP E 101 -0.59 31.72 5.49
C ASP E 101 -0.47 31.09 4.11
N THR E 102 0.76 30.90 3.65
CA THR E 102 0.99 30.32 2.33
C THR E 102 0.54 28.87 2.29
N PHE E 103 -0.01 28.46 1.14
CA PHE E 103 -0.43 27.09 0.94
C PHE E 103 -0.29 26.74 -0.53
N PHE E 104 -0.25 25.44 -0.81
CA PHE E 104 -0.07 24.94 -2.18
C PHE E 104 -1.43 24.47 -2.71
N HIS E 105 -1.84 25.04 -3.85
CA HIS E 105 -3.13 24.67 -4.42
C HIS E 105 -3.14 23.23 -4.90
N ASN E 106 -2.11 22.82 -5.63
CA ASN E 106 -2.05 21.49 -6.22
C ASN E 106 -1.50 20.45 -5.25
N GLY E 107 -1.06 20.85 -4.06
CA GLY E 107 -0.57 19.89 -3.09
C GLY E 107 -1.68 19.04 -2.51
N LYS E 108 -1.71 17.76 -2.88
CA LYS E 108 -2.76 16.88 -2.38
C LYS E 108 -2.53 16.52 -0.92
N LYS E 109 -1.26 16.35 -0.52
CA LYS E 109 -0.95 15.99 0.86
C LYS E 109 0.48 16.45 1.14
N SER E 110 0.61 17.49 1.96
CA SER E 110 1.91 18.06 2.30
C SER E 110 2.17 17.87 3.79
N PHE E 111 3.37 17.40 4.12
CA PHE E 111 3.76 17.19 5.50
C PHE E 111 5.16 17.76 5.71
N ALA E 112 5.42 18.20 6.94
CA ALA E 112 6.71 18.79 7.28
C ALA E 112 7.64 17.74 7.88
N HIS E 113 8.86 18.16 8.19
CA HIS E 113 9.86 17.32 8.84
C HIS E 113 10.11 17.87 10.24
N TRP E 114 9.93 17.02 11.24
CA TRP E 114 10.04 17.43 12.64
C TRP E 114 11.27 16.86 13.34
N MET E 115 12.03 16.00 12.68
CA MET E 115 13.21 15.37 13.27
C MET E 115 14.46 15.88 12.58
N THR E 116 15.52 16.14 13.35
CA THR E 116 15.59 16.03 14.81
C THR E 116 14.81 17.15 15.48
N THR E 117 14.77 18.29 14.81
CA THR E 117 14.03 19.47 15.27
C THR E 117 13.22 20.02 14.12
N PRO E 118 12.04 20.61 14.40
CA PRO E 118 11.27 21.24 13.31
C PRO E 118 12.15 22.14 12.46
N ASN E 119 12.26 21.80 11.17
CA ASN E 119 13.19 22.49 10.27
C ASN E 119 12.63 23.85 9.89
N ARG E 120 12.90 24.83 10.75
CA ARG E 120 12.47 26.21 10.52
C ARG E 120 13.55 27.15 11.05
N MET E 121 13.79 28.22 10.30
CA MET E 121 14.77 29.23 10.68
C MET E 121 14.13 30.60 10.61
N LEU E 122 14.56 31.48 11.52
CA LEU E 122 14.05 32.84 11.60
C LEU E 122 15.22 33.78 11.81
N ARG E 123 15.43 34.69 10.86
CA ARG E 123 16.50 35.67 10.94
C ARG E 123 15.90 37.07 10.84
N ILE E 124 16.36 37.97 11.71
CA ILE E 124 15.84 39.33 11.80
C ILE E 124 17.01 40.29 11.77
N TRP E 125 16.89 41.36 10.99
CA TRP E 125 17.89 42.40 10.89
C TRP E 125 17.42 43.66 11.60
N ASN E 126 18.32 44.64 11.70
CA ASN E 126 18.02 45.86 12.42
C ASN E 126 16.86 46.62 11.76
N ASP E 127 16.85 46.68 10.42
CA ASP E 127 15.81 47.41 9.72
C ASP E 127 14.44 46.78 9.90
N GLY E 128 14.38 45.53 10.38
CA GLY E 128 13.13 44.83 10.57
C GLY E 128 12.81 43.80 9.52
N ARG E 129 13.71 43.60 8.54
CA ARG E 129 13.49 42.55 7.54
C ARG E 129 13.53 41.19 8.21
N VAL E 130 12.64 40.30 7.76
CA VAL E 130 12.48 38.98 8.35
C VAL E 130 12.67 37.93 7.27
N LEU E 131 13.47 36.91 7.57
CA LEU E 131 13.65 35.76 6.70
C LEU E 131 13.10 34.52 7.38
N TYR E 132 12.20 33.82 6.72
CA TYR E 132 11.53 32.64 7.27
C TYR E 132 11.54 31.55 6.21
N THR E 133 12.24 30.46 6.49
CA THR E 133 12.36 29.34 5.57
C THR E 133 11.83 28.07 6.22
N LEU E 134 11.18 27.23 5.43
CA LEU E 134 10.56 26.01 5.91
C LEU E 134 10.86 24.88 4.94
N ARG E 135 11.08 23.68 5.49
CA ARG E 135 11.28 22.48 4.69
C ARG E 135 9.96 21.75 4.54
N LEU E 136 9.61 21.40 3.30
CA LEU E 136 8.33 20.78 2.99
C LEU E 136 8.52 19.63 2.03
N THR E 137 7.62 18.66 2.11
CA THR E 137 7.52 17.56 1.15
C THR E 137 6.12 17.59 0.58
N ILE E 138 6.01 17.87 -0.73
CA ILE E 138 4.74 18.11 -1.38
C ILE E 138 4.46 16.96 -2.34
N SER E 139 3.32 16.30 -2.15
CA SER E 139 2.84 15.28 -3.08
C SER E 139 1.85 15.89 -4.07
N ALA E 140 2.35 16.83 -4.86
CA ALA E 140 1.50 17.60 -5.76
C ALA E 140 1.02 16.73 -6.91
N GLU E 141 -0.02 17.21 -7.59
CA GLU E 141 -0.61 16.52 -8.74
C GLU E 141 -0.13 17.19 -10.02
N CYS E 142 0.30 16.38 -10.98
CA CYS E 142 0.82 16.86 -12.26
C CYS E 142 0.06 16.19 -13.39
N PRO E 143 -1.07 16.75 -13.81
CA PRO E 143 -1.80 16.15 -14.95
C PRO E 143 -0.92 16.14 -16.19
N MET E 144 -1.02 15.06 -16.95
CA MET E 144 -0.20 14.84 -18.14
C MET E 144 -1.07 14.46 -19.33
N ASP E 145 -0.75 15.02 -20.49
CA ASP E 145 -1.41 14.68 -21.74
C ASP E 145 -0.51 13.69 -22.47
N LEU E 146 -0.84 12.40 -22.35
CA LEU E 146 -0.01 11.34 -22.91
C LEU E 146 -0.40 11.03 -24.35
N GLU E 147 -0.46 12.07 -25.19
CA GLU E 147 -0.74 11.87 -26.61
C GLU E 147 0.48 11.34 -27.35
N ASP E 148 1.67 11.83 -26.99
CA ASP E 148 2.91 11.42 -27.63
C ASP E 148 3.71 10.44 -26.77
N PHE E 149 3.10 9.86 -25.75
CA PHE E 149 3.81 8.95 -24.88
C PHE E 149 4.36 7.77 -25.68
N PRO E 150 5.61 7.33 -25.42
CA PRO E 150 6.56 7.84 -24.43
C PRO E 150 7.38 9.03 -24.92
N MET E 151 7.17 9.50 -26.15
CA MET E 151 7.88 10.67 -26.66
C MET E 151 7.10 11.95 -26.32
N ASP E 152 6.92 12.16 -25.03
CA ASP E 152 6.13 13.28 -24.51
C ASP E 152 6.95 14.09 -23.52
N GLU E 153 6.69 15.39 -23.51
CA GLU E 153 7.31 16.33 -22.58
C GLU E 153 6.25 16.86 -21.63
N GLN E 154 6.55 16.79 -20.33
CA GLN E 154 5.60 17.17 -19.29
C GLN E 154 6.08 18.41 -18.57
N ASN E 155 5.15 19.30 -18.25
CA ASN E 155 5.42 20.56 -17.57
C ASN E 155 4.62 20.56 -16.26
N CYS E 156 5.21 20.03 -15.20
CA CYS E 156 4.53 19.95 -13.92
C CYS E 156 4.59 21.30 -13.21
N PRO E 157 3.45 21.92 -12.89
CA PRO E 157 3.50 23.21 -12.20
C PRO E 157 3.55 23.08 -10.69
N LEU E 158 3.64 24.21 -10.00
CA LEU E 158 3.62 24.22 -8.53
C LEU E 158 3.02 25.56 -8.11
N LYS E 159 1.74 25.55 -7.75
CA LYS E 159 1.00 26.76 -7.43
C LYS E 159 0.86 26.91 -5.93
N PHE E 160 1.11 28.13 -5.44
CA PHE E 160 0.95 28.43 -4.03
C PHE E 160 0.59 29.90 -3.86
N GLY E 161 0.00 30.21 -2.71
CA GLY E 161 -0.39 31.58 -2.44
C GLY E 161 -1.01 31.67 -1.06
N SER E 162 -1.39 32.91 -0.71
CA SER E 162 -2.00 33.16 0.60
C SER E 162 -3.40 32.58 0.65
N TYR E 163 -3.80 32.14 1.84
CA TYR E 163 -5.11 31.56 2.06
C TYR E 163 -6.13 32.56 2.57
N ALA E 164 -5.70 33.58 3.32
CA ALA E 164 -6.61 34.53 3.94
C ALA E 164 -6.39 35.98 3.51
N TYR E 165 -5.22 36.33 2.98
CA TYR E 165 -4.92 37.71 2.63
C TYR E 165 -5.06 37.89 1.12
N PRO E 166 -6.02 38.67 0.64
CA PRO E 166 -6.16 38.86 -0.82
C PRO E 166 -4.99 39.63 -1.42
N ASN E 167 -5.04 39.83 -2.74
CA ASN E 167 -3.97 40.54 -3.43
C ASN E 167 -3.81 41.97 -2.93
N SER E 168 -4.89 42.54 -2.39
CA SER E 168 -4.84 43.92 -1.91
C SER E 168 -4.09 44.06 -0.59
N GLU E 169 -3.77 42.96 0.08
CA GLU E 169 -3.09 43.00 1.37
C GLU E 169 -1.72 42.35 1.32
N VAL E 170 -1.61 41.15 0.75
CA VAL E 170 -0.35 40.41 0.67
C VAL E 170 -0.09 40.07 -0.79
N VAL E 171 1.12 40.36 -1.25
CA VAL E 171 1.53 40.11 -2.63
C VAL E 171 2.82 39.30 -2.62
N TYR E 172 2.87 38.24 -3.42
CA TYR E 172 4.05 37.40 -3.55
C TYR E 172 4.76 37.72 -4.86
N VAL E 173 6.07 37.92 -4.79
CA VAL E 173 6.88 38.22 -5.96
C VAL E 173 8.18 37.44 -5.87
N TRP E 174 8.62 36.88 -6.99
CA TRP E 174 9.90 36.19 -7.03
C TRP E 174 11.04 37.20 -6.89
N THR E 175 12.17 36.72 -6.36
CA THR E 175 13.32 37.56 -6.09
C THR E 175 14.31 37.46 -7.24
N ASN E 176 14.77 38.60 -7.73
CA ASN E 176 15.77 38.66 -8.81
C ASN E 176 15.21 37.90 -10.02
N GLY E 177 16.08 37.24 -10.78
CA GLY E 177 15.66 36.50 -11.95
C GLY E 177 15.16 35.12 -11.62
N SER E 178 14.76 34.41 -12.68
CA SER E 178 14.24 33.05 -12.51
C SER E 178 15.31 32.11 -11.96
N THR E 179 16.56 32.28 -12.40
CA THR E 179 17.61 31.37 -11.96
C THR E 179 17.80 31.42 -10.45
N LYS E 180 17.83 32.62 -9.88
CA LYS E 180 17.99 32.75 -8.44
C LYS E 180 16.72 32.38 -7.67
N SER E 181 15.55 32.58 -8.30
CA SER E 181 14.30 32.28 -7.61
C SER E 181 14.19 30.81 -7.26
N VAL E 182 14.56 29.94 -8.19
CA VAL E 182 14.48 28.49 -8.03
C VAL E 182 15.88 27.90 -8.21
N VAL E 183 16.31 27.09 -7.25
CA VAL E 183 17.60 26.43 -7.29
C VAL E 183 17.40 24.95 -7.05
N VAL E 184 18.04 24.12 -7.86
CA VAL E 184 17.93 22.67 -7.77
C VAL E 184 19.30 22.09 -7.50
N ALA E 185 19.39 21.22 -6.50
CA ALA E 185 20.65 20.58 -6.16
C ALA E 185 21.12 19.68 -7.30
N GLU E 186 22.44 19.53 -7.41
CA GLU E 186 23.00 18.73 -8.49
C GLU E 186 22.53 17.28 -8.40
N ASP E 187 22.56 16.71 -7.20
CA ASP E 187 22.09 15.34 -6.99
C ASP E 187 20.59 15.26 -6.75
N GLY E 188 19.91 16.38 -6.54
CA GLY E 188 18.48 16.34 -6.32
C GLY E 188 17.71 15.90 -7.53
N SER E 189 18.09 16.38 -8.71
CA SER E 189 17.39 16.05 -9.95
C SER E 189 17.90 14.71 -10.47
N ARG E 190 17.33 13.64 -9.93
CA ARG E 190 17.67 12.27 -10.32
C ARG E 190 16.38 11.48 -10.41
N LEU E 191 15.89 11.29 -11.63
CA LEU E 191 14.67 10.52 -11.88
C LEU E 191 14.99 9.34 -12.78
N ASN E 192 14.30 8.22 -12.54
CA ASN E 192 14.59 7.00 -13.28
C ASN E 192 14.11 7.09 -14.72
N GLN E 193 13.06 7.86 -14.99
CA GLN E 193 12.48 7.92 -16.33
C GLN E 193 12.12 9.35 -16.72
N TYR E 194 12.90 10.33 -16.27
CA TYR E 194 12.66 11.72 -16.64
C TYR E 194 13.96 12.50 -16.59
N HIS E 195 13.99 13.60 -17.32
CA HIS E 195 15.10 14.55 -17.32
C HIS E 195 14.57 15.92 -16.95
N LEU E 196 15.23 16.59 -16.00
CA LEU E 196 14.84 17.91 -15.56
C LEU E 196 15.53 18.94 -16.47
N MET E 197 14.85 19.26 -17.58
CA MET E 197 15.46 20.17 -18.56
C MET E 197 15.67 21.55 -17.97
N GLY E 198 14.70 22.07 -17.23
CA GLY E 198 14.83 23.41 -16.68
C GLY E 198 13.60 23.75 -15.86
N GLN E 199 13.60 24.99 -15.36
CA GLN E 199 12.53 25.49 -14.51
C GLN E 199 12.13 26.88 -14.96
N THR E 200 10.88 27.24 -14.69
CA THR E 200 10.37 28.56 -15.00
C THR E 200 9.37 28.98 -13.93
N VAL E 201 9.15 30.29 -13.82
CA VAL E 201 8.26 30.85 -12.81
C VAL E 201 7.33 31.85 -13.48
N GLY E 202 6.22 32.13 -12.79
CA GLY E 202 5.24 33.08 -13.29
C GLY E 202 4.29 33.49 -12.20
N THR E 203 3.61 34.62 -12.43
CA THR E 203 2.65 35.16 -11.49
C THR E 203 1.38 35.54 -12.23
N GLU E 204 0.25 35.45 -11.52
CA GLU E 204 -1.04 35.78 -12.10
C GLU E 204 -2.03 36.08 -10.97
N ASN E 205 -3.13 36.72 -11.35
CA ASN E 205 -4.21 37.04 -10.42
C ASN E 205 -5.46 36.25 -10.80
N ILE E 206 -6.20 35.82 -9.79
CA ILE E 206 -7.45 35.09 -9.98
C ILE E 206 -8.51 35.76 -9.11
N SER E 207 -9.70 35.98 -9.69
CA SER E 207 -10.82 36.59 -8.99
C SER E 207 -11.74 35.50 -8.46
N THR E 208 -12.07 35.58 -7.17
CA THR E 208 -12.94 34.60 -6.52
C THR E 208 -13.99 35.34 -5.69
N SER E 209 -14.92 34.56 -5.14
CA SER E 209 -15.97 35.15 -4.31
C SER E 209 -15.39 35.82 -3.07
N THR E 210 -14.26 35.34 -2.57
CA THR E 210 -13.62 35.90 -1.39
C THR E 210 -12.64 37.02 -1.71
N GLY E 211 -12.47 37.36 -2.98
CA GLY E 211 -11.56 38.40 -3.41
C GLY E 211 -10.51 37.89 -4.37
N GLU E 212 -9.65 38.81 -4.78
CA GLU E 212 -8.57 38.49 -5.71
C GLU E 212 -7.33 38.05 -4.93
N TYR E 213 -6.74 36.94 -5.35
CA TYR E 213 -5.55 36.38 -4.71
C TYR E 213 -4.47 36.17 -5.76
N THR E 214 -3.26 36.65 -5.46
CA THR E 214 -2.14 36.43 -6.36
C THR E 214 -1.69 34.97 -6.30
N ILE E 215 -1.30 34.43 -7.44
CA ILE E 215 -0.89 33.04 -7.57
C ILE E 215 0.56 33.01 -8.05
N MET E 216 1.40 32.25 -7.35
CA MET E 216 2.79 32.03 -7.73
C MET E 216 2.92 30.60 -8.24
N THR E 217 3.35 30.46 -9.49
CA THR E 217 3.44 29.16 -10.15
C THR E 217 4.87 28.92 -10.61
N ALA E 218 5.38 27.72 -10.31
CA ALA E 218 6.69 27.28 -10.76
C ALA E 218 6.52 26.04 -11.62
N HIS E 219 7.07 26.08 -12.83
CA HIS E 219 6.93 24.99 -13.79
C HIS E 219 8.26 24.29 -13.98
N PHE E 220 8.23 22.96 -13.96
CA PHE E 220 9.41 22.14 -14.18
C PHE E 220 9.28 21.42 -15.51
N HIS E 221 10.29 21.58 -16.37
CA HIS E 221 10.28 20.96 -17.70
C HIS E 221 10.83 19.54 -17.58
N LEU E 222 10.01 18.55 -17.93
CA LEU E 222 10.38 17.15 -17.85
C LEU E 222 10.44 16.55 -19.24
N LYS E 223 11.56 15.92 -19.56
CA LYS E 223 11.76 15.22 -20.83
C LYS E 223 11.94 13.74 -20.52
N ARG E 224 10.90 12.96 -20.78
CA ARG E 224 10.97 11.53 -20.50
C ARG E 224 12.09 10.89 -21.28
N LYS E 225 12.88 10.05 -20.60
CA LYS E 225 13.99 9.35 -21.23
C LYS E 225 13.51 7.97 -21.69
N ILE E 226 13.78 7.65 -22.94
CA ILE E 226 13.35 6.38 -23.51
C ILE E 226 14.46 5.35 -23.32
N GLY E 227 14.07 4.08 -23.36
CA GLY E 227 15.01 2.99 -23.16
C GLY E 227 14.41 1.89 -22.31
N TYR E 228 13.62 2.27 -21.30
CA TYR E 228 12.93 1.27 -20.50
C TYR E 228 11.80 0.62 -21.28
N PHE E 229 11.02 1.41 -22.01
CA PHE E 229 9.92 0.87 -22.79
C PHE E 229 10.43 0.10 -24.00
N VAL E 230 11.58 0.49 -24.55
CA VAL E 230 12.17 -0.23 -25.67
C VAL E 230 12.49 -1.66 -25.25
N ILE E 231 13.10 -1.83 -24.08
CA ILE E 231 13.42 -3.16 -23.59
C ILE E 231 12.20 -3.87 -23.04
N GLN E 232 11.11 -3.14 -22.75
CA GLN E 232 9.92 -3.70 -22.13
C GLN E 232 8.80 -3.97 -23.12
N THR E 233 8.54 -3.04 -24.05
CA THR E 233 7.41 -3.14 -24.96
C THR E 233 7.81 -3.26 -26.41
N TYR E 234 8.65 -2.35 -26.91
CA TYR E 234 8.93 -2.32 -28.34
C TYR E 234 9.69 -3.56 -28.80
N LEU E 235 10.77 -3.90 -28.11
CA LEU E 235 11.60 -5.02 -28.56
C LEU E 235 10.82 -6.33 -28.57
N PRO E 236 10.08 -6.71 -27.52
CA PRO E 236 9.26 -7.93 -27.62
C PRO E 236 8.30 -7.89 -28.79
N CYS E 237 7.70 -6.74 -29.07
CA CYS E 237 6.80 -6.63 -30.22
C CYS E 237 7.56 -6.78 -31.54
N ILE E 238 8.73 -6.14 -31.65
CA ILE E 238 9.49 -6.20 -32.89
C ILE E 238 9.93 -7.63 -33.18
N MET E 239 10.46 -8.32 -32.17
CA MET E 239 10.88 -9.70 -32.36
C MET E 239 9.69 -10.61 -32.67
N THR E 240 8.55 -10.34 -32.04
CA THR E 240 7.36 -11.14 -32.30
C THR E 240 6.95 -11.05 -33.77
N VAL E 241 6.98 -9.84 -34.33
CA VAL E 241 6.65 -9.67 -35.74
C VAL E 241 7.61 -10.45 -36.62
N ILE E 242 8.91 -10.38 -36.31
CA ILE E 242 9.89 -11.12 -37.07
C ILE E 242 9.62 -12.62 -36.97
N LEU E 243 9.19 -13.08 -35.80
CA LEU E 243 8.89 -14.49 -35.62
C LEU E 243 7.78 -14.94 -36.56
N SER E 244 6.74 -14.11 -36.71
CA SER E 244 5.63 -14.48 -37.58
C SER E 244 6.09 -14.62 -39.03
N GLN E 245 6.97 -13.72 -39.49
CA GLN E 245 7.42 -13.77 -40.87
C GLN E 245 8.20 -15.05 -41.18
N VAL E 246 8.67 -15.76 -40.16
CA VAL E 246 9.39 -17.01 -40.39
C VAL E 246 8.48 -18.03 -41.06
N SER E 247 7.17 -17.96 -40.78
CA SER E 247 6.24 -18.92 -41.37
C SER E 247 6.24 -18.84 -42.89
N PHE E 248 6.57 -17.66 -43.44
CA PHE E 248 6.59 -17.51 -44.90
C PHE E 248 7.66 -18.38 -45.55
N TRP E 249 8.66 -18.82 -44.79
CA TRP E 249 9.72 -19.66 -45.32
C TRP E 249 9.44 -21.16 -45.18
N LEU E 250 8.27 -21.53 -44.65
CA LEU E 250 7.90 -22.92 -44.49
C LEU E 250 7.00 -23.36 -45.64
N ASN E 251 7.00 -24.67 -45.89
CA ASN E 251 6.21 -25.23 -46.98
C ASN E 251 4.72 -25.09 -46.68
N ARG E 252 3.94 -24.94 -47.74
CA ARG E 252 2.50 -24.77 -47.57
C ARG E 252 1.86 -26.00 -46.95
N GLU E 253 2.28 -27.20 -47.37
CA GLU E 253 1.68 -28.42 -46.84
C GLU E 253 1.86 -28.55 -45.33
N SER E 254 2.85 -27.87 -44.76
CA SER E 254 3.07 -27.88 -43.31
C SER E 254 2.04 -26.96 -42.65
N VAL E 255 0.77 -27.40 -42.74
CA VAL E 255 -0.32 -26.58 -42.22
C VAL E 255 -0.19 -26.42 -40.72
N ALA E 256 0.09 -27.51 -40.01
CA ALA E 256 0.19 -27.44 -38.55
C ALA E 256 1.35 -26.55 -38.11
N ALA E 257 2.50 -26.68 -38.78
CA ALA E 257 3.67 -25.93 -38.37
C ALA E 257 3.44 -24.42 -38.49
N ARG E 258 2.88 -23.98 -39.61
CA ARG E 258 2.64 -22.56 -39.80
C ARG E 258 1.48 -22.06 -38.95
N THR E 259 0.56 -22.94 -38.56
CA THR E 259 -0.55 -22.52 -37.71
C THR E 259 -0.03 -22.04 -36.34
N VAL E 260 0.96 -22.74 -35.79
CA VAL E 260 1.47 -22.37 -34.47
C VAL E 260 2.03 -20.96 -34.49
N PHE E 261 2.80 -20.61 -35.53
CA PHE E 261 3.39 -19.28 -35.59
C PHE E 261 2.31 -18.20 -35.60
N GLY E 262 1.30 -18.36 -36.44
CA GLY E 262 0.26 -17.35 -36.53
C GLY E 262 -0.53 -17.21 -35.24
N VAL E 263 -0.95 -18.34 -34.66
CA VAL E 263 -1.76 -18.30 -33.45
C VAL E 263 -0.93 -17.79 -32.28
N THR E 264 0.27 -18.34 -32.09
CA THR E 264 1.09 -17.95 -30.95
C THR E 264 1.48 -16.47 -31.02
N THR E 265 1.87 -16.01 -32.21
CA THR E 265 2.30 -14.62 -32.34
C THR E 265 1.15 -13.65 -32.06
N VAL E 266 -0.04 -13.95 -32.57
CA VAL E 266 -1.18 -13.07 -32.36
C VAL E 266 -1.50 -12.96 -30.88
N LEU E 267 -1.53 -14.11 -30.18
CA LEU E 267 -1.81 -14.08 -28.75
C LEU E 267 -0.70 -13.37 -27.99
N THR E 268 0.55 -13.55 -28.42
CA THR E 268 1.67 -12.88 -27.75
C THR E 268 1.53 -11.37 -27.82
N MET E 269 1.13 -10.84 -28.98
CA MET E 269 0.92 -9.40 -29.09
C MET E 269 -0.24 -8.95 -28.21
N THR E 270 -1.30 -9.76 -28.12
CA THR E 270 -2.46 -9.37 -27.32
C THR E 270 -2.09 -9.19 -25.86
N THR E 271 -1.31 -10.13 -25.31
CA THR E 271 -0.92 -10.02 -23.91
C THR E 271 0.05 -8.87 -23.68
N LEU E 272 0.90 -8.57 -24.66
CA LEU E 272 1.83 -7.46 -24.52
C LEU E 272 1.08 -6.14 -24.38
N SER E 273 0.02 -5.96 -25.18
CA SER E 273 -0.76 -4.72 -25.08
C SER E 273 -1.37 -4.58 -23.69
N ILE E 274 -1.92 -5.67 -23.15
CA ILE E 274 -2.49 -5.61 -21.81
C ILE E 274 -1.40 -5.34 -20.78
N SER E 275 -0.27 -6.07 -20.89
CA SER E 275 0.81 -5.88 -19.93
C SER E 275 1.41 -4.49 -20.04
N ALA E 276 1.54 -3.96 -21.26
CA ALA E 276 2.16 -2.66 -21.45
C ALA E 276 1.38 -1.56 -20.73
N ARG E 277 0.06 -1.61 -20.80
CA ARG E 277 -0.78 -0.57 -20.19
C ARG E 277 -1.01 -0.76 -18.70
N ASN E 278 -0.52 -1.86 -18.12
CA ASN E 278 -0.67 -2.06 -16.68
C ASN E 278 0.01 -0.93 -15.90
N SER E 279 1.23 -0.58 -16.30
CA SER E 279 1.92 0.55 -15.68
C SER E 279 1.38 1.88 -16.16
N LEU E 280 0.95 1.95 -17.42
CA LEU E 280 0.44 3.19 -17.97
C LEU E 280 -0.86 3.59 -17.28
N PRO E 281 -1.11 4.89 -17.10
CA PRO E 281 -2.37 5.31 -16.51
C PRO E 281 -3.55 4.94 -17.38
N LYS E 282 -4.70 4.71 -16.73
CA LYS E 282 -5.91 4.30 -17.43
C LYS E 282 -6.54 5.52 -18.12
N VAL E 283 -5.88 5.96 -19.18
CA VAL E 283 -6.34 7.10 -19.97
C VAL E 283 -7.26 6.61 -21.07
N ALA E 284 -8.31 7.36 -21.34
CA ALA E 284 -9.32 6.98 -22.32
C ALA E 284 -9.00 7.54 -23.70
N TYR E 285 -7.78 7.31 -24.17
CA TYR E 285 -7.39 7.68 -25.52
C TYR E 285 -6.15 6.90 -25.91
N ALA E 286 -5.89 6.85 -27.22
CA ALA E 286 -4.79 6.07 -27.75
C ALA E 286 -3.50 6.89 -27.71
N THR E 287 -2.42 6.24 -27.30
CA THR E 287 -1.10 6.85 -27.25
C THR E 287 -0.28 6.43 -28.47
N ALA E 288 0.89 7.05 -28.61
CA ALA E 288 1.77 6.71 -29.73
C ALA E 288 2.21 5.26 -29.65
N MET E 289 2.52 4.78 -28.45
CA MET E 289 2.90 3.38 -28.29
C MET E 289 1.75 2.46 -28.67
N ASP E 290 0.52 2.85 -28.37
CA ASP E 290 -0.63 2.02 -28.70
C ASP E 290 -0.73 1.80 -30.21
N TRP E 291 -0.52 2.85 -30.99
CA TRP E 291 -0.55 2.72 -32.44
C TRP E 291 0.53 1.76 -32.92
N PHE E 292 1.73 1.87 -32.34
CA PHE E 292 2.82 0.97 -32.74
C PHE E 292 2.45 -0.49 -32.47
N ILE E 293 1.85 -0.75 -31.30
CA ILE E 293 1.42 -2.12 -30.99
C ILE E 293 0.34 -2.57 -31.96
N ALA E 294 -0.61 -1.67 -32.26
CA ALA E 294 -1.69 -2.03 -33.19
C ALA E 294 -1.14 -2.37 -34.56
N VAL E 295 -0.18 -1.57 -35.05
CA VAL E 295 0.43 -1.84 -36.35
C VAL E 295 1.14 -3.19 -36.32
N CYS E 296 1.90 -3.45 -35.26
CA CYS E 296 2.58 -4.74 -35.14
C CYS E 296 1.57 -5.88 -35.09
N TYR E 297 0.43 -5.65 -34.43
CA TYR E 297 -0.61 -6.67 -34.38
C TYR E 297 -1.14 -6.96 -35.78
N ALA E 298 -1.27 -5.93 -36.62
CA ALA E 298 -1.76 -6.13 -37.98
C ALA E 298 -0.80 -7.02 -38.78
N PHE E 299 0.51 -6.79 -38.65
CA PHE E 299 1.47 -7.58 -39.41
C PHE E 299 1.37 -9.06 -39.07
N VAL E 300 1.39 -9.39 -37.78
CA VAL E 300 1.28 -10.79 -37.37
C VAL E 300 -0.08 -11.35 -37.77
N PHE E 301 -1.14 -10.58 -37.55
CA PHE E 301 -2.48 -11.03 -37.97
C PHE E 301 -2.56 -11.17 -39.47
N SER E 302 -1.98 -10.21 -40.21
CA SER E 302 -2.00 -10.28 -41.66
C SER E 302 -1.27 -11.51 -42.17
N ALA E 303 -0.16 -11.86 -41.53
CA ALA E 303 0.59 -13.05 -41.95
C ALA E 303 -0.27 -14.30 -41.84
N LEU E 304 -1.03 -14.43 -40.75
CA LEU E 304 -1.91 -15.59 -40.61
C LEU E 304 -2.97 -15.59 -41.70
N LEU E 305 -3.53 -14.43 -42.04
CA LEU E 305 -4.51 -14.36 -43.11
C LEU E 305 -3.90 -14.80 -44.44
N GLU E 306 -2.65 -14.38 -44.71
CA GLU E 306 -2.00 -14.79 -45.94
C GLU E 306 -1.84 -16.30 -46.00
N PHE E 307 -1.45 -16.93 -44.89
CA PHE E 307 -1.33 -18.38 -44.88
C PHE E 307 -2.68 -19.05 -45.11
N ALA E 308 -3.74 -18.54 -44.47
CA ALA E 308 -5.05 -19.12 -44.68
C ALA E 308 -5.51 -18.96 -46.12
N PHE E 309 -5.29 -17.77 -46.70
CA PHE E 309 -5.67 -17.56 -48.10
C PHE E 309 -4.86 -18.46 -49.02
N VAL E 310 -3.56 -18.59 -48.77
CA VAL E 310 -2.72 -19.45 -49.61
C VAL E 310 -3.17 -20.90 -49.49
N ASN E 311 -3.43 -21.36 -48.26
CA ASN E 311 -3.87 -22.74 -48.07
C ASN E 311 -5.26 -22.99 -48.67
N TYR E 312 -6.06 -21.94 -48.85
CA TYR E 312 -7.41 -22.12 -49.40
C TYR E 312 -7.38 -22.37 -50.90
N ILE E 313 -6.41 -21.79 -51.61
CA ILE E 313 -6.32 -21.89 -53.07
C ILE E 313 -5.14 -22.76 -53.50
N THR E 314 -4.46 -23.41 -52.56
CA THR E 314 -3.32 -24.26 -52.91
C THR E 314 -3.73 -25.49 -53.72
N LYS E 315 -5.02 -25.82 -53.77
CA LYS E 315 -5.49 -26.97 -54.52
C LYS E 315 -5.98 -26.59 -55.92
N SER E 316 -6.69 -25.47 -56.05
CA SER E 316 -7.25 -25.08 -57.34
C SER E 316 -6.18 -24.50 -58.26
N GLN E 317 -5.45 -23.49 -57.79
CA GLN E 317 -4.42 -22.80 -58.57
C GLN E 317 -3.14 -22.74 -57.77
N PRO E 318 -2.39 -23.84 -57.69
CA PRO E 318 -1.14 -23.82 -56.93
C PRO E 318 -0.13 -22.81 -57.45
N ALA E 319 -0.17 -22.50 -58.75
CA ALA E 319 0.83 -21.60 -59.33
C ALA E 319 0.79 -20.24 -58.66
N ARG E 320 -0.40 -19.67 -58.48
CA ARG E 320 -0.51 -18.37 -57.83
C ARG E 320 -0.17 -18.46 -56.35
N ALA E 321 -0.48 -19.59 -55.72
CA ALA E 321 -0.19 -19.74 -54.29
C ALA E 321 1.30 -19.62 -54.02
N ALA E 322 2.13 -20.27 -54.84
CA ALA E 322 3.57 -20.20 -54.66
C ALA E 322 4.08 -18.78 -54.84
N LYS E 323 3.55 -18.06 -55.85
CA LYS E 323 4.00 -16.70 -56.10
C LYS E 323 3.68 -15.80 -54.91
N ILE E 324 2.49 -15.93 -54.34
CA ILE E 324 2.11 -15.09 -53.20
C ILE E 324 3.03 -15.37 -52.02
N ASP E 325 3.29 -16.65 -51.73
CA ASP E 325 4.17 -16.98 -50.61
C ASP E 325 5.57 -16.43 -50.82
N LYS E 326 6.11 -16.56 -52.03
CA LYS E 326 7.44 -16.04 -52.30
C LYS E 326 7.46 -14.52 -52.17
N MET E 327 6.44 -13.85 -52.70
CA MET E 327 6.39 -12.39 -52.62
C MET E 327 6.27 -11.92 -51.17
N SER E 328 5.48 -12.64 -50.36
CA SER E 328 5.29 -12.24 -48.97
C SER E 328 6.59 -12.21 -48.20
N ARG E 329 7.55 -13.07 -48.58
CA ARG E 329 8.83 -13.10 -47.88
C ARG E 329 9.59 -11.79 -48.02
N ILE E 330 9.32 -11.01 -49.05
CA ILE E 330 10.02 -9.76 -49.31
C ILE E 330 9.19 -8.55 -48.91
N VAL E 331 7.89 -8.56 -49.23
CA VAL E 331 7.06 -7.39 -48.98
C VAL E 331 6.95 -7.12 -47.47
N PHE E 332 6.67 -8.17 -46.70
CA PHE E 332 6.43 -7.97 -45.26
C PHE E 332 7.62 -7.37 -44.54
N PRO E 333 8.85 -7.90 -44.67
CA PRO E 333 9.98 -7.26 -43.98
C PRO E 333 10.18 -5.81 -44.38
N ILE E 334 9.97 -5.47 -45.64
CA ILE E 334 10.20 -4.10 -46.10
C ILE E 334 9.20 -3.15 -45.45
N LEU E 335 7.91 -3.53 -45.45
CA LEU E 335 6.89 -2.66 -44.88
C LEU E 335 7.12 -2.43 -43.40
N PHE E 336 7.46 -3.49 -42.66
CA PHE E 336 7.70 -3.33 -41.23
C PHE E 336 8.91 -2.43 -40.99
N GLY E 337 9.98 -2.61 -41.76
CA GLY E 337 11.14 -1.74 -41.61
C GLY E 337 10.83 -0.31 -41.99
N THR E 338 10.09 -0.12 -43.09
CA THR E 338 9.73 1.24 -43.51
C THR E 338 8.87 1.93 -42.47
N PHE E 339 7.93 1.19 -41.87
CA PHE E 339 7.06 1.79 -40.85
C PHE E 339 7.87 2.29 -39.66
N ASN E 340 8.88 1.53 -39.24
CA ASN E 340 9.67 1.94 -38.09
C ASN E 340 10.37 3.27 -38.35
N LEU E 341 10.95 3.44 -39.55
CA LEU E 341 11.65 4.68 -39.85
C LEU E 341 10.70 5.87 -39.76
N VAL E 342 9.50 5.74 -40.32
CA VAL E 342 8.53 6.83 -40.24
C VAL E 342 8.11 7.05 -38.79
N TYR E 343 7.84 5.97 -38.07
CA TYR E 343 7.38 6.10 -36.69
C TYR E 343 8.43 6.76 -35.81
N TRP E 344 9.66 6.24 -35.83
CA TRP E 344 10.71 6.81 -35.00
C TRP E 344 11.06 8.22 -35.43
N ALA E 345 11.16 8.45 -36.74
CA ALA E 345 11.50 9.78 -37.24
C ALA E 345 10.42 10.79 -36.90
N THR E 346 9.15 10.39 -36.99
CA THR E 346 8.06 11.32 -36.76
C THR E 346 8.10 11.87 -35.33
N TYR E 347 8.34 11.02 -34.34
CA TYR E 347 8.37 11.45 -32.96
C TYR E 347 9.74 11.92 -32.50
N LEU E 348 10.81 11.31 -33.01
CA LEU E 348 12.17 11.70 -32.64
C LEU E 348 12.65 12.85 -33.53
N ASN E 349 11.91 13.95 -33.48
CA ASN E 349 12.23 15.13 -34.26
C ASN E 349 11.30 16.29 -33.90
#